data_3M9C
#
_entry.id   3M9C
#
_cell.length_a   114.060
_cell.length_b   182.170
_cell.length_c   185.600
_cell.angle_alpha   90.00
_cell.angle_beta   90.00
_cell.angle_gamma   90.00
#
_symmetry.space_group_name_H-M   'P 21 21 21'
#
loop_
_entity.id
_entity.type
_entity.pdbx_description
1 polymer 'NADH-quinone oxidoreductase subunit NuoL'
2 polymer 'NADH-quinone oxidoreductase subunit NuoM'
3 polymer 'NADH-quinone oxidoreductase subunit NuoN'
4 polymer 'NADH-quinone oxidoreductase subunits NuoA,J and K'
#
loop_
_entity_poly.entity_id
_entity_poly.type
_entity_poly.pdbx_seq_one_letter_code
_entity_poly.pdbx_strand_id
1 'polypeptide(L)'
;(UNK)(UNK)(UNK)(UNK)(UNK)(UNK)(UNK)(UNK)(UNK)(UNK)(UNK)(UNK)(UNK)(UNK)(UNK)(UNK)
(UNK)(UNK)(UNK)(UNK)(UNK)(UNK)(UNK)(UNK)(UNK)(UNK)(UNK)(UNK)(UNK)(UNK)(UNK)(UNK)
(UNK)(UNK)(UNK)(UNK)(UNK)(UNK)(UNK)(UNK)(UNK)(UNK)(UNK)(UNK)(UNK)(UNK)(UNK)(UNK)
(UNK)(UNK)(UNK)(UNK)(UNK)(UNK)(UNK)(UNK)(UNK)(UNK)(UNK)(UNK)(UNK)(UNK)(UNK)(UNK)
(UNK)(UNK)(UNK)(UNK)(UNK)(UNK)(UNK)(UNK)(UNK)(UNK)(UNK)(UNK)(UNK)(UNK)(UNK)(UNK)
(UNK)(UNK)(UNK)(UNK)(UNK)(UNK)(UNK)(UNK)(UNK)(UNK)(UNK)(UNK)(UNK)(UNK)(UNK)(UNK)
(UNK)(UNK)(UNK)(UNK)(UNK)(UNK)(UNK)(UNK)(UNK)(UNK)(UNK)(UNK)(UNK)(UNK)(UNK)(UNK)
(UNK)(UNK)(UNK)(UNK)(UNK)(UNK)(UNK)(UNK)(UNK)(UNK)(UNK)(UNK)(UNK)(UNK)(UNK)(UNK)
(UNK)(UNK)(UNK)(UNK)(UNK)(UNK)(UNK)(UNK)(UNK)(UNK)(UNK)(UNK)(UNK)(UNK)(UNK)(UNK)
(UNK)(UNK)(UNK)(UNK)(UNK)(UNK)(UNK)(UNK)(UNK)(UNK)(UNK)(UNK)(UNK)(UNK)(UNK)(UNK)
(UNK)(UNK)(UNK)(UNK)(UNK)(UNK)(UNK)(UNK)(UNK)(UNK)(UNK)(UNK)(UNK)(UNK)(UNK)(UNK)
(UNK)(UNK)(UNK)(UNK)(UNK)(UNK)(UNK)(UNK)(UNK)(UNK)(UNK)(UNK)(UNK)(UNK)(UNK)(UNK)
(UNK)(UNK)(UNK)(UNK)(UNK)(UNK)(UNK)(UNK)(UNK)(UNK)(UNK)(UNK)(UNK)(UNK)(UNK)(UNK)
(UNK)(UNK)(UNK)(UNK)(UNK)(UNK)(UNK)(UNK)(UNK)(UNK)(UNK)(UNK)(UNK)(UNK)(UNK)(UNK)
(UNK)(UNK)(UNK)(UNK)(UNK)(UNK)(UNK)(UNK)(UNK)(UNK)(UNK)(UNK)(UNK)(UNK)(UNK)(UNK)
(UNK)(UNK)(UNK)(UNK)(UNK)(UNK)(UNK)(UNK)(UNK)(UNK)(UNK)(UNK)(UNK)(UNK)(UNK)(UNK)
(UNK)(UNK)(UNK)(UNK)(UNK)(UNK)(UNK)(UNK)(UNK)(UNK)(UNK)(UNK)(UNK)(UNK)(UNK)(UNK)
(UNK)(UNK)(UNK)(UNK)(UNK)(UNK)(UNK)(UNK)(UNK)(UNK)(UNK)(UNK)(UNK)(UNK)(UNK)(UNK)
(UNK)(UNK)(UNK)(UNK)(UNK)(UNK)(UNK)(UNK)(UNK)(UNK)(UNK)(UNK)(UNK)(UNK)(UNK)(UNK)
(UNK)(UNK)(UNK)(UNK)(UNK)(UNK)(UNK)(UNK)(UNK)(UNK)(UNK)(UNK)(UNK)(UNK)(UNK)(UNK)
(UNK)(UNK)(UNK)(UNK)(UNK)(UNK)(UNK)(UNK)(UNK)(UNK)(UNK)(UNK)(UNK)(UNK)(UNK)(UNK)
(UNK)(UNK)(UNK)(UNK)(UNK)(UNK)(UNK)(UNK)(UNK)(UNK)(UNK)(UNK)(UNK)(UNK)(UNK)(UNK)
(UNK)(UNK)(UNK)(UNK)(UNK)(UNK)(UNK)(UNK)(UNK)(UNK)(UNK)(UNK)(UNK)(UNK)(UNK)(UNK)
(UNK)(UNK)(UNK)(UNK)(UNK)(UNK)(UNK)(UNK)(UNK)(UNK)(UNK)(UNK)(UNK)(UNK)(UNK)(UNK)
(UNK)(UNK)(UNK)(UNK)(UNK)(UNK)(UNK)(UNK)(UNK)(UNK)(UNK)(UNK)(UNK)(UNK)(UNK)(UNK)
(UNK)(UNK)(UNK)(UNK)(UNK)(UNK)(UNK)(UNK)(UNK)(UNK)(UNK)(UNK)(UNK)(UNK)(UNK)(UNK)
(UNK)(UNK)(UNK)(UNK)(UNK)(UNK)(UNK)(UNK)(UNK)(UNK)(UNK)(UNK)(UNK)(UNK)(UNK)(UNK)
(UNK)(UNK)(UNK)(UNK)(UNK)(UNK)(UNK)(UNK)(UNK)(UNK)(UNK)(UNK)(UNK)(UNK)(UNK)(UNK)
(UNK)(UNK)(UNK)(UNK)(UNK)(UNK)(UNK)(UNK)(UNK)(UNK)(UNK)(UNK)(UNK)(UNK)(UNK)(UNK)
(UNK)(UNK)(UNK)(UNK)(UNK)(UNK)(UNK)(UNK)(UNK)(UNK)
;
L
2 'polypeptide(L)'
;(UNK)(UNK)(UNK)(UNK)(UNK)(UNK)(UNK)(UNK)(UNK)(UNK)(UNK)(UNK)(UNK)(UNK)(UNK)(UNK)
(UNK)(UNK)(UNK)(UNK)(UNK)(UNK)(UNK)(UNK)(UNK)(UNK)(UNK)(UNK)(UNK)(UNK)(UNK)(UNK)
(UNK)(UNK)(UNK)(UNK)(UNK)(UNK)(UNK)(UNK)(UNK)(UNK)(UNK)(UNK)(UNK)(UNK)(UNK)(UNK)
(UNK)(UNK)(UNK)(UNK)(UNK)(UNK)(UNK)(UNK)(UNK)(UNK)(UNK)(UNK)(UNK)(UNK)(UNK)(UNK)
(UNK)(UNK)(UNK)(UNK)(UNK)(UNK)(UNK)(UNK)(UNK)(UNK)(UNK)(UNK)(UNK)(UNK)(UNK)(UNK)
(UNK)(UNK)(UNK)(UNK)(UNK)(UNK)(UNK)(UNK)(UNK)(UNK)(UNK)(UNK)(UNK)(UNK)(UNK)(UNK)
(UNK)(UNK)(UNK)(UNK)(UNK)(UNK)(UNK)(UNK)(UNK)(UNK)(UNK)(UNK)(UNK)(UNK)(UNK)(UNK)
(UNK)(UNK)(UNK)(UNK)(UNK)(UNK)(UNK)(UNK)(UNK)(UNK)(UNK)(UNK)(UNK)(UNK)(UNK)(UNK)
(UNK)(UNK)(UNK)(UNK)(UNK)(UNK)(UNK)(UNK)(UNK)(UNK)(UNK)(UNK)(UNK)(UNK)(UNK)(UNK)
(UNK)(UNK)(UNK)(UNK)(UNK)(UNK)(UNK)(UNK)(UNK)(UNK)(UNK)(UNK)(UNK)(UNK)(UNK)(UNK)
(UNK)(UNK)(UNK)(UNK)(UNK)(UNK)(UNK)(UNK)(UNK)(UNK)(UNK)(UNK)(UNK)(UNK)(UNK)(UNK)
(UNK)(UNK)(UNK)(UNK)(UNK)(UNK)(UNK)(UNK)(UNK)(UNK)(UNK)(UNK)(UNK)(UNK)(UNK)(UNK)
(UNK)(UNK)(UNK)(UNK)(UNK)(UNK)(UNK)(UNK)(UNK)(UNK)(UNK)(UNK)(UNK)(UNK)(UNK)(UNK)
(UNK)(UNK)(UNK)(UNK)(UNK)(UNK)(UNK)(UNK)(UNK)(UNK)(UNK)(UNK)(UNK)(UNK)(UNK)(UNK)
(UNK)(UNK)(UNK)(UNK)(UNK)(UNK)(UNK)(UNK)(UNK)(UNK)(UNK)(UNK)(UNK)(UNK)(UNK)(UNK)
(UNK)(UNK)(UNK)(UNK)(UNK)(UNK)(UNK)(UNK)(UNK)(UNK)(UNK)(UNK)(UNK)(UNK)(UNK)(UNK)
(UNK)(UNK)(UNK)(UNK)(UNK)(UNK)(UNK)(UNK)(UNK)(UNK)(UNK)(UNK)(UNK)(UNK)(UNK)(UNK)
(UNK)(UNK)(UNK)(UNK)(UNK)(UNK)(UNK)(UNK)(UNK)(UNK)(UNK)(UNK)(UNK)(UNK)(UNK)(UNK)
(UNK)(UNK)(UNK)(UNK)(UNK)(UNK)(UNK)(UNK)(UNK)(UNK)(UNK)(UNK)(UNK)(UNK)(UNK)(UNK)
(UNK)(UNK)(UNK)(UNK)(UNK)(UNK)(UNK)(UNK)(UNK)(UNK)(UNK)(UNK)(UNK)(UNK)(UNK)(UNK)
(UNK)(UNK)(UNK)(UNK)(UNK)(UNK)(UNK)(UNK)(UNK)(UNK)(UNK)(UNK)(UNK)(UNK)(UNK)(UNK)
(UNK)(UNK)(UNK)(UNK)(UNK)(UNK)(UNK)(UNK)(UNK)(UNK)(UNK)(UNK)(UNK)(UNK)(UNK)(UNK)
(UNK)(UNK)(UNK)(UNK)(UNK)(UNK)(UNK)(UNK)(UNK)(UNK)(UNK)(UNK)(UNK)(UNK)(UNK)(UNK)
(UNK)(UNK)(UNK)(UNK)(UNK)(UNK)(UNK)(UNK)(UNK)(UNK)(UNK)(UNK)(UNK)(UNK)(UNK)(UNK)
(UNK)(UNK)(UNK)(UNK)(UNK)(UNK)(UNK)
;
M
3 'polypeptide(L)'
;(UNK)(UNK)(UNK)(UNK)(UNK)(UNK)(UNK)(UNK)(UNK)(UNK)(UNK)(UNK)(UNK)(UNK)(UNK)(UNK)
(UNK)(UNK)(UNK)(UNK)(UNK)(UNK)(UNK)(UNK)(UNK)(UNK)(UNK)(UNK)(UNK)(UNK)(UNK)(UNK)
(UNK)(UNK)(UNK)(UNK)(UNK)(UNK)(UNK)(UNK)(UNK)(UNK)(UNK)(UNK)(UNK)(UNK)(UNK)(UNK)
(UNK)(UNK)(UNK)(UNK)(UNK)(UNK)(UNK)(UNK)(UNK)(UNK)(UNK)(UNK)(UNK)(UNK)(UNK)(UNK)
(UNK)(UNK)(UNK)(UNK)(UNK)(UNK)(UNK)(UNK)(UNK)(UNK)(UNK)(UNK)(UNK)(UNK)(UNK)(UNK)
(UNK)(UNK)(UNK)(UNK)(UNK)(UNK)(UNK)(UNK)(UNK)(UNK)(UNK)(UNK)(UNK)(UNK)(UNK)(UNK)
(UNK)(UNK)(UNK)(UNK)(UNK)(UNK)(UNK)(UNK)(UNK)(UNK)(UNK)(UNK)(UNK)(UNK)(UNK)(UNK)
(UNK)(UNK)(UNK)(UNK)(UNK)(UNK)(UNK)(UNK)(UNK)(UNK)(UNK)(UNK)(UNK)(UNK)(UNK)(UNK)
(UNK)(UNK)(UNK)(UNK)(UNK)(UNK)(UNK)(UNK)(UNK)(UNK)(UNK)(UNK)(UNK)(UNK)(UNK)(UNK)
(UNK)(UNK)(UNK)(UNK)(UNK)(UNK)(UNK)(UNK)(UNK)(UNK)(UNK)(UNK)(UNK)(UNK)(UNK)(UNK)
(UNK)(UNK)(UNK)(UNK)(UNK)(UNK)(UNK)(UNK)(UNK)(UNK)(UNK)(UNK)(UNK)(UNK)(UNK)(UNK)
(UNK)(UNK)(UNK)(UNK)(UNK)(UNK)(UNK)(UNK)(UNK)(UNK)(UNK)(UNK)(UNK)(UNK)(UNK)(UNK)
(UNK)(UNK)(UNK)(UNK)(UNK)(UNK)(UNK)(UNK)(UNK)(UNK)(UNK)(UNK)(UNK)(UNK)(UNK)(UNK)
(UNK)(UNK)(UNK)(UNK)(UNK)(UNK)(UNK)(UNK)(UNK)(UNK)(UNK)(UNK)(UNK)(UNK)(UNK)(UNK)
(UNK)(UNK)(UNK)(UNK)(UNK)(UNK)(UNK)(UNK)(UNK)(UNK)(UNK)(UNK)(UNK)(UNK)(UNK)(UNK)
(UNK)(UNK)(UNK)(UNK)(UNK)(UNK)(UNK)(UNK)(UNK)(UNK)(UNK)(UNK)(UNK)(UNK)(UNK)(UNK)
(UNK)(UNK)(UNK)(UNK)(UNK)(UNK)(UNK)(UNK)(UNK)(UNK)(UNK)(UNK)(UNK)(UNK)(UNK)(UNK)
(UNK)(UNK)(UNK)(UNK)(UNK)(UNK)(UNK)(UNK)(UNK)(UNK)(UNK)(UNK)(UNK)(UNK)(UNK)(UNK)
(UNK)(UNK)(UNK)(UNK)(UNK)(UNK)(UNK)(UNK)(UNK)(UNK)(UNK)(UNK)(UNK)(UNK)(UNK)(UNK)
(UNK)(UNK)(UNK)(UNK)(UNK)(UNK)(UNK)(UNK)(UNK)(UNK)(UNK)(UNK)(UNK)(UNK)(UNK)(UNK)
(UNK)(UNK)(UNK)(UNK)(UNK)(UNK)(UNK)(UNK)(UNK)(UNK)(UNK)(UNK)(UNK)(UNK)(UNK)(UNK)
(UNK)(UNK)(UNK)(UNK)(UNK)(UNK)(UNK)(UNK)(UNK)(UNK)(UNK)(UNK)(UNK)(UNK)(UNK)(UNK)
(UNK)(UNK)(UNK)(UNK)(UNK)(UNK)(UNK)(UNK)(UNK)(UNK)(UNK)(UNK)(UNK)(UNK)(UNK)(UNK)
(UNK)(UNK)(UNK)(UNK)(UNK)(UNK)(UNK)(UNK)(UNK)(UNK)
;
N
4 'polypeptide(L)'
;(UNK)(UNK)(UNK)(UNK)(UNK)(UNK)(UNK)(UNK)(UNK)(UNK)(UNK)(UNK)(UNK)(UNK)(UNK)(UNK)
(UNK)(UNK)(UNK)(UNK)(UNK)(UNK)(UNK)(UNK)(UNK)(UNK)(UNK)(UNK)(UNK)(UNK)(UNK)(UNK)
(UNK)(UNK)(UNK)(UNK)(UNK)(UNK)(UNK)(UNK)(UNK)(UNK)(UNK)(UNK)(UNK)(UNK)(UNK)(UNK)
(UNK)(UNK)(UNK)(UNK)(UNK)(UNK)(UNK)(UNK)(UNK)(UNK)(UNK)(UNK)(UNK)(UNK)(UNK)(UNK)
(UNK)(UNK)(UNK)(UNK)(UNK)(UNK)(UNK)(UNK)(UNK)(UNK)(UNK)(UNK)(UNK)(UNK)(UNK)(UNK)
(UNK)(UNK)(UNK)(UNK)(UNK)(UNK)(UNK)(UNK)(UNK)(UNK)(UNK)(UNK)(UNK)(UNK)(UNK)(UNK)
(UNK)(UNK)(UNK)(UNK)(UNK)(UNK)(UNK)(UNK)(UNK)(UNK)(UNK)(UNK)(UNK)(UNK)(UNK)(UNK)
(UNK)(UNK)(UNK)(UNK)(UNK)(UNK)(UNK)(UNK)(UNK)(UNK)(UNK)(UNK)(UNK)(UNK)(UNK)(UNK)
(UNK)(UNK)(UNK)(UNK)(UNK)(UNK)(UNK)(UNK)(UNK)(UNK)(UNK)(UNK)(UNK)(UNK)(UNK)(UNK)
(UNK)(UNK)(UNK)(UNK)(UNK)(UNK)(UNK)(UNK)(UNK)(UNK)(UNK)(UNK)(UNK)(UNK)(UNK)(UNK)
(UNK)(UNK)(UNK)(UNK)(UNK)(UNK)(UNK)(UNK)(UNK)(UNK)(UNK)(UNK)(UNK)(UNK)(UNK)(UNK)
(UNK)(UNK)(UNK)(UNK)(UNK)(UNK)(UNK)(UNK)(UNK)(UNK)(UNK)(UNK)(UNK)(UNK)(UNK)(UNK)
(UNK)(UNK)(UNK)(UNK)(UNK)(UNK)(UNK)(UNK)(UNK)(UNK)(UNK)(UNK)(UNK)(UNK)(UNK)(UNK)
(UNK)(UNK)(UNK)(UNK)(UNK)(UNK)(UNK)(UNK)(UNK)(UNK)(UNK)(UNK)(UNK)(UNK)(UNK)(UNK)
(UNK)(UNK)(UNK)(UNK)(UNK)(UNK)(UNK)(UNK)(UNK)(UNK)(UNK)(UNK)(UNK)(UNK)(UNK)(UNK)
(UNK)(UNK)(UNK)(UNK)(UNK)(UNK)(UNK)(UNK)(UNK)(UNK)(UNK)(UNK)(UNK)(UNK)(UNK)(UNK)
(UNK)(UNK)(UNK)(UNK)(UNK)(UNK)(UNK)(UNK)(UNK)(UNK)(UNK)(UNK)(UNK)(UNK)(UNK)(UNK)
(UNK)(UNK)(UNK)(UNK)(UNK)(UNK)(UNK)(UNK)(UNK)
;
R
#
# COMPACT_ATOMS: atom_id res chain seq x y z
N UNK A 1 16.72 46.35 42.84
CA UNK A 1 16.85 47.04 41.55
C UNK A 1 16.29 48.46 41.62
N UNK A 2 16.24 49.00 42.83
CA UNK A 2 15.73 50.35 43.04
C UNK A 2 16.70 51.40 42.52
N UNK A 3 17.81 51.58 43.28
CA UNK A 3 18.84 52.52 42.80
C UNK A 3 19.21 52.18 41.35
N UNK A 4 19.42 50.89 41.13
CA UNK A 4 19.79 50.36 39.81
C UNK A 4 18.72 50.73 38.78
N UNK A 5 17.48 50.49 39.18
CA UNK A 5 16.31 50.77 38.36
C UNK A 5 16.28 52.26 37.96
N UNK A 6 16.51 53.08 38.96
CA UNK A 6 16.53 54.54 38.80
C UNK A 6 17.58 54.94 37.76
N UNK A 7 18.74 54.34 37.93
CA UNK A 7 19.89 54.58 37.05
C UNK A 7 19.53 54.24 35.60
N UNK A 8 18.91 53.08 35.47
CA UNK A 8 18.47 52.56 34.17
C UNK A 8 17.52 53.56 33.50
N UNK A 9 16.58 54.01 34.30
CA UNK A 9 15.56 54.99 33.87
C UNK A 9 16.23 56.26 33.34
N UNK A 10 17.19 56.72 34.12
CA UNK A 10 17.96 57.92 33.80
C UNK A 10 18.65 57.76 32.45
N UNK A 11 19.28 56.61 32.30
CA UNK A 11 20.00 56.24 31.07
C UNK A 11 19.06 56.30 29.86
N UNK A 12 17.89 55.70 30.06
CA UNK A 12 16.85 55.65 29.03
C UNK A 12 16.45 57.06 28.60
N UNK A 13 16.25 57.89 29.60
CA UNK A 13 15.87 59.30 29.42
C UNK A 13 16.92 60.02 28.57
N UNK A 14 18.16 59.79 28.95
CA UNK A 14 19.32 60.38 28.28
C UNK A 14 19.32 59.99 26.80
N UNK A 15 19.11 58.69 26.56
CA UNK A 15 19.08 58.13 25.21
C UNK A 15 17.99 58.81 24.39
N UNK A 16 16.83 58.97 25.03
CA UNK A 16 15.66 59.58 24.38
C UNK A 16 16.01 61.01 23.96
N UNK A 17 16.63 61.73 24.89
CA UNK A 17 17.11 63.11 24.66
C UNK A 17 18.00 63.12 23.40
N UNK A 18 18.94 62.14 23.28
CA UNK A 18 19.89 62.06 22.12
C UNK A 18 19.17 61.70 20.85
N UNK A 19 19.05 60.35 20.75
CA UNK A 19 18.31 59.84 19.67
C UNK A 19 17.94 61.12 18.97
N UNK A 20 17.17 61.96 19.65
CA UNK A 20 16.76 63.24 19.09
C UNK A 20 17.96 64.06 18.65
N UNK A 21 18.93 64.21 19.56
CA UNK A 21 20.14 64.97 19.27
C UNK A 21 20.83 64.45 18.02
N UNK A 22 21.04 63.14 17.95
CA UNK A 22 21.69 62.52 16.81
C UNK A 22 20.97 62.87 15.51
N UNK A 23 19.66 62.68 15.50
CA UNK A 23 18.86 62.98 14.32
C UNK A 23 19.06 64.42 13.85
N UNK A 24 18.97 65.36 14.78
CA UNK A 24 19.14 66.77 14.47
C UNK A 24 20.49 67.01 13.80
N UNK A 25 21.56 66.50 14.40
CA UNK A 25 22.90 66.66 13.87
C UNK A 25 22.98 66.17 12.43
N UNK A 26 22.49 64.95 12.19
CA UNK A 26 22.50 64.38 10.85
C UNK A 26 21.83 65.29 9.84
N UNK A 27 23.45 56.49 13.68
CA UNK A 27 23.16 55.06 13.58
C UNK A 27 23.74 54.30 14.76
N UNK A 28 24.90 53.68 14.55
CA UNK A 28 25.56 52.91 15.61
C UNK A 28 25.10 53.37 16.98
N UNK A 29 25.74 54.41 17.50
CA UNK A 29 25.39 54.95 18.81
C UNK A 29 23.91 55.11 19.15
N UNK A 30 23.10 55.68 18.23
CA UNK A 30 21.70 55.86 18.50
C UNK A 30 21.10 54.46 18.72
N UNK A 31 21.55 53.47 17.95
CA UNK A 31 21.01 52.13 18.05
C UNK A 31 21.22 51.44 19.38
N UNK A 32 22.43 51.72 19.90
CA UNK A 32 22.87 51.34 21.25
C UNK A 32 22.06 51.98 22.39
N UNK A 33 21.54 53.21 22.23
CA UNK A 33 20.64 53.86 23.18
C UNK A 33 19.29 53.14 23.27
N UNK A 34 18.66 52.91 22.12
CA UNK A 34 17.46 52.09 22.05
C UNK A 34 17.70 50.72 22.68
N UNK A 35 18.87 50.15 22.41
CA UNK A 35 19.23 48.84 22.95
C UNK A 35 19.25 48.87 24.47
N UNK A 36 19.73 49.97 25.04
CA UNK A 36 19.79 50.13 26.48
C UNK A 36 18.39 50.17 27.06
N UNK A 37 17.53 50.96 26.43
CA UNK A 37 16.14 51.09 26.86
C UNK A 37 15.49 49.72 26.91
N UNK A 38 15.93 48.83 26.04
CA UNK A 38 15.41 47.47 25.99
C UNK A 38 16.03 46.62 27.09
N UNK A 39 17.30 46.83 27.37
CA UNK A 39 17.97 46.14 28.48
C UNK A 39 17.35 46.44 29.83
N UNK A 40 17.06 47.71 30.00
CA UNK A 40 16.41 48.20 31.20
C UNK A 40 14.97 47.72 31.29
N UNK A 41 14.22 47.68 30.20
CA UNK A 41 12.84 47.21 30.27
C UNK A 41 12.71 45.69 30.44
N UNK A 42 13.74 44.94 30.03
CA UNK A 42 13.82 43.52 30.21
C UNK A 42 14.12 43.28 31.69
N UNK A 43 14.96 44.14 32.32
CA UNK A 43 15.19 44.12 33.75
C UNK A 43 13.97 44.68 34.49
N UNK A 44 13.39 45.85 34.15
CA UNK A 44 12.16 46.26 34.82
C UNK A 44 11.03 45.37 34.35
N UNK A 45 11.02 44.87 33.11
CA UNK A 45 9.99 43.93 32.65
C UNK A 45 10.12 42.60 33.36
N UNK A 46 11.41 42.31 33.73
CA UNK A 46 11.68 41.06 34.20
C UNK A 46 11.28 41.11 35.63
N UNK A 47 11.65 42.20 36.29
CA UNK A 47 11.33 42.38 37.70
C UNK A 47 9.83 42.25 37.94
N UNK A 48 9.04 42.98 37.14
CA UNK A 48 7.59 42.94 37.27
C UNK A 48 7.06 41.52 37.18
N UNK A 49 7.49 40.80 36.15
CA UNK A 49 7.06 39.42 35.95
C UNK A 49 7.33 38.57 37.18
N UNK A 50 8.56 38.65 37.67
CA UNK A 50 8.96 37.88 38.85
C UNK A 50 8.02 38.15 40.03
N UNK A 51 7.80 39.43 40.31
CA UNK A 51 6.93 39.83 41.41
C UNK A 51 5.55 39.20 41.27
N UNK A 52 4.95 39.32 40.09
CA UNK A 52 3.64 38.77 39.82
C UNK A 52 3.60 37.28 40.14
N UNK A 53 4.57 36.54 39.60
CA UNK A 53 4.64 35.10 39.83
C UNK A 53 4.65 34.77 41.32
N UNK A 54 5.53 35.44 42.05
CA UNK A 54 5.65 35.22 43.49
C UNK A 54 4.30 35.40 44.18
N UNK A 55 3.64 36.53 43.90
CA UNK A 55 2.34 36.82 44.49
C UNK A 55 1.35 35.70 44.25
N UNK A 56 12.99 45.82 11.62
CA UNK A 56 11.86 45.21 12.30
C UNK A 56 12.20 43.80 12.76
N UNK A 57 12.62 42.95 11.81
CA UNK A 57 12.99 41.57 12.13
C UNK A 57 13.92 41.51 13.33
N UNK A 58 15.03 42.23 13.26
CA UNK A 58 16.01 42.26 14.33
C UNK A 58 15.35 42.54 15.67
N UNK A 59 14.58 43.64 15.73
CA UNK A 59 13.89 44.02 16.95
C UNK A 59 13.06 42.87 17.51
N UNK A 60 12.23 42.27 16.66
CA UNK A 60 11.39 41.16 17.07
C UNK A 60 12.21 40.07 17.73
N UNK A 61 13.26 39.61 17.04
CA UNK A 61 14.12 38.56 17.56
C UNK A 61 14.67 38.93 18.94
N UNK A 62 15.03 40.20 19.11
CA UNK A 62 15.57 40.68 20.38
C UNK A 62 14.50 40.62 21.48
N UNK A 63 13.29 41.06 21.15
CA UNK A 63 12.20 41.07 22.10
C UNK A 63 11.84 39.65 22.54
N UNK A 64 11.91 38.71 21.61
CA UNK A 64 11.59 37.32 21.90
C UNK A 64 12.64 36.70 22.82
N UNK A 65 13.89 37.11 22.64
CA UNK A 65 15.00 36.60 23.45
C UNK A 65 14.98 37.21 24.85
N UNK A 66 14.37 38.38 24.97
CA UNK A 66 14.28 39.07 26.25
C UNK A 66 13.15 38.51 27.10
N UNK A 67 8.42 41.59 22.98
CA UNK A 67 7.41 41.92 23.99
C UNK A 67 6.40 40.79 24.15
N UNK A 68 5.58 40.60 23.12
CA UNK A 68 4.57 39.55 23.15
C UNK A 68 5.09 38.28 23.82
N UNK A 69 6.17 37.74 23.27
CA UNK A 69 6.78 36.52 23.81
C UNK A 69 6.97 36.63 25.31
N UNK A 70 7.60 37.71 25.76
CA UNK A 70 7.84 37.93 27.17
C UNK A 70 6.55 37.85 27.97
N UNK A 71 5.53 38.54 27.50
CA UNK A 71 4.23 38.54 28.17
C UNK A 71 3.66 37.14 28.30
N UNK A 72 3.77 36.36 27.23
CA UNK A 72 3.26 35.00 27.22
C UNK A 72 4.00 34.13 28.24
N UNK A 73 5.32 34.33 28.34
CA UNK A 73 6.14 33.57 29.28
C UNK A 73 5.78 33.91 30.73
N UNK A 74 5.46 35.18 30.97
CA UNK A 74 5.10 35.64 32.31
C UNK A 74 3.74 35.09 32.72
N UNK A 75 2.85 34.94 31.75
CA UNK A 75 1.51 34.43 32.02
C UNK A 75 1.53 32.93 32.27
N UNK A 76 2.49 32.25 31.67
CA UNK A 76 2.63 30.81 31.84
C UNK A 76 3.35 30.46 33.15
N UNK A 77 4.07 31.44 33.69
CA UNK A 77 4.80 31.26 34.93
C UNK A 77 3.92 31.53 36.15
N UNK A 78 12.65 39.18 4.28
CA UNK A 78 13.34 38.84 5.52
C UNK A 78 12.46 39.30 6.68
N UNK A 79 11.94 40.52 6.57
CA UNK A 79 10.98 41.01 7.54
C UNK A 79 9.65 40.24 7.68
N UNK A 80 8.99 39.91 6.57
CA UNK A 80 7.74 39.20 6.64
C UNK A 80 8.03 37.85 7.32
N UNK A 81 9.19 37.24 7.03
CA UNK A 81 9.52 35.94 7.59
C UNK A 81 9.68 35.91 9.10
N UNK A 82 10.28 37.03 9.57
CA UNK A 82 10.43 37.37 10.98
C UNK A 82 9.11 37.58 11.72
N UNK A 83 8.04 38.09 11.07
CA UNK A 83 6.70 38.21 11.64
C UNK A 83 6.06 36.85 11.88
N UNK A 84 6.05 35.97 10.89
CA UNK A 84 5.60 34.60 11.10
C UNK A 84 6.43 33.86 12.18
N UNK A 85 7.73 34.11 12.34
CA UNK A 85 8.58 33.56 13.41
C UNK A 85 8.24 34.07 14.81
N UNK A 86 7.66 35.24 14.92
CA UNK A 86 7.16 35.81 16.15
C UNK A 86 5.80 35.29 16.44
N UNK A 87 4.95 35.15 15.44
CA UNK A 87 3.63 34.62 15.70
C UNK A 87 3.77 33.23 16.26
N UNK A 88 4.81 32.46 16.00
CA UNK A 88 4.99 31.22 16.73
C UNK A 88 5.38 31.47 18.18
N UNK A 89 6.28 32.42 18.46
CA UNK A 89 6.66 32.74 19.84
C UNK A 89 5.49 33.10 20.73
N UNK A 90 4.63 33.92 20.15
CA UNK A 90 3.42 34.35 20.80
C UNK A 90 2.42 33.20 20.95
N UNK A 91 2.28 32.33 19.97
CA UNK A 91 1.35 31.22 20.11
C UNK A 91 1.84 30.10 21.05
N UNK A 92 3.15 30.01 21.24
CA UNK A 92 3.76 29.09 22.17
C UNK A 92 3.51 29.66 23.57
N UNK A 93 3.56 31.00 23.73
CA UNK A 93 3.18 31.66 24.97
C UNK A 93 1.68 31.53 25.19
N UNK A 94 0.78 31.54 24.18
CA UNK A 94 -0.63 31.36 24.45
C UNK A 94 -0.86 29.90 24.85
N UNK A 95 -0.12 29.00 24.24
CA UNK A 95 -0.08 27.61 24.67
C UNK A 95 0.30 27.51 26.14
N UNK A 96 1.35 28.23 26.52
CA UNK A 96 1.80 28.23 27.91
C UNK A 96 0.70 28.76 28.82
N UNK A 97 0.23 29.97 28.54
CA UNK A 97 -0.83 30.58 29.32
C UNK A 97 -1.99 29.61 29.49
N UNK A 98 -2.13 28.69 28.53
CA UNK A 98 -3.18 27.69 28.58
C UNK A 98 -3.42 27.27 30.02
N UNK A 99 -2.51 27.69 30.90
CA UNK A 99 -2.61 27.37 32.32
C UNK A 99 -3.92 27.92 32.88
N UNK A 100 -4.47 28.90 32.18
CA UNK A 100 -5.74 29.51 32.59
C UNK A 100 -6.89 28.54 32.35
N UNK A 101 -6.91 27.90 31.19
CA UNK A 101 -7.95 26.95 30.86
C UNK A 101 -7.84 25.68 31.70
N UNK A 102 -6.63 25.39 32.17
CA UNK A 102 -6.41 24.28 33.08
C UNK A 102 -6.93 24.49 34.48
N UNK A 103 -6.78 25.77 34.91
CA UNK A 103 -7.31 26.32 36.14
C UNK A 103 -8.84 26.35 36.21
N UNK A 104 -9.71 26.63 35.07
CA UNK A 104 -11.17 26.54 34.99
C UNK A 104 -11.67 25.11 35.25
N UNK A 105 -11.15 24.15 34.49
CA UNK A 105 -11.53 22.76 34.64
C UNK A 105 -11.33 22.28 36.07
N UNK A 106 19.22 55.41 1.32
CA UNK A 106 19.52 54.34 2.26
C UNK A 106 19.68 54.88 3.68
N UNK A 107 20.48 55.92 3.82
CA UNK A 107 20.73 56.53 5.12
C UNK A 107 19.42 56.95 5.78
N UNK A 108 18.58 57.66 5.03
CA UNK A 108 17.29 58.12 5.55
C UNK A 108 16.47 56.96 6.08
N UNK A 109 16.34 55.92 5.27
CA UNK A 109 15.57 54.74 5.66
C UNK A 109 16.07 54.16 6.98
N UNK A 110 17.38 53.97 7.08
CA UNK A 110 17.98 53.43 8.30
C UNK A 110 17.60 54.27 9.52
N UNK A 111 17.78 55.58 9.41
CA UNK A 111 17.46 56.49 10.49
C UNK A 111 16.01 56.32 10.95
N UNK A 112 15.09 56.33 10.00
CA UNK A 112 13.67 56.18 10.30
C UNK A 112 13.41 54.89 11.09
N UNK A 113 13.94 53.78 10.60
CA UNK A 113 13.78 52.49 11.26
C UNK A 113 14.24 52.55 12.71
N UNK A 114 15.44 53.07 12.92
CA UNK A 114 16.04 53.09 14.25
C UNK A 114 15.09 53.70 15.27
N UNK A 115 14.29 54.66 14.82
CA UNK A 115 13.34 55.34 15.70
C UNK A 115 12.41 54.33 16.39
N UNK A 116 11.94 53.36 15.62
CA UNK A 116 11.05 52.33 16.16
C UNK A 116 11.67 51.64 17.36
N UNK A 117 12.93 51.17 17.31
CA UNK A 117 13.64 50.48 18.38
C UNK A 117 13.66 51.33 19.65
N UNK A 118 14.05 52.61 19.39
CA UNK A 118 14.13 53.50 20.51
C UNK A 118 12.75 53.45 21.09
N UNK A 119 11.57 53.29 20.29
CA UNK A 119 10.25 53.12 20.84
C UNK A 119 10.17 51.77 21.51
N UNK A 120 10.89 50.73 21.09
CA UNK A 120 10.92 49.53 21.88
C UNK A 120 11.65 49.74 23.20
N UNK A 121 12.78 50.48 23.21
CA UNK A 121 13.42 50.81 24.31
C UNK A 121 12.55 51.52 25.33
N UNK A 122 11.84 52.45 24.93
CA UNK A 122 10.90 53.22 25.73
C UNK A 122 9.72 52.36 26.18
N UNK A 123 9.21 51.46 25.34
CA UNK A 123 8.09 50.63 25.76
C UNK A 123 8.48 49.51 26.74
N UNK A 124 9.75 49.12 26.73
CA UNK A 124 10.31 48.15 27.67
C UNK A 124 10.45 48.89 29.00
N UNK A 125 10.83 50.19 28.98
CA UNK A 125 10.83 51.02 30.17
C UNK A 125 9.40 51.28 30.64
N UNK A 126 8.37 51.42 29.80
CA UNK A 126 7.02 51.59 30.31
C UNK A 126 6.55 50.28 30.91
N UNK A 127 6.98 49.11 30.40
CA UNK A 127 6.66 47.79 31.15
C UNK A 127 7.32 47.63 32.49
N UNK A 128 8.47 48.33 32.50
CA UNK A 128 9.24 48.23 33.72
C UNK A 128 8.67 49.12 34.77
N UNK A 129 8.27 50.34 34.39
CA UNK A 129 7.59 51.28 35.27
C UNK A 129 6.33 50.64 35.89
N UNK A 130 5.60 49.91 35.07
CA UNK A 130 4.37 49.22 35.46
C UNK A 130 4.63 48.11 36.47
N UNK A 131 5.68 47.27 36.27
CA UNK A 131 5.88 46.22 37.23
C UNK A 131 6.24 46.81 38.62
N UNK A 132 7.01 74.21 9.25
CA UNK A 132 6.14 73.37 10.06
C UNK A 132 6.81 72.04 10.39
N UNK A 133 7.07 71.24 9.35
CA UNK A 133 7.71 69.94 9.54
C UNK A 133 8.93 70.05 10.44
N UNK A 134 9.78 71.03 10.17
CA UNK A 134 10.99 71.25 10.96
C UNK A 134 10.68 71.25 12.45
N UNK A 135 9.94 72.26 12.89
CA UNK A 135 9.57 72.39 14.30
C UNK A 135 8.93 71.09 14.81
N UNK A 136 7.97 70.56 14.06
CA UNK A 136 7.30 69.34 14.44
C UNK A 136 8.28 68.26 14.86
N UNK A 137 9.20 67.92 13.96
CA UNK A 137 10.20 66.90 14.23
C UNK A 137 11.08 67.28 15.42
N UNK A 138 11.64 68.50 15.36
CA UNK A 138 12.49 68.99 16.43
C UNK A 138 11.85 68.78 17.80
N UNK A 139 10.53 68.85 17.85
CA UNK A 139 9.79 68.65 19.09
C UNK A 139 9.81 67.19 19.52
N UNK A 140 9.11 66.35 18.76
CA UNK A 140 9.05 64.92 19.06
C UNK A 140 10.29 64.46 19.81
N UNK A 141 11.46 64.80 19.27
CA UNK A 141 12.72 64.42 19.90
C UNK A 141 12.78 64.88 21.34
N UNK A 142 12.48 66.15 21.58
CA UNK A 142 12.51 66.71 22.91
C UNK A 142 11.62 65.91 23.87
N UNK A 143 10.40 65.65 23.45
CA UNK A 143 9.45 64.90 24.26
C UNK A 143 10.02 63.55 24.66
N UNK A 144 10.53 62.82 23.68
CA UNK A 144 11.11 61.50 23.92
C UNK A 144 12.21 61.57 24.97
N UNK A 145 2.12 63.43 29.47
CA UNK A 145 3.09 62.35 29.65
C UNK A 145 4.25 62.79 30.52
N UNK A 146 5.28 63.34 29.89
CA UNK A 146 6.46 63.81 30.61
C UNK A 146 6.29 63.63 32.12
N UNK A 147 5.44 64.46 32.72
CA UNK A 147 5.19 64.40 34.15
C UNK A 147 4.73 63.01 34.57
N UNK A 148 3.75 62.47 33.85
CA UNK A 148 3.23 61.14 34.16
C UNK A 148 4.35 60.12 34.25
N UNK A 149 5.13 60.01 33.18
CA UNK A 149 6.24 59.06 33.14
C UNK A 149 7.12 59.19 34.38
N UNK A 150 7.47 60.43 34.73
CA UNK A 150 8.32 60.69 35.89
C UNK A 150 7.65 60.18 37.17
N UNK A 151 6.37 60.47 37.31
CA UNK A 151 5.62 60.04 38.50
C UNK A 151 5.66 58.53 38.66
N UNK A 152 5.46 57.82 37.54
CA UNK A 152 5.47 56.36 37.56
C UNK A 152 6.83 55.83 38.01
N UNK A 153 7.89 56.44 37.50
CA UNK A 153 9.25 56.03 37.84
C UNK A 153 9.53 56.22 39.33
N UNK A 154 9.06 57.34 39.87
CA UNK A 154 9.26 57.65 41.28
C UNK A 154 8.53 56.65 42.16
N UNK A 155 7.33 56.25 41.75
CA UNK A 155 6.53 55.29 42.50
C UNK A 155 7.20 53.93 42.53
N UNK A 156 7.80 53.54 41.41
CA UNK A 156 8.47 52.25 41.31
C UNK A 156 9.70 52.20 42.20
N UNK A 157 10.39 53.32 42.33
CA UNK A 157 11.58 53.41 43.16
C UNK A 157 11.23 53.36 44.64
N UNK A 158 10.08 53.94 44.99
CA UNK A 158 9.62 53.96 46.37
C UNK A 158 9.14 52.59 46.81
N UNK A 159 8.48 51.89 45.90
CA UNK A 159 7.95 50.55 46.19
C UNK A 159 9.06 49.51 46.15
N UNK A 160 10.14 49.82 45.45
CA UNK A 160 11.27 48.91 45.34
C UNK A 160 12.44 49.36 46.21
N UNK A 161 12.24 50.46 46.94
CA UNK A 161 13.27 50.99 47.82
C UNK A 161 12.68 51.43 49.16
N UNK A 162 0.80 51.79 39.64
CA UNK A 162 1.69 51.27 38.60
C UNK A 162 0.98 51.23 37.26
N UNK A 163 -0.20 50.63 37.24
CA UNK A 163 -0.98 50.51 36.01
C UNK A 163 -1.20 51.87 35.37
N UNK A 164 -1.66 52.82 36.17
CA UNK A 164 -1.92 54.18 35.68
C UNK A 164 -0.68 54.76 35.01
N UNK A 165 0.45 54.69 35.70
CA UNK A 165 1.70 55.21 35.18
C UNK A 165 2.02 54.62 33.82
N UNK A 166 1.96 53.29 33.72
CA UNK A 166 2.25 52.60 32.48
C UNK A 166 1.38 53.13 31.34
N UNK A 167 0.07 53.21 31.59
CA UNK A 167 -0.88 53.70 30.58
C UNK A 167 -0.51 55.09 30.04
N UNK A 168 0.34 55.80 30.78
CA UNK A 168 0.81 57.11 30.44
C UNK A 168 2.04 56.93 29.58
N UNK A 169 2.83 55.90 29.81
CA UNK A 169 3.93 55.62 28.93
C UNK A 169 3.37 55.13 27.59
N UNK A 170 2.27 54.40 27.56
CA UNK A 170 1.70 54.08 26.27
C UNK A 170 1.12 55.33 25.60
N UNK A 171 0.43 56.20 26.34
CA UNK A 171 -0.11 57.44 25.75
C UNK A 171 0.94 58.31 25.08
N UNK A 172 2.05 58.41 25.78
CA UNK A 172 3.20 59.15 25.28
C UNK A 172 3.85 58.44 24.09
N UNK A 173 3.95 57.13 24.09
CA UNK A 173 4.56 56.44 22.96
C UNK A 173 3.66 56.38 21.72
N UNK A 174 2.36 56.49 21.91
CA UNK A 174 1.38 56.56 20.84
C UNK A 174 1.50 57.97 20.24
N UNK A 175 1.80 58.97 21.15
CA UNK A 175 2.06 60.34 20.68
C UNK A 175 3.17 60.28 19.64
N UNK A 176 4.23 59.55 19.95
CA UNK A 176 5.44 59.55 19.13
C UNK A 176 5.20 58.86 17.79
N UNK A 177 4.23 57.95 17.77
CA UNK A 177 3.90 57.22 16.55
C UNK A 177 3.59 58.17 15.41
N UNK A 178 2.71 59.13 15.67
CA UNK A 178 2.32 60.11 14.66
C UNK A 178 3.53 60.82 14.07
N UNK A 179 4.39 61.34 14.96
CA UNK A 179 5.58 62.04 14.53
C UNK A 179 6.44 61.18 13.62
N UNK A 180 6.70 59.95 14.05
CA UNK A 180 7.51 59.03 13.26
C UNK A 180 6.93 58.84 11.86
N UNK A 181 5.64 58.57 11.79
CA UNK A 181 4.97 58.38 10.51
C UNK A 181 5.19 59.57 9.59
N UNK A 182 4.93 60.77 10.11
CA UNK A 182 5.10 61.99 9.34
C UNK A 182 6.50 62.10 8.76
N UNK A 183 7.50 61.90 9.61
CA UNK A 183 8.90 61.97 9.19
C UNK A 183 9.17 61.02 8.02
N UNK A 184 8.77 59.76 8.19
CA UNK A 184 8.97 58.76 7.15
C UNK A 184 8.36 59.21 5.83
N UNK A 185 7.11 59.64 5.88
CA UNK A 185 6.41 60.10 4.68
C UNK A 185 7.18 61.19 3.97
N UNK A 186 7.61 62.21 4.73
CA UNK A 186 8.35 63.32 4.17
C UNK A 186 9.60 62.83 3.45
N UNK A 187 10.38 61.97 4.12
CA UNK A 187 11.59 61.43 3.53
C UNK A 187 11.32 60.77 2.19
N UNK A 188 10.31 59.89 2.16
CA UNK A 188 9.95 59.18 0.96
C UNK A 188 9.66 60.14 -0.19
N UNK A 189 8.82 61.15 0.09
CA UNK A 189 8.45 62.14 -0.91
C UNK A 189 9.69 62.80 -1.50
N UNK A 190 10.57 63.27 -0.62
CA UNK A 190 11.80 63.93 -1.05
C UNK A 190 12.60 63.05 -2.01
N UNK A 191 6.67 54.16 7.25
CA UNK A 191 6.73 55.05 8.41
C UNK A 191 5.43 55.02 9.21
N UNK A 192 4.31 54.81 8.52
CA UNK A 192 3.01 54.75 9.17
C UNK A 192 2.85 53.45 9.95
N UNK A 193 3.50 52.40 9.48
CA UNK A 193 3.43 51.10 10.14
C UNK A 193 3.78 51.20 11.62
N UNK A 194 5.06 50.99 11.93
CA UNK A 194 5.53 51.06 13.31
C UNK A 194 4.40 51.47 14.25
N UNK A 195 3.98 52.73 14.15
CA UNK A 195 2.91 53.26 14.99
C UNK A 195 1.89 52.16 15.33
N UNK A 196 1.44 51.45 14.29
CA UNK A 196 0.47 50.38 14.48
C UNK A 196 1.07 49.21 15.24
N UNK A 197 2.20 48.71 14.78
CA UNK A 197 2.80 47.53 15.32
C UNK A 197 3.08 47.81 16.80
N UNK A 198 3.49 49.05 17.13
CA UNK A 198 3.82 49.39 18.50
C UNK A 198 2.68 49.30 19.49
N UNK A 199 1.52 49.73 18.96
CA UNK A 199 0.20 49.64 19.59
C UNK A 199 -0.28 48.19 19.84
N UNK A 200 0.09 47.22 19.00
CA UNK A 200 -0.18 45.79 19.21
C UNK A 200 0.59 45.23 20.40
N UNK A 201 1.90 45.45 20.44
CA UNK A 201 2.68 45.08 21.63
C UNK A 201 2.18 45.77 22.91
N UNK A 202 1.68 47.03 22.86
CA UNK A 202 1.07 47.74 23.99
C UNK A 202 -0.25 47.14 24.48
N UNK A 203 -0.97 46.46 23.62
CA UNK A 203 -2.18 45.74 23.93
C UNK A 203 -1.83 44.44 24.57
N UNK A 204 -0.76 43.79 24.17
CA UNK A 204 -0.34 42.61 24.86
C UNK A 204 0.22 43.00 26.22
N UNK A 205 0.86 44.14 26.40
CA UNK A 205 1.23 44.54 27.75
C UNK A 205 0.00 44.86 28.59
N UNK A 206 -1.03 45.63 28.13
CA UNK A 206 -2.25 45.93 28.90
C UNK A 206 -2.93 44.70 29.45
N UNK A 207 -3.17 43.72 28.58
CA UNK A 207 -3.82 42.48 28.99
C UNK A 207 -3.08 41.83 30.15
N UNK A 208 -1.77 41.68 30.00
CA UNK A 208 -0.95 41.06 31.03
C UNK A 208 -1.11 41.77 32.36
N UNK A 209 -0.99 43.09 32.35
CA UNK A 209 -1.14 43.89 33.56
C UNK A 209 -2.46 43.61 34.25
N UNK A 210 -3.55 43.66 33.48
CA UNK A 210 -4.88 43.42 34.02
C UNK A 210 -4.95 42.07 34.71
N UNK A 211 -4.49 41.02 34.03
CA UNK A 211 -4.51 39.68 34.58
C UNK A 211 -3.79 39.63 35.93
N UNK A 212 -2.58 40.18 35.97
CA UNK A 212 -1.79 40.20 37.20
C UNK A 212 -2.57 40.84 38.34
N UNK A 213 -3.12 42.01 38.09
CA UNK A 213 -3.90 42.74 39.10
C UNK A 213 -5.02 41.86 39.65
N UNK A 214 -12.94 36.01 27.06
CA UNK A 214 -11.68 36.74 27.10
C UNK A 214 -10.42 36.01 26.61
N UNK A 215 -10.20 34.76 27.05
CA UNK A 215 -9.02 34.04 26.62
C UNK A 215 -9.11 33.90 25.09
N UNK A 216 -10.31 33.69 24.55
CA UNK A 216 -10.48 33.50 23.13
C UNK A 216 -10.10 34.69 22.27
N UNK A 217 -10.46 35.87 22.84
CA UNK A 217 -10.10 37.19 22.34
C UNK A 217 -8.60 37.48 22.34
N UNK A 218 -7.80 36.93 23.29
CA UNK A 218 -6.35 37.02 23.31
C UNK A 218 -5.71 36.26 22.14
N UNK A 219 -6.08 34.99 21.97
CA UNK A 219 -5.64 34.26 20.78
C UNK A 219 -6.05 34.93 19.46
N UNK A 220 -7.22 35.60 19.37
CA UNK A 220 -7.66 36.38 18.20
C UNK A 220 -6.84 37.63 17.92
N UNK A 221 -6.22 38.18 18.94
CA UNK A 221 -5.31 39.31 18.84
C UNK A 221 -3.97 38.84 18.37
N UNK A 222 -3.54 37.67 18.76
CA UNK A 222 -2.32 37.13 18.22
C UNK A 222 -2.54 36.74 16.79
N UNK A 223 -3.71 36.32 16.35
CA UNK A 223 -3.93 36.13 14.93
C UNK A 223 -4.00 37.48 14.20
N UNK A 224 -4.66 38.50 14.77
CA UNK A 224 -4.72 39.82 14.13
C UNK A 224 -3.36 40.43 13.84
N UNK A 225 -2.50 40.27 14.83
CA UNK A 225 -1.13 40.72 14.75
C UNK A 225 -0.33 39.88 13.76
N UNK A 226 -0.52 38.57 13.71
CA UNK A 226 0.23 37.77 12.76
C UNK A 226 -0.25 37.91 11.30
N UNK A 227 -1.50 38.31 11.11
CA UNK A 227 -2.07 38.60 9.81
C UNK A 227 -1.46 39.93 9.37
N UNK A 228 -1.26 40.90 10.31
CA UNK A 228 -0.75 42.22 9.98
C UNK A 228 0.70 42.12 9.52
N UNK A 229 1.48 41.23 10.11
CA UNK A 229 2.82 40.95 9.64
C UNK A 229 2.83 40.54 8.17
N UNK A 230 1.93 39.63 7.83
CA UNK A 230 1.82 39.14 6.45
C UNK A 230 1.28 40.21 5.50
N UNK A 231 0.62 41.22 6.05
CA UNK A 231 0.08 42.31 5.25
C UNK A 231 1.13 43.36 4.95
N UNK A 232 2.15 43.43 5.82
CA UNK A 232 3.22 44.39 5.65
C UNK A 232 4.18 43.96 4.56
N UNK A 233 4.58 42.69 4.59
CA UNK A 233 5.50 42.14 3.59
C UNK A 233 4.98 42.38 2.18
N UNK A 234 3.70 42.09 1.96
CA UNK A 234 3.09 42.27 0.65
C UNK A 234 3.23 43.72 0.17
N UNK A 235 2.91 44.66 1.05
CA UNK A 235 3.01 46.08 0.71
C UNK A 235 4.43 46.45 0.27
N UNK A 236 -1.34 69.46 31.58
CA UNK A 236 -1.09 69.98 30.26
C UNK A 236 -0.40 69.04 29.33
N UNK A 237 0.09 67.93 29.87
CA UNK A 237 0.79 66.92 29.08
C UNK A 237 -0.06 66.46 27.90
N UNK A 238 -1.30 66.09 28.19
CA UNK A 238 -2.22 65.63 27.16
C UNK A 238 -2.35 66.64 26.04
N UNK A 239 -2.60 67.89 26.40
CA UNK A 239 -2.75 68.97 25.43
C UNK A 239 -1.53 69.06 24.52
N UNK A 240 -0.35 69.09 25.12
CA UNK A 240 0.90 69.17 24.37
C UNK A 240 1.00 68.05 23.34
N UNK A 241 0.77 66.82 23.80
CA UNK A 241 0.82 65.65 22.92
C UNK A 241 -0.09 65.82 21.71
N UNK A 242 -1.34 66.19 21.98
CA UNK A 242 -2.32 66.39 20.92
C UNK A 242 -1.81 67.38 19.88
N UNK A 243 -1.35 68.53 20.35
CA UNK A 243 -0.84 69.57 19.46
C UNK A 243 0.27 69.03 18.56
N UNK A 244 1.23 68.36 19.15
CA UNK A 244 2.35 67.79 18.41
C UNK A 244 1.85 66.87 17.29
N UNK A 245 0.96 65.95 17.64
CA UNK A 245 0.19 65.22 16.65
C UNK A 245 -0.67 66.15 15.81
N UNK A 246 -1.31 67.10 16.47
CA UNK A 246 -2.18 68.05 15.79
C UNK A 246 -1.47 68.70 14.62
N UNK A 247 -0.27 69.20 14.86
CA UNK A 247 0.52 69.85 13.82
C UNK A 247 0.71 68.93 12.62
N UNK A 248 1.14 67.71 12.88
CA UNK A 248 1.36 66.72 11.82
C UNK A 248 0.11 66.54 10.97
N UNK A 249 -1.02 66.32 11.63
CA UNK A 249 -2.28 66.13 10.93
C UNK A 249 -2.59 67.30 10.00
N UNK A 250 -2.48 68.51 10.53
CA UNK A 250 -2.74 69.71 9.75
C UNK A 250 -1.88 69.74 8.48
N UNK A 251 -0.56 69.53 8.74
CA UNK A 251 0.37 69.53 7.62
C UNK A 251 -0.07 68.56 6.54
N UNK A 252 -0.35 67.32 6.95
CA UNK A 252 -0.78 66.29 6.02
C UNK A 252 -1.99 66.75 5.21
N UNK A 253 -3.00 67.25 5.90
CA UNK A 253 -4.22 67.71 5.25
C UNK A 253 -3.91 68.75 4.19
N UNK A 254 -3.12 69.76 4.56
CA UNK A 254 -2.75 70.82 3.63
C UNK A 254 -2.11 70.25 2.37
N UNK A 255 -1.13 69.37 2.55
CA UNK A 255 -0.44 68.76 1.44
C UNK A 255 -1.42 68.07 0.49
N UNK A 256 -10.59 50.44 35.87
CA UNK A 256 -11.40 51.66 35.73
C UNK A 256 -10.58 52.88 36.15
N UNK A 257 -9.94 52.72 37.29
CA UNK A 257 -9.09 53.78 37.87
C UNK A 257 -7.99 54.17 36.88
N UNK A 258 -7.37 53.15 36.34
CA UNK A 258 -6.28 53.30 35.36
C UNK A 258 -6.76 54.11 34.15
N UNK A 259 -7.93 53.70 33.67
CA UNK A 259 -8.59 54.34 32.52
C UNK A 259 -8.81 55.83 32.80
N UNK A 260 -9.32 56.09 33.98
CA UNK A 260 -9.62 57.45 34.45
C UNK A 260 -8.33 58.29 34.44
N UNK A 261 -7.29 57.70 34.96
CA UNK A 261 -5.96 58.33 35.05
C UNK A 261 -5.48 58.71 33.65
N UNK A 262 -5.62 57.76 32.75
CA UNK A 262 -5.22 57.91 31.34
C UNK A 262 -5.96 59.10 30.72
N UNK A 263 -7.26 59.13 30.97
CA UNK A 263 -8.15 60.17 30.47
C UNK A 263 -7.67 61.55 30.95
N UNK A 264 -7.37 61.59 32.24
CA UNK A 264 -6.89 62.81 32.91
C UNK A 264 -5.61 63.31 32.23
N UNK A 265 -4.72 62.36 32.01
CA UNK A 265 -3.42 62.62 31.37
C UNK A 265 -3.64 63.25 29.99
N UNK A 266 -4.54 62.63 29.25
CA UNK A 266 -4.90 63.06 27.89
C UNK A 266 -5.39 64.51 27.93
N UNK A 267 -6.27 64.76 28.87
CA UNK A 267 -6.87 66.09 29.07
C UNK A 267 -5.78 67.13 29.32
N UNK A 268 -1.63 61.74 2.00
CA UNK A 268 -2.99 61.68 2.54
C UNK A 268 -3.27 60.33 3.19
N UNK A 269 -3.35 59.29 2.38
CA UNK A 269 -3.61 57.94 2.87
C UNK A 269 -3.03 57.75 4.27
N UNK A 270 -1.71 57.73 4.36
CA UNK A 270 -1.03 57.56 5.64
C UNK A 270 -1.62 58.48 6.71
N UNK A 271 -1.69 59.77 6.40
CA UNK A 271 -2.24 60.75 7.32
C UNK A 271 -3.63 60.35 7.79
N UNK A 272 -4.53 60.13 6.84
CA UNK A 272 -5.89 59.75 7.15
C UNK A 272 -5.93 58.60 8.15
N UNK A 273 -5.08 57.61 7.94
CA UNK A 273 -5.00 56.45 8.82
C UNK A 273 -4.68 56.88 10.25
N UNK A 274 -3.86 57.92 10.38
CA UNK A 274 -3.47 58.42 11.69
C UNK A 274 -4.68 58.62 12.59
N UNK A 275 -5.67 59.36 12.09
CA UNK A 275 -6.89 59.63 12.84
C UNK A 275 -7.50 58.33 13.37
N UNK A 276 -7.58 57.32 12.50
CA UNK A 276 -8.14 56.04 12.88
C UNK A 276 -7.24 55.31 13.88
N UNK A 277 -5.93 55.38 13.64
CA UNK A 277 -4.95 54.74 14.51
C UNK A 277 -5.01 55.33 15.92
N UNK A 278 -5.01 56.65 16.00
CA UNK A 278 -5.06 57.34 17.28
C UNK A 278 -6.32 56.97 18.06
N UNK A 279 -7.44 56.90 17.34
CA UNK A 279 -8.71 56.55 17.96
C UNK A 279 -8.70 55.16 18.49
N UNK A 280 -8.01 54.13 17.71
CA UNK A 280 -7.88 52.79 18.18
C UNK A 280 -7.10 52.73 19.49
N UNK A 281 -6.02 53.53 19.65
CA UNK A 281 -5.27 53.56 20.90
C UNK A 281 -6.14 54.05 22.05
N UNK A 282 -7.02 55.03 21.83
CA UNK A 282 -7.94 55.52 22.85
C UNK A 282 -8.94 54.50 23.21
N UNK A 283 -9.58 53.86 22.24
CA UNK A 283 -10.37 52.67 22.49
C UNK A 283 -9.65 51.73 23.47
N UNK A 284 -8.53 51.18 23.04
CA UNK A 284 -7.75 50.27 23.87
C UNK A 284 -7.88 50.66 25.35
N UNK A 285 -7.64 51.93 25.64
CA UNK A 285 -7.74 52.43 27.00
C UNK A 285 -9.19 52.45 27.46
N UNK A 286 -10.05 53.07 26.66
CA UNK A 286 -11.48 53.15 26.98
C UNK A 286 -12.05 51.75 27.22
N UNK A 287 -12.15 50.97 26.14
CA UNK A 287 -12.67 49.61 26.23
C UNK A 287 -12.02 48.88 27.40
N UNK A 288 -10.86 49.37 27.83
CA UNK A 288 -10.14 48.78 28.95
C UNK A 288 -10.68 49.31 30.28
N UNK A 289 -11.30 50.48 30.23
CA UNK A 289 -11.86 51.11 31.42
C UNK A 289 -13.20 50.47 31.78
N UNK A 290 -13.78 49.74 30.83
CA UNK A 290 -15.06 49.09 31.04
C UNK A 290 -14.87 47.60 31.35
N UNK A 291 -12.99 38.00 32.27
CA UNK A 291 -11.87 37.95 31.33
C UNK A 291 -12.38 37.79 29.90
N UNK A 292 -13.25 36.81 29.69
CA UNK A 292 -13.80 36.54 28.37
C UNK A 292 -14.44 37.79 27.78
N UNK A 293 -15.31 38.42 28.56
CA UNK A 293 -15.99 39.64 28.13
C UNK A 293 -15.00 40.68 27.61
N UNK A 294 -14.00 40.98 28.43
CA UNK A 294 -12.95 41.92 28.04
C UNK A 294 -12.08 41.34 26.95
N UNK A 295 -11.78 40.04 27.06
CA UNK A 295 -10.95 39.36 26.08
C UNK A 295 -11.50 39.55 24.67
N UNK A 296 -12.79 39.29 24.50
CA UNK A 296 -13.44 39.44 23.20
C UNK A 296 -13.22 40.83 22.63
N UNK A 297 -13.50 41.85 23.45
CA UNK A 297 -13.33 43.23 23.03
C UNK A 297 -11.93 43.50 22.52
N UNK A 298 -10.93 43.09 23.30
CA UNK A 298 -9.56 43.28 22.94
C UNK A 298 -9.36 42.63 21.56
N UNK A 299 -10.03 41.53 21.23
CA UNK A 299 -9.86 40.83 19.98
C UNK A 299 -10.34 41.59 18.75
N UNK A 300 -11.45 42.31 18.98
CA UNK A 300 -12.06 43.26 18.05
C UNK A 300 -11.19 44.47 17.73
N UNK A 301 -10.34 44.96 18.67
CA UNK A 301 -9.35 46.01 18.44
C UNK A 301 -8.24 45.56 17.47
N UNK A 302 -7.63 44.42 17.74
CA UNK A 302 -6.68 43.86 16.78
C UNK A 302 -7.30 43.59 15.40
N UNK A 303 -8.59 43.20 15.28
CA UNK A 303 -9.32 43.03 14.03
C UNK A 303 -9.56 44.33 13.25
N UNK A 304 -9.61 45.45 13.95
CA UNK A 304 -9.72 46.77 13.37
C UNK A 304 -8.39 47.21 12.86
N UNK A 305 -7.30 46.85 13.53
CA UNK A 305 -6.01 47.17 12.99
C UNK A 305 -5.75 46.28 11.79
N UNK A 306 -6.27 45.07 11.71
CA UNK A 306 -6.15 44.33 10.45
C UNK A 306 -7.04 44.94 9.35
N UNK A 307 -8.27 45.36 9.69
CA UNK A 307 -9.18 45.96 8.70
C UNK A 307 -8.57 47.19 8.04
N UNK A 308 -7.95 47.99 8.89
CA UNK A 308 -7.29 49.17 8.45
C UNK A 308 -6.04 48.91 7.52
N UNK A 309 -5.26 47.82 7.40
CA UNK A 309 -5.15 46.61 6.48
C UNK A 309 -5.64 46.66 5.10
N UNK A 310 -6.90 47.04 5.04
CA UNK A 310 -7.63 47.15 3.79
C UNK A 310 -6.93 48.14 2.86
N UNK A 311 -6.56 49.28 3.44
CA UNK A 311 -5.87 50.34 2.72
C UNK A 311 -4.57 49.82 2.13
N UNK A 312 -3.82 49.09 2.96
CA UNK A 312 -2.55 48.50 2.57
C UNK A 312 -2.74 47.58 1.38
N UNK A 313 -3.77 46.74 1.48
CA UNK A 313 -4.11 45.78 0.43
C UNK A 313 -4.38 46.50 -0.87
N UNK A 314 -5.17 47.57 -0.77
CA UNK A 314 -5.53 48.39 -1.91
C UNK A 314 -4.30 48.95 -2.60
N UNK A 315 -10.48 53.75 -7.86
CA UNK A 315 -9.52 53.77 -6.76
C UNK A 315 -9.81 54.93 -5.82
N UNK A 316 -10.18 56.07 -6.38
CA UNK A 316 -10.48 57.26 -5.58
C UNK A 316 -11.73 57.05 -4.73
N UNK A 317 -12.73 56.39 -5.29
CA UNK A 317 -13.97 56.12 -4.59
C UNK A 317 -13.75 55.18 -3.41
N UNK A 318 -12.91 54.17 -3.63
CA UNK A 318 -12.60 53.19 -2.58
C UNK A 318 -11.85 53.83 -1.42
N UNK A 319 -10.93 54.73 -1.74
CA UNK A 319 -10.14 55.41 -0.72
C UNK A 319 -11.02 56.32 0.15
N UNK A 320 -11.96 57.00 -0.50
CA UNK A 320 -12.87 57.89 0.21
C UNK A 320 -13.81 57.13 1.14
N UNK A 321 -14.25 55.95 0.68
CA UNK A 321 -15.16 55.13 1.47
C UNK A 321 -14.42 54.49 2.65
N UNK A 322 -13.11 54.69 2.71
CA UNK A 322 -12.30 54.13 3.79
C UNK A 322 -11.87 55.22 4.76
N UNK A 323 -12.15 56.47 4.42
CA UNK A 323 -11.79 57.60 5.26
C UNK A 323 -12.98 58.04 6.11
N UNK A 324 -14.11 57.37 5.95
CA UNK A 324 -15.32 57.69 6.69
C UNK A 324 -15.66 56.60 7.69
N UNK A 325 -15.11 55.40 7.47
CA UNK A 325 -15.35 54.27 8.35
C UNK A 325 -14.38 54.27 9.54
N UNK A 326 -13.78 55.43 9.81
CA UNK A 326 -12.83 55.56 10.91
C UNK A 326 -13.31 56.59 11.91
N UNK A 327 -14.02 57.60 11.44
CA UNK A 327 -14.54 58.66 12.31
C UNK A 327 -15.74 58.18 13.10
N UNK A 328 -16.64 57.47 12.44
CA UNK A 328 -17.88 57.02 13.07
C UNK A 328 -17.61 56.26 14.36
N UNK A 329 -16.70 55.29 14.28
CA UNK A 329 -16.35 54.48 15.43
C UNK A 329 -15.90 55.35 16.60
N UNK A 330 -14.98 56.27 16.32
CA UNK A 330 -14.47 57.18 17.35
C UNK A 330 -15.60 57.93 18.03
N UNK A 331 -16.48 58.53 17.23
CA UNK A 331 -17.61 59.28 17.77
C UNK A 331 -18.44 58.43 18.72
N UNK A 332 -18.80 57.23 18.27
CA UNK A 332 -19.60 56.31 19.08
C UNK A 332 -18.94 56.07 20.43
N UNK A 333 -17.71 55.57 20.42
CA UNK A 333 -16.97 55.35 21.65
C UNK A 333 -17.34 56.41 22.68
N UNK A 334 -18.62 56.57 23.03
CA UNK A 334 -18.94 57.65 23.97
C UNK A 334 -19.83 57.44 25.20
N UNK A 335 -21.13 57.21 24.98
CA UNK A 335 -22.06 57.09 26.11
C UNK A 335 -21.74 55.88 27.01
N UNK A 336 -21.25 54.74 26.50
CA UNK A 336 -20.81 53.57 27.27
C UNK A 336 -19.56 53.81 28.12
N UNK A 337 -18.72 54.75 27.73
CA UNK A 337 -17.56 55.18 28.47
C UNK A 337 -17.98 56.11 29.56
N UNK A 338 -18.98 56.93 29.35
CA UNK A 338 -19.47 57.74 30.44
C UNK A 338 -20.21 56.85 31.42
N UNK A 339 -20.84 55.76 31.04
CA UNK A 339 -21.36 54.86 32.03
C UNK A 339 -20.23 54.11 32.74
N UNK A 340 -19.29 53.56 32.00
CA UNK A 340 -18.03 53.06 32.52
C UNK A 340 -17.52 53.95 33.65
N UNK A 341 -17.19 55.19 33.31
CA UNK A 341 -16.69 56.14 34.30
C UNK A 341 -17.66 56.22 35.47
N UNK A 342 -18.91 56.57 35.19
CA UNK A 342 -19.93 56.65 36.21
C UNK A 342 -19.96 55.34 36.98
N UNK A 343 -19.22 54.35 36.47
CA UNK A 343 -19.15 53.03 37.08
C UNK A 343 -17.90 52.90 37.96
N UNK A 344 -9.06 42.84 -6.68
CA UNK A 344 -8.59 43.41 -5.44
C UNK A 344 -9.43 44.57 -4.96
N UNK A 345 -9.98 45.53 -5.73
CA UNK A 345 -10.82 46.60 -5.20
C UNK A 345 -11.95 45.93 -4.40
N UNK A 346 -12.55 44.91 -4.99
CA UNK A 346 -13.54 44.12 -4.29
C UNK A 346 -13.10 43.37 -3.02
N UNK A 347 -11.94 42.66 -3.07
CA UNK A 347 -11.48 41.95 -1.91
C UNK A 347 -11.25 42.98 -0.81
N UNK A 348 -10.75 44.16 -1.16
CA UNK A 348 -10.43 45.19 -0.18
C UNK A 348 -11.63 45.72 0.59
N UNK A 349 -12.72 45.85 -0.19
CA UNK A 349 -14.06 46.18 0.28
C UNK A 349 -14.68 45.15 1.22
N UNK A 350 -14.38 43.85 1.08
CA UNK A 350 -14.80 42.78 2.00
C UNK A 350 -14.13 42.93 3.37
N UNK A 351 -12.81 43.06 3.40
CA UNK A 351 -12.12 43.37 4.67
C UNK A 351 -12.61 44.67 5.31
N UNK A 352 -12.99 45.72 4.57
CA UNK A 352 -13.58 46.96 5.07
C UNK A 352 -14.97 46.80 5.68
N UNK A 353 -15.71 45.79 5.27
CA UNK A 353 -17.00 45.43 5.81
C UNK A 353 -16.80 44.68 7.07
N UNK A 354 -15.78 43.86 7.18
CA UNK A 354 -15.51 43.22 8.44
C UNK A 354 -14.99 44.24 9.42
N UNK A 355 -14.30 45.30 9.02
CA UNK A 355 -13.99 46.35 9.97
C UNK A 355 -15.24 47.15 10.34
N UNK A 356 -16.12 47.47 9.38
CA UNK A 356 -17.35 48.20 9.69
C UNK A 356 -18.22 47.52 10.72
N UNK A 357 -18.32 46.21 10.54
CA UNK A 357 -19.07 45.37 11.45
C UNK A 357 -18.37 45.27 12.81
N UNK A 358 -17.05 45.17 12.86
CA UNK A 358 -16.37 45.08 14.15
C UNK A 358 -16.33 46.41 14.91
N UNK A 359 -16.43 47.52 14.20
CA UNK A 359 -16.51 48.86 14.78
C UNK A 359 -17.91 48.98 15.37
N UNK A 360 -18.95 48.42 14.69
CA UNK A 360 -20.29 48.34 15.24
C UNK A 360 -20.33 47.37 16.42
N UNK A 361 10.39 64.69 48.54
CA UNK A 361 10.95 63.61 47.76
C UNK A 361 10.61 63.79 46.27
N UNK A 362 9.42 64.31 46.00
CA UNK A 362 8.99 64.53 44.62
C UNK A 362 9.77 65.66 43.96
N UNK A 363 10.01 66.73 44.72
CA UNK A 363 10.75 67.88 44.21
C UNK A 363 12.17 67.49 43.83
N UNK A 364 12.69 66.44 44.47
CA UNK A 364 14.04 65.97 44.19
C UNK A 364 14.10 65.21 42.86
N UNK A 365 13.32 64.13 42.77
CA UNK A 365 13.29 63.33 41.56
C UNK A 365 13.01 64.19 40.32
N UNK A 366 11.87 64.88 40.33
CA UNK A 366 11.50 65.74 39.22
C UNK A 366 12.67 66.60 38.77
N UNK A 367 13.17 67.43 39.67
CA UNK A 367 14.29 68.31 39.36
C UNK A 367 15.36 67.57 38.55
N UNK A 368 15.49 66.27 38.80
CA UNK A 368 16.47 65.45 38.09
C UNK A 368 16.26 65.54 36.58
N UNK A 369 15.00 65.47 36.16
CA UNK A 369 14.67 65.54 34.74
C UNK A 369 15.17 66.85 34.12
N UNK A 370 15.15 67.91 34.91
CA UNK A 370 15.60 69.22 34.44
C UNK A 370 17.10 69.21 34.14
N UNK A 371 17.86 68.53 34.99
CA UNK A 371 19.31 68.43 34.82
C UNK A 371 19.66 67.49 33.68
N UNK A 372 18.88 66.43 33.53
CA UNK A 372 19.05 65.51 32.41
C UNK A 372 18.60 66.14 31.11
N UNK A 373 17.32 66.80 31.07
CA UNK A 373 16.87 67.46 29.96
C UNK A 373 17.81 68.54 29.49
N UNK A 374 18.34 69.31 30.44
CA UNK A 374 19.28 70.36 30.08
C UNK A 374 20.53 69.79 29.43
N UNK A 375 20.98 68.71 30.00
CA UNK A 375 22.16 68.03 29.50
C UNK A 375 21.92 67.55 28.04
N UNK A 376 20.74 67.03 27.78
CA UNK A 376 20.39 66.54 26.45
C UNK A 376 20.59 67.62 25.39
N UNK A 377 20.05 68.80 25.66
CA UNK A 377 20.17 69.92 24.72
C UNK A 377 21.63 70.21 24.40
N UNK A 378 22.45 70.33 25.44
CA UNK A 378 23.87 70.61 25.27
C UNK A 378 24.53 69.57 24.36
N UNK A 379 24.30 68.30 24.65
CA UNK A 379 24.87 67.22 23.85
C UNK A 379 24.50 67.37 22.37
N UNK A 380 23.22 67.57 22.10
CA UNK A 380 22.74 67.74 20.74
C UNK A 380 23.49 68.85 20.02
N UNK A 381 24.26 69.92 20.70
CA UNK A 381 25.12 70.98 20.20
C UNK A 381 26.48 70.44 19.77
N UNK A 382 27.11 69.66 20.63
CA UNK A 382 28.39 69.06 20.35
C UNK A 382 28.51 68.62 18.91
N UNK A 383 27.99 69.43 18.00
CA UNK A 383 28.25 69.09 16.62
C UNK A 383 29.76 69.44 16.47
N UNK A 384 30.28 70.12 17.48
CA UNK A 384 31.69 70.51 17.49
C UNK A 384 32.60 69.30 17.66
N UNK A 385 32.90 68.97 18.91
CA UNK A 385 33.72 67.80 19.23
C UNK A 385 33.38 66.63 18.32
N UNK A 386 32.09 66.29 18.24
CA UNK A 386 31.64 65.19 17.41
C UNK A 386 32.81 64.63 16.60
N UNK A 387 33.66 65.53 16.11
CA UNK A 387 34.83 65.13 15.33
C UNK A 387 35.53 63.95 16.01
N UNK A 388 35.60 64.00 17.34
CA UNK A 388 36.24 62.93 18.10
C UNK A 388 35.42 61.66 18.00
N UNK A 389 34.13 61.81 17.70
CA UNK A 389 33.23 60.67 17.57
C UNK A 389 33.79 59.69 16.54
N UNK A 390 34.45 60.22 15.52
CA UNK A 390 35.04 59.40 14.47
C UNK A 390 36.29 58.69 14.98
N UNK A 391 36.73 59.07 16.17
CA UNK A 391 37.92 58.48 16.78
C UNK A 391 37.54 57.70 18.04
N UNK A 392 36.51 58.17 18.73
CA UNK A 392 36.06 57.52 19.95
C UNK A 392 34.92 56.54 19.67
N UNK A 393 35.27 55.32 19.31
CA UNK A 393 34.29 54.28 19.00
C UNK A 393 34.90 53.15 18.20
N UNK A 394 36.12 53.36 17.72
CA UNK A 394 36.83 52.36 16.94
C UNK A 394 36.35 50.95 17.28
N UNK A 395 36.25 50.67 18.58
CA UNK A 395 35.81 49.36 19.05
C UNK A 395 34.43 49.46 19.72
N UNK A 396 34.15 50.62 20.29
CA UNK A 396 32.87 50.85 20.96
C UNK A 396 31.71 50.82 19.98
N UNK A 397 31.93 51.40 18.80
CA UNK A 397 30.91 51.44 17.76
C UNK A 397 30.57 50.04 17.26
N UNK A 398 31.59 49.23 17.04
CA UNK A 398 31.42 47.87 16.56
C UNK A 398 30.61 47.05 17.56
N UNK A 399 30.95 47.17 18.83
CA UNK A 399 30.27 46.44 19.89
C UNK A 399 28.79 46.80 19.93
N UNK A 400 28.49 48.09 19.87
CA UNK A 400 27.10 48.56 19.90
C UNK A 400 26.31 47.99 18.73
N UNK A 401 26.89 48.03 17.54
CA UNK A 401 26.23 47.52 16.35
C UNK A 401 25.89 46.04 16.49
N UNK A 402 24.75 45.14 20.63
CA UNK A 402 23.60 44.47 21.16
C UNK A 402 22.94 43.71 19.99
N UNK A 403 22.95 44.31 18.78
CA UNK A 403 22.31 43.70 17.64
C UNK A 403 22.92 42.38 17.18
N UNK A 404 24.27 42.38 17.30
CA UNK A 404 25.13 41.21 17.09
C UNK A 404 24.90 40.08 18.09
N UNK A 405 24.52 40.36 19.35
CA UNK A 405 24.13 39.36 20.35
C UNK A 405 22.83 38.64 19.97
N UNK A 406 21.78 39.39 19.66
CA UNK A 406 20.56 38.77 19.13
C UNK A 406 20.81 37.97 17.84
N UNK A 407 21.73 38.37 16.94
CA UNK A 407 22.12 37.63 15.74
C UNK A 407 22.86 36.32 16.01
N UNK A 408 23.51 36.21 17.16
CA UNK A 408 24.17 35.01 17.62
C UNK A 408 23.15 34.09 18.21
N UNK A 409 22.13 34.60 18.86
CA UNK A 409 21.01 33.75 19.19
C UNK A 409 20.24 33.43 17.93
N UNK A 410 20.19 34.26 16.91
CA UNK A 410 19.61 33.83 15.67
C UNK A 410 20.50 32.82 14.95
N UNK A 411 21.83 32.86 15.17
CA UNK A 411 22.74 31.95 14.45
C UNK A 411 22.43 30.49 14.63
N UNK A 412 22.14 30.22 16.02
CA UNK A 412 21.74 28.89 16.39
C UNK A 412 20.38 28.53 15.82
N UNK A 413 19.43 29.45 15.93
CA UNK A 413 18.08 29.23 15.43
C UNK A 413 18.10 28.86 13.95
N UNK A 414 18.81 29.65 13.16
CA UNK A 414 18.92 29.40 11.73
C UNK A 414 19.42 27.99 11.44
N UNK A 415 20.51 27.62 12.10
CA UNK A 415 21.09 26.28 11.92
C UNK A 415 20.06 25.20 12.19
N UNK A 416 19.38 25.30 13.32
CA UNK A 416 18.37 24.32 13.70
C UNK A 416 17.32 24.17 12.60
N UNK A 417 16.78 25.30 12.15
CA UNK A 417 15.76 25.29 11.11
C UNK A 417 16.23 24.54 9.87
N UNK A 418 17.42 24.86 9.42
CA UNK A 418 17.97 24.21 8.27
C UNK A 418 18.03 22.70 8.43
N UNK A 419 18.60 22.24 9.54
CA UNK A 419 18.71 20.82 9.82
C UNK A 419 17.34 20.13 9.75
N UNK A 420 16.36 20.71 10.44
CA UNK A 420 15.01 20.16 10.46
C UNK A 420 14.47 19.99 9.05
N UNK A 421 14.57 21.04 8.25
CA UNK A 421 14.08 21.02 6.88
C UNK A 421 14.71 19.87 6.09
N UNK A 422 15.91 17.14 5.22
CA UNK A 422 17.26 16.83 4.74
C UNK A 422 17.23 15.90 3.54
N UNK A 423 16.15 15.12 3.44
CA UNK A 423 15.99 14.18 2.33
C UNK A 423 14.94 13.12 2.65
N UNK A 424 15.32 12.13 3.45
CA UNK A 424 14.41 11.06 3.84
C UNK A 424 13.13 11.63 4.45
N UNK A 425 12.72 11.07 5.58
CA UNK A 425 13.42 9.95 6.20
C UNK A 425 12.57 8.69 6.13
N UNK A 426 11.26 8.88 6.11
CA UNK A 426 10.33 7.76 6.03
C UNK A 426 10.50 7.02 4.71
N UNK A 427 11.19 7.65 3.78
CA UNK A 427 11.43 7.06 2.47
C UNK A 427 12.71 6.23 2.49
N UNK A 428 13.62 6.53 3.38
CA UNK A 428 14.73 5.67 3.77
C UNK A 428 14.23 4.44 4.52
N UNK A 429 13.39 4.66 5.52
CA UNK A 429 12.74 3.56 6.22
C UNK A 429 11.90 2.72 5.27
N UNK A 430 11.12 3.39 4.42
CA UNK A 430 10.37 2.71 3.36
C UNK A 430 11.31 2.19 2.29
N UNK A 431 12.19 3.06 1.80
CA UNK A 431 13.14 2.67 0.76
C UNK A 431 13.95 1.46 1.17
N UNK A 432 14.52 1.51 2.37
CA UNK A 432 15.33 0.40 2.89
C UNK A 432 14.56 -0.92 2.87
N UNK A 433 13.35 -0.93 3.44
CA UNK A 433 12.50 -2.11 3.32
C UNK A 433 12.21 -2.48 1.86
N UNK A 434 12.06 -1.54 0.91
CA UNK A 434 11.89 -1.78 -0.52
C UNK A 434 13.12 -2.40 -1.21
N UNK A 435 14.29 -2.18 -0.67
CA UNK A 435 15.54 -2.77 -1.13
C UNK A 435 15.64 -4.15 -0.61
N UNK A 436 15.16 -4.44 0.58
CA UNK A 436 15.01 -5.81 0.99
C UNK A 436 13.93 -6.45 0.15
N UNK A 437 12.88 -5.78 -0.28
CA UNK A 437 11.99 -6.38 -1.24
C UNK A 437 12.68 -6.65 -2.57
N UNK A 438 13.42 -5.67 -3.12
CA UNK A 438 14.23 -5.92 -4.33
C UNK A 438 15.26 -7.00 -4.15
N UNK A 439 15.70 -7.06 -2.93
CA UNK A 439 16.64 -8.08 -2.54
C UNK A 439 16.07 -9.49 -2.73
N UNK A 440 14.83 -9.68 -2.29
CA UNK A 440 14.17 -10.97 -2.41
C UNK A 440 14.17 -11.46 -3.85
N UNK A 441 13.75 -10.59 -4.76
CA UNK A 441 13.70 -10.94 -6.18
C UNK A 441 15.05 -11.42 -6.68
N UNK A 442 16.10 -10.72 -6.28
CA UNK A 442 17.46 -11.08 -6.69
C UNK A 442 17.78 -12.53 -6.33
N UNK A 443 17.51 -12.89 -5.08
CA UNK A 443 17.78 -14.26 -4.62
C UNK A 443 17.08 -15.29 -5.51
N UNK A 444 15.79 -15.07 -5.75
CA UNK A 444 15.01 -15.98 -6.58
C UNK A 444 15.66 -16.17 -7.95
N UNK A 445 15.98 -15.05 -8.59
CA UNK A 445 16.33 -15.07 -10.01
C UNK A 445 17.47 -16.05 -10.29
N UNK A 446 18.53 -15.95 -9.50
CA UNK A 446 19.67 -16.84 -9.67
C UNK A 446 19.26 -18.31 -9.61
N UNK A 447 18.52 -18.67 -8.56
CA UNK A 447 17.93 -19.99 -8.47
C UNK A 447 17.07 -20.30 -9.68
N UNK A 448 16.35 -19.29 -10.18
CA UNK A 448 15.47 -19.46 -11.32
C UNK A 448 16.21 -20.06 -12.51
N UNK A 449 17.35 -19.47 -12.85
CA UNK A 449 18.16 -19.94 -13.97
C UNK A 449 18.50 -21.42 -13.82
N UNK A 450 19.00 -21.79 -12.65
CA UNK A 450 19.37 -23.17 -12.38
C UNK A 450 18.20 -24.11 -12.63
N UNK A 451 17.04 -23.78 -12.06
CA UNK A 451 15.85 -24.60 -12.22
C UNK A 451 15.52 -24.81 -13.70
N UNK A 452 15.50 -23.72 -14.45
CA UNK A 452 15.20 -23.79 -15.88
C UNK A 452 16.13 -24.77 -16.60
N UNK A 453 19.12 -27.56 -19.12
CA UNK A 453 17.94 -27.37 -18.29
C UNK A 453 17.51 -28.67 -17.62
N UNK A 454 17.41 -29.73 -18.43
CA UNK A 454 17.00 -31.04 -17.92
C UNK A 454 17.91 -31.49 -16.78
N UNK A 455 19.22 -31.41 -17.01
CA UNK A 455 20.20 -31.81 -16.01
C UNK A 455 19.97 -31.07 -14.70
N UNK A 456 19.87 -29.75 -14.79
CA UNK A 456 19.65 -28.92 -13.60
C UNK A 456 18.43 -29.38 -12.82
N UNK A 457 17.32 -29.56 -13.51
CA UNK A 457 16.08 -30.00 -12.89
C UNK A 457 16.28 -31.30 -12.12
N UNK A 458 16.89 -32.28 -12.78
CA UNK A 458 17.15 -33.58 -12.16
C UNK A 458 17.93 -33.41 -10.86
N UNK A 459 19.03 -32.67 -10.93
CA UNK A 459 19.86 -32.44 -9.76
C UNK A 459 19.05 -31.88 -8.59
N UNK A 460 18.27 -30.84 -8.87
CA UNK A 460 17.45 -30.21 -7.86
C UNK A 460 16.50 -31.14 -7.13
N UNK A 461 15.99 -31.99 -8.12
CA UNK A 461 15.18 -33.14 -7.69
C UNK A 461 15.90 -34.14 -6.79
N UNK A 462 17.22 -34.33 -6.94
CA UNK A 462 18.05 -35.16 -6.06
C UNK A 462 18.16 -34.55 -4.66
N UNK A 463 18.54 -33.27 -4.58
CA UNK A 463 18.52 -32.57 -3.28
C UNK A 463 17.13 -32.57 -2.63
N UNK A 464 16.01 -32.49 -3.38
CA UNK A 464 14.64 -32.60 -2.88
C UNK A 464 14.26 -33.96 -2.32
N UNK A 465 15.00 -34.99 -2.70
CA UNK A 465 15.01 -36.28 -2.03
C UNK A 465 15.86 -36.19 -0.81
N UNK A 466 16.94 -35.43 -0.82
CA UNK A 466 17.69 -35.25 0.39
C UNK A 466 16.90 -34.38 1.33
N UNK A 467 16.06 -33.45 0.90
CA UNK A 467 15.20 -32.78 1.83
C UNK A 467 14.09 -33.71 2.34
N UNK A 468 13.49 -34.54 1.48
CA UNK A 468 12.46 -35.49 1.93
C UNK A 468 12.92 -36.42 3.02
N UNK A 469 14.13 -36.91 2.83
CA UNK A 469 14.78 -37.77 3.78
C UNK A 469 15.14 -37.02 5.08
N UNK A 470 15.62 -35.78 4.98
CA UNK A 470 15.95 -35.04 6.20
C UNK A 470 14.73 -34.55 6.99
N UNK A 471 13.60 -34.41 6.32
CA UNK A 471 12.33 -34.06 6.93
C UNK A 471 11.84 -35.30 7.66
N UNK A 472 12.06 -36.50 7.08
CA UNK A 472 11.79 -37.77 7.75
C UNK A 472 12.77 -37.97 8.90
N UNK A 473 14.06 -37.55 8.85
CA UNK A 473 14.92 -37.73 10.00
C UNK A 473 14.48 -36.75 11.09
N UNK A 474 13.96 -35.57 10.76
CA UNK A 474 13.42 -34.64 11.77
C UNK A 474 12.18 -35.20 12.42
N UNK B 1 7.07 34.24 -6.97
CA UNK B 1 6.83 34.99 -5.75
C UNK B 1 5.71 34.35 -4.92
N UNK B 2 4.59 34.07 -5.57
CA UNK B 2 3.45 33.47 -4.90
C UNK B 2 3.85 32.17 -4.19
N UNK B 3 4.53 31.29 -4.92
CA UNK B 3 4.98 30.02 -4.37
C UNK B 3 5.81 30.22 -3.12
N UNK B 4 6.80 31.11 -3.20
CA UNK B 4 7.66 31.40 -2.06
C UNK B 4 6.85 31.81 -0.84
N UNK B 5 5.94 32.77 -1.04
CA UNK B 5 5.11 33.26 0.05
C UNK B 5 4.36 32.11 0.72
N UNK B 6 3.70 31.29 -0.08
CA UNK B 6 2.95 30.15 0.43
C UNK B 6 3.82 29.26 1.31
N UNK B 7 4.98 28.89 0.79
CA UNK B 7 5.91 28.03 1.53
C UNK B 7 6.29 28.56 2.92
N UNK B 8 6.35 29.84 3.14
CA UNK B 8 6.57 30.47 4.45
C UNK B 8 5.38 30.23 5.39
N UNK B 9 4.18 30.53 4.95
CA UNK B 9 2.99 30.18 5.74
C UNK B 9 2.88 28.69 6.02
N UNK B 10 3.30 27.77 5.13
CA UNK B 10 3.36 26.31 5.34
C UNK B 10 4.60 25.84 6.09
N UNK B 11 5.69 26.57 6.01
CA UNK B 11 6.83 26.47 6.90
C UNK B 11 6.61 27.31 8.10
N UNK B 12 5.96 28.45 7.97
CA UNK B 12 5.63 29.21 9.14
C UNK B 12 4.53 28.51 9.90
N UNK B 13 3.62 27.77 9.29
CA UNK B 13 2.72 26.96 10.07
C UNK B 13 3.44 25.78 10.71
N UNK B 14 4.35 25.10 10.00
CA UNK B 14 5.11 23.98 10.59
C UNK B 14 5.86 24.35 11.85
N UNK B 15 6.48 25.52 11.77
CA UNK B 15 7.21 26.08 12.88
C UNK B 15 6.28 26.51 14.01
N UNK B 16 5.13 27.09 13.71
CA UNK B 16 4.21 27.49 14.77
C UNK B 16 3.47 26.32 15.45
N UNK B 17 3.35 25.20 14.73
CA UNK B 17 2.78 23.98 15.26
C UNK B 17 3.83 23.37 16.19
N UNK B 18 5.11 23.82 16.08
CA UNK B 18 6.16 23.37 16.97
C UNK B 18 5.82 23.72 18.41
N UNK B 19 5.33 24.92 18.78
CA UNK B 19 4.97 25.17 20.17
C UNK B 19 3.71 24.37 20.49
N UNK B 20 2.79 24.14 19.54
CA UNK B 20 1.62 23.29 19.78
C UNK B 20 2.02 21.84 19.98
N UNK B 21 3.15 21.48 19.33
CA UNK B 21 3.62 20.11 19.40
C UNK B 21 4.33 19.88 20.69
N UNK B 22 5.15 20.84 21.14
CA UNK B 22 5.82 20.78 22.43
C UNK B 22 4.80 20.58 23.57
N UNK B 23 3.68 21.29 23.47
CA UNK B 23 2.60 21.26 24.43
C UNK B 23 1.91 19.89 24.48
N UNK B 24 1.63 19.25 23.31
CA UNK B 24 0.97 17.98 23.39
C UNK B 24 1.89 16.93 24.07
N UNK B 25 3.17 16.80 23.49
CA UNK B 25 4.23 15.89 23.96
C UNK B 25 4.68 16.13 25.40
N UNK B 26 3.82 16.99 25.90
CA UNK B 26 3.69 17.43 27.30
C UNK B 26 2.19 17.76 27.44
N UNK B 27 9.93 23.84 0.54
CA UNK B 27 9.23 22.59 0.73
C UNK B 27 10.08 21.53 1.39
N UNK B 28 11.38 21.30 1.17
CA UNK B 28 12.15 20.28 1.89
C UNK B 28 11.97 20.54 3.39
N UNK B 29 12.10 21.81 3.78
CA UNK B 29 11.82 22.20 5.14
C UNK B 29 10.39 21.99 5.67
N UNK B 30 9.36 22.38 4.89
CA UNK B 30 8.01 22.22 5.35
C UNK B 30 7.78 20.71 5.53
N UNK B 31 8.36 19.88 4.65
CA UNK B 31 8.16 18.44 4.72
C UNK B 31 8.69 17.78 5.97
N UNK B 32 9.87 18.31 6.37
CA UNK B 32 10.56 18.00 7.62
C UNK B 32 9.78 18.38 8.89
N UNK B 33 8.96 19.46 8.88
CA UNK B 33 8.07 19.84 9.97
C UNK B 33 6.94 18.81 10.17
N UNK B 34 6.23 18.47 9.10
CA UNK B 34 5.25 17.39 9.19
C UNK B 34 5.87 16.05 9.63
N UNK B 35 7.13 15.72 9.27
CA UNK B 35 7.86 14.54 9.73
C UNK B 35 8.21 14.54 11.21
N UNK B 36 8.34 15.70 11.81
CA UNK B 36 8.57 15.90 13.22
C UNK B 36 7.28 15.74 13.96
N UNK B 37 6.17 16.15 13.40
CA UNK B 37 4.90 15.89 14.04
C UNK B 37 4.59 14.42 13.92
N UNK B 38 5.00 13.69 12.91
CA UNK B 38 4.85 12.26 12.95
C UNK B 38 5.80 11.62 13.95
N UNK B 39 7.05 12.06 14.04
CA UNK B 39 8.00 11.51 15.02
C UNK B 39 7.52 11.61 16.44
N UNK B 40 6.96 12.76 16.74
CA UNK B 40 6.38 13.03 18.03
C UNK B 40 5.12 12.21 18.27
N UNK B 41 4.26 12.05 17.27
CA UNK B 41 3.05 11.26 17.47
C UNK B 41 3.30 9.74 17.54
N UNK B 42 4.42 9.29 16.99
CA UNK B 42 4.85 7.91 17.07
C UNK B 42 5.30 7.68 18.51
N UNK B 43 5.86 8.71 19.17
CA UNK B 43 6.17 8.66 20.60
C UNK B 43 4.89 8.68 21.42
N UNK B 44 3.75 9.40 21.04
CA UNK B 44 2.48 9.20 21.73
C UNK B 44 1.93 7.84 21.36
N UNK B 45 2.13 7.45 20.10
CA UNK B 45 1.64 6.16 19.62
C UNK B 45 2.17 5.02 20.48
N UNK B 46 3.48 5.01 20.71
CA UNK B 46 4.10 3.98 21.53
C UNK B 46 3.45 3.87 22.89
N UNK B 47 3.29 5.01 23.56
CA UNK B 47 2.69 5.05 24.88
C UNK B 47 1.17 4.93 24.79
N UNK B 48 0.57 5.73 23.93
CA UNK B 48 -0.88 5.71 23.74
C UNK B 48 -1.37 4.31 23.40
N UNK B 49 -0.73 3.70 22.41
CA UNK B 49 -1.10 2.36 21.98
C UNK B 49 -1.08 1.37 23.14
N UNK B 50 0.01 1.38 23.89
CA UNK B 50 0.15 0.49 25.04
C UNK B 50 -1.01 0.66 26.01
N UNK B 51 -1.29 1.90 26.38
CA UNK B 51 -2.37 2.19 27.31
C UNK B 51 -3.69 1.60 26.82
N UNK B 52 -4.02 1.87 25.55
CA UNK B 52 -5.26 1.36 24.97
C UNK B 52 -5.35 -0.15 25.11
N UNK B 53 -4.29 -0.84 24.71
CA UNK B 53 -4.25 -2.30 24.79
C UNK B 53 -4.54 -2.78 26.21
N UNK B 54 -3.85 -2.21 27.18
CA UNK B 54 -4.04 -2.58 28.58
C UNK B 54 -5.51 -2.45 28.99
N UNK B 55 1.07 13.00 -6.81
CA UNK B 55 0.26 12.94 -5.60
C UNK B 55 0.49 11.63 -4.85
N UNK B 56 0.39 10.52 -5.58
CA UNK B 56 0.59 9.20 -4.99
C UNK B 56 1.94 9.11 -4.29
N UNK B 57 2.99 9.51 -4.98
CA UNK B 57 4.34 9.47 -4.42
C UNK B 57 4.41 10.24 -3.11
N UNK B 58 3.90 11.46 -3.11
CA UNK B 58 3.91 12.29 -1.92
C UNK B 58 3.24 11.59 -0.74
N UNK B 59 2.04 11.07 -0.99
CA UNK B 59 1.29 10.36 0.05
C UNK B 59 2.12 9.23 0.66
N UNK B 60 2.69 8.40 -0.21
CA UNK B 60 3.50 7.28 0.24
C UNK B 60 4.63 7.74 1.16
N UNK B 61 5.36 8.75 0.71
CA UNK B 61 6.47 9.29 1.49
C UNK B 61 6.02 9.71 2.88
N UNK B 62 4.93 10.49 2.94
CA UNK B 62 4.39 10.96 4.21
C UNK B 62 3.64 9.82 4.91
N UNK B 63 2.85 9.12 4.08
CA UNK B 63 2.08 7.95 4.53
C UNK B 63 3.04 6.79 4.85
N UNK B 64 3.95 6.59 3.91
CA UNK B 64 4.97 5.53 4.02
C UNK B 64 5.79 5.71 5.30
N UNK B 65 6.21 6.95 5.50
CA UNK B 65 7.01 7.35 6.66
C UNK B 65 6.27 7.02 7.95
N UNK B 66 5.00 7.39 7.95
CA UNK B 66 4.10 7.17 9.09
C UNK B 66 4.03 5.67 9.42
N UNK B 67 3.85 4.91 8.37
CA UNK B 67 3.76 3.44 8.45
C UNK B 67 5.01 2.86 9.10
N UNK B 68 -0.48 3.68 7.80
CA UNK B 68 -0.63 4.05 9.21
C UNK B 68 -1.87 3.36 9.80
N UNK B 69 -2.95 3.46 9.05
CA UNK B 69 -4.24 2.87 9.42
C UNK B 69 -4.10 1.36 9.63
N UNK B 70 -3.43 0.75 8.68
CA UNK B 70 -3.17 -0.69 8.68
C UNK B 70 -2.42 -1.09 9.95
N UNK B 71 -1.39 -0.31 10.23
CA UNK B 71 -0.52 -0.51 11.40
C UNK B 71 -1.36 -0.47 12.68
N UNK B 72 -2.21 0.55 12.74
CA UNK B 72 -3.11 0.78 13.87
C UNK B 72 -4.00 -0.44 14.08
N UNK B 73 -4.56 -0.91 12.99
CA UNK B 73 -5.45 -2.08 12.97
C UNK B 73 -4.73 -3.30 13.54
N UNK B 74 -3.51 -3.49 13.06
CA UNK B 74 -2.65 -4.59 13.47
C UNK B 74 -2.43 -4.54 14.99
N UNK B 75 -2.15 -3.27 15.39
CA UNK B 75 -1.89 -3.00 16.81
C UNK B 75 -3.11 -3.40 17.64
N UNK B 76 -4.29 -2.98 17.18
CA UNK B 76 -5.54 -3.29 17.88
C UNK B 76 -5.69 -4.79 18.08
N UNK B 77 -5.51 -5.56 17.00
CA UNK B 77 -5.63 -7.01 17.07
C UNK B 77 -4.71 -7.59 18.13
N UNK B 78 -3.44 -7.20 18.09
CA UNK B 78 -2.47 -7.68 19.06
C UNK B 78 -2.93 -7.43 20.49
N UNK B 79 -3.34 -6.20 20.77
CA UNK B 79 -3.81 -5.83 22.10
C UNK B 79 -4.93 -6.75 22.56
N UNK B 80 -5.93 -6.92 21.70
CA UNK B 80 -7.08 -7.77 22.03
C UNK B 80 -6.62 -9.17 22.40
N UNK B 81 -5.78 -9.77 21.58
CA UNK B 81 -5.27 -11.11 21.82
C UNK B 81 -4.62 -11.20 23.20
N UNK B 82 -3.71 -10.28 23.49
CA UNK B 82 -3.01 -10.26 24.77
C UNK B 82 -4.00 -10.23 25.93
N UNK B 83 -4.97 -9.31 25.86
CA UNK B 83 -5.97 -9.18 26.91
C UNK B 83 -6.69 -10.50 27.15
N UNK B 84 -7.16 -11.12 26.07
CA UNK B 84 -7.87 -12.38 26.17
C UNK B 84 -7.04 -13.43 26.90
N UNK B 85 -5.79 -13.59 26.47
CA UNK B 85 -4.89 -14.55 27.08
C UNK B 85 -4.78 -14.33 28.59
N UNK B 86 -16.06 -19.17 18.37
CA UNK B 86 -16.42 -17.76 18.24
C UNK B 86 -15.29 -16.85 18.70
N UNK B 87 -14.76 -17.13 19.89
CA UNK B 87 -13.67 -16.35 20.45
C UNK B 87 -12.48 -16.28 19.48
N UNK B 88 -12.06 -17.44 18.99
CA UNK B 88 -10.95 -17.52 18.06
C UNK B 88 -11.17 -16.63 16.85
N UNK B 89 -12.34 -16.76 16.24
CA UNK B 89 -12.69 -15.97 15.06
C UNK B 89 -12.12 -14.55 15.17
N UNK B 90 -12.37 -13.90 16.31
CA UNK B 90 -12.18 -12.47 16.42
C UNK B 90 -10.93 -12.01 15.70
N UNK B 91 -9.81 -12.68 15.98
CA UNK B 91 -8.54 -12.36 15.35
C UNK B 91 -8.65 -12.37 13.84
N UNK B 92 -9.20 -13.45 13.30
CA UNK B 92 -9.38 -13.59 11.86
C UNK B 92 -9.80 -12.26 11.22
N UNK B 93 -10.83 -11.65 11.79
CA UNK B 93 -11.13 -10.26 11.51
C UNK B 93 -9.93 -9.33 11.49
N UNK B 94 -9.23 -9.48 12.56
CA UNK B 94 -7.91 -8.86 12.74
C UNK B 94 -6.86 -9.33 11.74
N UNK B 95 -6.89 -10.59 11.27
CA UNK B 95 -6.10 -11.10 10.14
C UNK B 95 -6.58 -10.51 8.81
N UNK B 96 -7.87 -10.59 8.52
CA UNK B 96 -8.40 -10.01 7.29
C UNK B 96 -8.13 -8.50 7.19
N UNK B 97 -8.13 -7.71 8.28
CA UNK B 97 -7.77 -6.29 8.32
C UNK B 97 -6.31 -5.99 8.01
N UNK B 98 -5.43 -6.95 8.27
CA UNK B 98 -4.02 -6.88 7.94
C UNK B 98 -3.83 -7.18 6.50
N UNK B 99 -4.61 -8.08 5.93
CA UNK B 99 -4.52 -8.29 4.50
C UNK B 99 -5.10 -7.10 3.78
N UNK B 100 -6.07 -6.37 4.31
CA UNK B 100 -6.46 -5.13 3.67
C UNK B 100 -5.39 -4.06 3.85
N UNK B 101 -4.77 -3.94 5.04
CA UNK B 101 -3.71 -2.94 5.25
C UNK B 101 -2.56 -3.08 4.28
N UNK B 102 -2.08 -4.39 3.79
CA UNK B 102 -1.03 -4.75 2.86
C UNK B 102 -1.45 -4.49 1.41
N UNK B 103 -2.66 -4.92 1.07
CA UNK B 103 -3.19 -4.74 -0.28
C UNK B 103 -3.14 -3.28 -0.70
N UNK B 104 -3.66 -2.41 0.15
CA UNK B 104 -3.68 -0.99 -0.13
C UNK B 104 -2.27 -0.46 -0.45
N UNK B 105 -1.32 -0.79 0.41
CA UNK B 105 0.06 -0.36 0.23
C UNK B 105 0.59 -0.78 -1.14
N UNK B 106 0.41 -2.05 -1.48
CA UNK B 106 0.86 -2.59 -2.75
C UNK B 106 0.30 -1.78 -3.91
N UNK B 107 -1.01 -1.58 -3.90
CA UNK B 107 -1.68 -0.82 -4.96
C UNK B 107 -1.06 0.56 -5.12
N UNK B 108 -0.89 1.28 -4.01
CA UNK B 108 -0.31 2.61 -4.05
C UNK B 108 1.06 2.60 -4.72
N UNK B 109 1.92 1.68 -4.28
CA UNK B 109 3.26 1.55 -4.84
C UNK B 109 3.22 1.38 -6.35
N UNK B 110 2.40 0.44 -6.81
CA UNK B 110 2.26 0.17 -8.23
C UNK B 110 1.89 1.42 -9.00
N UNK B 111 0.87 2.13 -8.53
CA UNK B 111 0.41 3.36 -9.16
C UNK B 111 1.56 4.36 -9.31
N UNK B 112 2.27 4.60 -8.21
CA UNK B 112 3.39 5.53 -8.22
C UNK B 112 4.40 5.16 -9.30
N UNK B 113 7.37 20.47 -13.63
CA UNK B 113 7.98 19.66 -12.58
C UNK B 113 7.95 20.40 -11.24
N UNK B 114 8.43 21.63 -11.25
CA UNK B 114 8.47 22.45 -10.04
C UNK B 114 7.09 22.54 -9.39
N UNK B 115 6.09 22.88 -10.19
CA UNK B 115 4.73 23.01 -9.69
C UNK B 115 4.27 21.72 -9.00
N UNK B 116 4.46 20.59 -9.67
CA UNK B 116 4.08 19.30 -9.12
C UNK B 116 4.71 19.08 -7.76
N UNK B 117 6.02 19.28 -7.67
CA UNK B 117 6.76 19.10 -6.42
C UNK B 117 6.14 19.93 -5.30
N UNK B 118 5.92 21.21 -5.57
CA UNK B 118 5.35 22.11 -4.59
C UNK B 118 4.02 21.58 -4.06
N UNK B 119 3.13 21.20 -4.99
CA UNK B 119 1.83 20.68 -4.62
C UNK B 119 1.96 19.49 -3.67
N UNK B 120 2.80 18.53 -4.05
CA UNK B 120 3.01 17.34 -3.23
C UNK B 120 3.43 17.61 -1.80
N UNK B 121 4.29 18.65 -1.63
CA UNK B 121 4.74 19.25 -0.37
C UNK B 121 3.63 19.89 0.47
N UNK B 122 2.55 20.43 -0.14
CA UNK B 122 1.37 20.93 0.55
C UNK B 122 0.58 19.80 1.22
N UNK B 123 0.25 18.76 0.48
CA UNK B 123 -0.36 17.57 1.09
C UNK B 123 0.51 16.95 2.19
N UNK B 124 1.85 16.97 2.10
CA UNK B 124 2.79 16.51 3.15
C UNK B 124 2.77 17.36 4.42
N UNK B 125 2.41 18.63 4.30
CA UNK B 125 2.14 19.51 5.42
C UNK B 125 0.72 19.32 5.86
N UNK B 126 -0.20 19.08 4.96
CA UNK B 126 -1.53 18.71 5.38
C UNK B 126 -1.54 17.27 5.83
N UNK B 127 -0.71 16.37 5.32
CA UNK B 127 -0.62 15.07 5.92
C UNK B 127 0.09 15.12 7.28
N UNK B 128 1.17 15.90 7.42
CA UNK B 128 1.86 16.04 8.70
C UNK B 128 0.97 16.49 9.84
N UNK B 129 0.16 17.48 9.49
CA UNK B 129 -0.82 18.02 10.41
C UNK B 129 -1.93 17.01 10.71
N UNK B 130 -2.41 16.26 9.73
CA UNK B 130 -3.47 15.30 10.00
C UNK B 130 -2.98 14.04 10.75
N UNK B 131 -1.70 13.74 10.65
CA UNK B 131 -1.07 12.66 11.38
C UNK B 131 -0.94 13.14 12.83
N UNK B 132 -0.65 14.43 13.04
CA UNK B 132 -0.66 15.02 14.37
C UNK B 132 -2.09 15.10 14.90
N UNK B 133 -3.15 15.33 14.10
CA UNK B 133 -4.50 15.33 14.66
C UNK B 133 -4.88 13.90 15.01
N UNK B 134 -4.39 12.88 14.29
CA UNK B 134 -4.65 11.48 14.65
C UNK B 134 -3.95 11.11 15.95
N UNK B 135 -2.81 11.81 16.18
CA UNK B 135 -2.02 11.54 17.36
C UNK B 135 -2.62 12.18 18.56
N UNK B 136 -3.10 13.42 18.41
CA UNK B 136 -3.81 14.14 19.47
C UNK B 136 -5.02 13.32 19.96
N UNK B 137 -5.72 12.70 19.03
CA UNK B 137 -6.90 11.89 19.29
C UNK B 137 -6.56 10.62 20.07
N UNK B 138 -5.47 9.90 19.72
CA UNK B 138 -5.17 8.71 20.46
C UNK B 138 -4.82 9.05 21.92
N UNK B 139 -4.71 34.82 -12.42
CA UNK B 139 -3.86 35.35 -11.37
C UNK B 139 -4.66 35.62 -10.09
N UNK B 140 -5.36 36.76 -10.07
CA UNK B 140 -6.16 37.14 -8.92
C UNK B 140 -6.67 35.91 -8.17
N UNK B 141 -7.51 35.13 -8.83
CA UNK B 141 -8.06 33.91 -8.23
C UNK B 141 -6.99 33.13 -7.49
N UNK B 142 -5.91 32.79 -8.19
CA UNK B 142 -4.81 32.04 -7.59
C UNK B 142 -4.35 32.67 -6.29
N UNK B 143 -4.08 33.97 -6.34
CA UNK B 143 -3.63 34.71 -5.16
C UNK B 143 -4.60 34.54 -4.00
N UNK B 144 -5.89 34.71 -4.29
CA UNK B 144 -6.92 34.58 -3.26
C UNK B 144 -6.89 33.20 -2.62
N UNK B 145 -6.77 32.17 -3.45
CA UNK B 145 -6.72 30.79 -2.97
C UNK B 145 -5.54 30.57 -2.04
N UNK B 146 -4.38 31.11 -2.43
CA UNK B 146 -3.17 30.98 -1.63
C UNK B 146 -3.32 31.64 -0.27
N UNK B 147 -3.95 32.81 -0.25
CA UNK B 147 -4.16 33.56 0.98
C UNK B 147 -5.09 32.79 1.93
N UNK B 148 -6.12 32.16 1.36
CA UNK B 148 -7.07 31.39 2.14
C UNK B 148 -6.42 30.17 2.76
N UNK B 149 -5.51 29.54 2.01
CA UNK B 149 -4.82 28.35 2.49
C UNK B 149 -3.85 28.69 3.61
N UNK B 150 -3.25 29.88 3.54
CA UNK B 150 -2.30 30.33 4.55
C UNK B 150 -3.01 30.71 5.84
N UNK B 151 -4.24 31.20 5.71
CA UNK B 151 -5.02 31.60 6.87
C UNK B 151 -5.61 30.38 7.59
N UNK B 152 -5.79 29.30 6.86
CA UNK B 152 -6.33 28.07 7.43
C UNK B 152 -5.23 27.20 8.00
N UNK B 153 -3.99 27.55 7.72
CA UNK B 153 -2.84 26.80 8.22
C UNK B 153 -2.25 27.45 9.47
N UNK B 154 -11.13 24.22 11.15
CA UNK B 154 -9.74 24.19 11.58
C UNK B 154 -9.56 24.94 12.91
N UNK B 155 -9.76 26.25 12.88
CA UNK B 155 -9.61 27.07 14.07
C UNK B 155 -10.10 26.33 15.31
N UNK B 156 -11.32 26.66 15.75
CA UNK B 156 -11.91 26.02 16.92
C UNK B 156 -11.36 24.62 17.12
N UNK B 157 -10.79 24.04 16.06
CA UNK B 157 -10.22 22.71 16.12
C UNK B 157 -8.73 22.75 16.43
N UNK B 158 -8.11 23.90 16.30
CA UNK B 158 -6.82 24.20 16.93
C UNK B 158 -6.88 24.39 18.45
N UNK B 159 -8.02 24.79 18.96
CA UNK B 159 -8.29 24.92 20.38
C UNK B 159 -8.58 23.58 20.95
N UNK B 160 -9.23 22.70 20.23
CA UNK B 160 -9.41 21.36 20.71
C UNK B 160 -8.09 20.64 20.67
N UNK B 161 -7.16 20.92 19.78
CA UNK B 161 -5.85 20.34 19.90
C UNK B 161 -5.07 20.95 21.06
N UNK B 162 -5.16 22.28 21.27
CA UNK B 162 -4.47 22.92 22.40
C UNK B 162 -4.84 22.34 23.75
N UNK B 163 -6.14 22.12 23.88
CA UNK B 163 -6.70 21.52 25.07
C UNK B 163 -6.30 20.05 25.20
N UNK B 164 -6.27 19.29 24.12
CA UNK B 164 -5.88 17.89 24.22
C UNK B 164 -4.38 17.67 24.43
N UNK B 165 -3.58 18.64 24.04
CA UNK B 165 -2.13 18.65 24.27
C UNK B 165 -1.93 18.96 25.75
N UNK B 166 -2.77 19.85 26.34
CA UNK B 166 -2.78 20.11 27.77
C UNK B 166 -3.32 18.89 28.51
N UNK B 167 -4.29 18.10 28.01
CA UNK B 167 -4.72 16.92 28.74
C UNK B 167 -3.61 15.88 28.67
N UNK B 168 -13.28 14.58 25.29
CA UNK B 168 -13.01 15.85 24.58
C UNK B 168 -12.00 15.69 23.52
N UNK B 169 -10.82 15.25 23.92
CA UNK B 169 -9.99 14.76 22.85
C UNK B 169 -10.67 14.65 21.50
N UNK B 170 -11.95 14.25 21.60
CA UNK B 170 -12.92 14.21 20.50
C UNK B 170 -13.25 15.57 19.90
N UNK B 171 -13.24 16.67 20.69
CA UNK B 171 -13.41 18.04 20.20
C UNK B 171 -12.23 18.49 19.34
N UNK B 172 -11.00 18.33 19.82
CA UNK B 172 -9.83 18.59 18.99
C UNK B 172 -9.80 17.72 17.72
N UNK B 173 -10.28 16.46 17.73
CA UNK B 173 -10.42 15.59 16.55
C UNK B 173 -11.44 16.07 15.53
N UNK B 174 -12.44 16.81 15.96
CA UNK B 174 -13.43 17.43 15.11
C UNK B 174 -12.87 18.66 14.49
N UNK B 175 -12.02 19.40 15.18
CA UNK B 175 -11.37 20.52 14.55
C UNK B 175 -10.34 20.00 13.58
N UNK B 176 -9.72 18.85 13.75
CA UNK B 176 -8.89 18.32 12.70
C UNK B 176 -9.74 17.81 11.54
N UNK B 177 -10.87 17.14 11.79
CA UNK B 177 -11.74 16.67 10.71
C UNK B 177 -12.22 17.76 9.79
N UNK B 178 -12.58 18.86 10.42
CA UNK B 178 -13.01 20.05 9.71
C UNK B 178 -11.86 20.68 8.94
N UNK B 179 -10.64 20.75 9.47
CA UNK B 179 -9.53 21.34 8.73
C UNK B 179 -9.13 20.57 7.46
N UNK B 180 -9.34 19.26 7.49
CA UNK B 180 -9.01 18.40 6.36
C UNK B 180 -9.71 18.89 5.09
N UNK B 181 -11.01 19.11 5.19
CA UNK B 181 -11.79 19.57 4.05
C UNK B 181 -11.20 20.84 3.46
N UNK B 182 -10.94 21.82 4.32
CA UNK B 182 -10.38 23.10 3.88
C UNK B 182 -9.09 22.88 3.10
N UNK B 183 -8.18 22.10 3.67
CA UNK B 183 -6.90 21.83 3.02
C UNK B 183 -7.10 21.26 1.62
N UNK B 184 -7.95 20.24 1.52
CA UNK B 184 -8.23 19.61 0.23
C UNK B 184 -8.69 20.64 -0.80
N UNK B 185 -9.67 21.45 -0.41
CA UNK B 185 -10.20 22.48 -1.30
C UNK B 185 -9.10 23.40 -1.82
N UNK B 186 -8.29 23.91 -0.90
CA UNK B 186 -7.20 24.80 -1.26
C UNK B 186 -6.27 24.15 -2.29
N UNK B 187 -5.84 22.92 -2.00
CA UNK B 187 -4.95 22.20 -2.89
C UNK B 187 -5.56 22.08 -4.29
N UNK B 188 -6.81 21.65 -4.36
CA UNK B 188 -7.50 21.49 -5.63
C UNK B 188 -7.48 22.79 -6.43
N UNK B 189 -7.86 23.89 -5.77
CA UNK B 189 -7.88 25.20 -6.43
C UNK B 189 -6.52 25.54 -7.03
N UNK B 190 -5.47 25.39 -6.23
CA UNK B 190 -4.12 25.69 -6.68
C UNK B 190 -3.78 24.89 -7.94
N UNK B 191 -4.01 23.59 -7.90
CA UNK B 191 -3.73 22.72 -9.03
C UNK B 191 -4.44 23.22 -10.29
N UNK B 192 -5.74 23.47 -10.16
CA UNK B 192 -6.53 23.95 -11.29
C UNK B 192 -5.93 25.20 -11.90
N UNK B 193 -5.62 26.18 -11.06
CA UNK B 193 -4.80 27.31 -11.46
C UNK B 193 -3.46 26.84 -12.04
N UNK B 194 -2.84 25.94 -11.21
CA UNK B 194 -1.55 25.41 -11.64
C UNK B 194 -1.65 24.80 -13.04
N UNK B 195 -2.64 23.93 -13.22
CA UNK B 195 -2.85 23.27 -14.51
C UNK B 195 -2.99 24.29 -15.63
N UNK B 196 -3.85 25.28 -15.43
CA UNK B 196 -4.07 26.31 -16.43
C UNK B 196 -2.76 26.99 -16.82
N UNK B 197 -2.00 27.41 -15.82
CA UNK B 197 -0.73 28.09 -16.05
C UNK B 197 0.19 27.23 -16.93
N UNK B 198 0.35 25.96 -16.55
CA UNK B 198 1.18 25.04 -17.29
C UNK B 198 0.78 24.98 -18.76
N UNK B 199 -8.28 17.46 -13.49
CA UNK B 199 -9.02 16.29 -13.04
C UNK B 199 -8.17 15.45 -12.09
N UNK B 200 -6.94 15.15 -12.50
CA UNK B 200 -6.03 14.36 -11.68
C UNK B 200 -5.86 14.97 -10.30
N UNK B 201 -5.56 16.27 -10.26
CA UNK B 201 -5.38 16.97 -9.00
C UNK B 201 -6.58 16.80 -8.09
N UNK B 202 -7.77 17.06 -8.63
CA UNK B 202 -9.00 16.94 -7.86
C UNK B 202 -9.13 15.55 -7.24
N UNK B 203 -8.94 14.52 -8.06
CA UNK B 203 -9.04 13.14 -7.59
C UNK B 203 -8.11 12.90 -6.41
N UNK B 204 -6.85 13.29 -6.57
CA UNK B 204 -5.85 13.11 -5.52
C UNK B 204 -6.31 13.75 -4.21
N UNK B 205 -6.74 15.00 -4.28
CA UNK B 205 -7.21 15.72 -3.12
C UNK B 205 -8.32 14.96 -2.40
N UNK B 206 -9.32 14.54 -3.16
CA UNK B 206 -10.45 13.79 -2.61
C UNK B 206 -9.97 12.56 -1.84
N UNK B 207 -9.10 11.77 -2.49
CA UNK B 207 -8.57 10.56 -1.87
C UNK B 207 -7.92 10.87 -0.53
N UNK B 208 -7.04 11.87 -0.52
CA UNK B 208 -6.35 12.26 0.69
C UNK B 208 -7.33 12.58 1.81
N UNK B 209 -8.32 13.41 1.51
CA UNK B 209 -9.32 13.79 2.49
C UNK B 209 -10.00 12.57 3.10
N UNK B 210 -10.46 11.67 2.23
CA UNK B 210 -11.12 10.45 2.68
C UNK B 210 -10.25 9.68 3.67
N UNK B 211 -9.00 9.45 3.28
CA UNK B 211 -8.06 8.71 4.13
C UNK B 211 -7.92 9.32 5.54
N UNK B 212 -8.04 10.55 5.76
CA UNK B 212 -8.04 11.23 7.07
C UNK B 212 -9.27 10.95 7.93
N UNK B 213 -10.39 10.62 7.30
CA UNK B 213 -11.61 10.22 7.96
C UNK B 213 -11.50 8.79 8.38
N UNK B 214 -10.84 7.94 7.62
CA UNK B 214 -10.84 6.54 7.94
C UNK B 214 -10.01 6.32 9.17
N UNK B 215 -8.98 7.10 9.47
CA UNK B 215 -8.33 6.96 10.76
C UNK B 215 -9.21 7.50 11.89
N UNK B 216 -9.91 8.64 11.69
CA UNK B 216 -10.80 9.17 12.72
C UNK B 216 -11.88 8.20 13.16
N UNK B 217 -12.51 7.55 12.18
CA UNK B 217 -13.53 6.54 12.46
C UNK B 217 -12.88 5.22 12.86
N UNK B 218 -11.81 4.84 12.15
CA UNK B 218 -11.10 3.61 12.45
C UNK B 218 -10.89 3.48 13.96
N UNK B 219 -10.30 4.51 14.55
CA UNK B 219 -10.03 4.52 15.98
C UNK B 219 -11.33 4.24 16.74
N UNK B 220 -12.34 5.06 16.48
CA UNK B 220 -13.64 4.88 17.12
C UNK B 220 -14.01 3.41 17.09
N UNK B 221 -14.12 2.87 15.89
CA UNK B 221 -14.44 1.46 15.71
C UNK B 221 -13.23 0.66 16.18
N UNK B 222 -12.13 0.77 15.43
CA UNK B 222 -10.89 0.09 15.78
C UNK B 222 -10.46 0.58 17.16
N UNK B 223 -10.52 1.90 17.33
CA UNK B 223 -10.18 2.50 18.62
C UNK B 223 -11.19 1.98 19.62
N UNK B 224 -12.27 1.42 19.08
CA UNK B 224 -13.33 0.84 19.90
C UNK B 224 -12.94 -0.60 20.23
N UNK B 225 -12.48 -1.31 19.21
CA UNK B 225 -12.06 -2.70 19.39
C UNK B 225 -10.87 -2.75 20.36
N UNK B 226 -9.90 -1.89 20.12
CA UNK B 226 -8.71 -1.83 20.97
C UNK B 226 -9.10 -1.58 22.42
N UNK B 227 -9.94 -0.58 22.64
CA UNK B 227 -10.40 -0.25 23.99
C UNK B 227 -11.01 -1.46 24.68
N UNK B 228 -11.93 -2.13 23.99
CA UNK B 228 -12.59 -3.30 24.54
C UNK B 228 -11.58 -4.35 24.98
N UNK B 229 -4.90 8.75 -15.63
CA UNK B 229 -5.92 7.72 -15.71
C UNK B 229 -5.50 6.47 -14.96
N UNK B 230 -4.29 6.00 -15.22
CA UNK B 230 -3.77 4.81 -14.57
C UNK B 230 -3.83 4.93 -13.05
N UNK B 231 -3.31 6.05 -12.55
CA UNK B 231 -3.30 6.31 -11.11
C UNK B 231 -4.69 6.21 -10.52
N UNK B 232 -5.65 6.89 -11.15
CA UNK B 232 -7.03 6.88 -10.68
C UNK B 232 -7.57 5.45 -10.58
N UNK B 233 -7.38 4.67 -11.64
CA UNK B 233 -7.85 3.30 -11.67
C UNK B 233 -7.28 2.51 -10.50
N UNK B 234 -5.97 2.59 -10.30
CA UNK B 234 -5.31 1.88 -9.21
C UNK B 234 -5.95 2.22 -7.86
N UNK B 235 -6.10 3.52 -7.60
CA UNK B 235 -6.69 3.98 -6.35
C UNK B 235 -8.07 3.36 -6.13
N UNK B 236 -8.91 3.42 -7.15
CA UNK B 236 -10.26 2.87 -7.06
C UNK B 236 -10.31 1.38 -6.67
N UNK B 237 -9.32 0.51 -6.99
CA UNK B 237 -9.18 -0.88 -6.57
C UNK B 237 -8.89 -0.99 -5.07
N UNK B 238 -7.89 -0.27 -4.58
CA UNK B 238 -7.66 -0.21 -3.13
C UNK B 238 -8.87 0.32 -2.36
N UNK B 239 -9.68 1.26 -2.89
CA UNK B 239 -10.92 1.76 -2.29
C UNK B 239 -12.06 0.72 -2.23
N UNK B 240 -12.04 -0.25 -3.11
CA UNK B 240 -12.96 -1.36 -3.12
C UNK B 240 -12.54 -2.36 -2.11
N UNK B 241 -11.25 -2.56 -1.89
CA UNK B 241 -10.83 -3.45 -0.83
C UNK B 241 -11.11 -2.78 0.49
N UNK B 242 -11.09 -1.47 0.64
CA UNK B 242 -11.54 -0.88 1.87
C UNK B 242 -13.06 -0.98 2.02
N UNK B 243 -13.83 -0.76 0.94
CA UNK B 243 -15.30 -0.90 1.01
C UNK B 243 -15.76 -2.26 1.49
N UNK B 244 -15.09 -3.26 0.95
CA UNK B 244 -15.34 -4.63 1.32
C UNK B 244 -14.89 -4.93 2.75
N UNK B 245 -13.76 -4.40 3.19
CA UNK B 245 -13.32 -4.65 4.57
C UNK B 245 -14.13 -3.88 5.62
N UNK B 246 -14.74 -2.79 5.24
CA UNK B 246 -15.63 -2.01 6.09
C UNK B 246 -16.93 -2.81 6.20
N UNK B 247 -17.36 -3.48 5.11
CA UNK B 247 -18.50 -4.40 5.15
C UNK B 247 -18.12 -5.64 5.95
N UNK B 248 -16.88 -6.17 5.95
CA UNK B 248 -16.59 -7.33 6.79
C UNK B 248 -16.57 -6.89 8.24
N UNK B 249 -16.11 -5.64 8.53
CA UNK B 249 -16.17 -5.13 9.91
C UNK B 249 -17.61 -4.98 10.37
N UNK B 250 -18.48 -4.58 9.44
CA UNK B 250 -19.89 -4.40 9.75
C UNK B 250 -20.49 -5.64 10.38
N UNK B 251 -20.27 -6.79 9.73
CA UNK B 251 -20.79 -8.06 10.23
C UNK B 251 -20.35 -8.31 11.66
N UNK B 252 -19.06 -8.17 11.92
CA UNK B 252 -18.52 -8.38 13.26
C UNK B 252 -19.23 -7.51 14.29
N UNK B 253 -19.34 -6.22 13.99
CA UNK B 253 -20.00 -5.29 14.89
C UNK B 253 -21.41 -5.75 15.23
N UNK B 254 -18.58 28.18 15.35
CA UNK B 254 -19.35 28.99 14.40
C UNK B 254 -18.43 29.75 13.45
N UNK B 255 -17.34 30.31 13.98
CA UNK B 255 -16.40 31.02 13.13
C UNK B 255 -15.76 30.09 12.11
N UNK B 256 -15.37 28.84 12.54
CA UNK B 256 -14.84 27.88 11.63
C UNK B 256 -15.84 27.52 10.55
N UNK B 257 -17.14 27.37 10.95
CA UNK B 257 -18.17 27.06 9.97
C UNK B 257 -18.31 28.17 8.94
N UNK B 258 -18.22 29.43 9.39
CA UNK B 258 -18.28 30.54 8.45
C UNK B 258 -17.13 30.50 7.50
N UNK B 259 -15.86 30.06 8.05
CA UNK B 259 -14.73 29.91 7.21
C UNK B 259 -14.93 28.80 6.19
N UNK B 260 -15.52 27.66 6.64
CA UNK B 260 -15.76 26.58 5.69
C UNK B 260 -16.71 27.00 4.61
N UNK B 261 -17.76 27.75 4.95
CA UNK B 261 -18.70 28.25 3.95
C UNK B 261 -18.04 29.21 3.02
N UNK B 262 -17.12 30.20 3.60
CA UNK B 262 -16.39 31.12 2.79
C UNK B 262 -15.45 30.41 1.82
N UNK B 263 -14.76 29.37 2.29
CA UNK B 263 -13.87 28.60 1.41
C UNK B 263 -14.65 27.93 0.30
N UNK B 264 -15.85 27.40 0.63
CA UNK B 264 -16.70 26.77 -0.37
C UNK B 264 -17.14 27.76 -1.39
N UNK B 265 -17.48 28.96 -0.94
CA UNK B 265 -17.93 30.02 -1.82
C UNK B 265 -16.93 30.27 -2.94
N UNK B 266 -15.67 30.44 -2.57
CA UNK B 266 -14.60 30.69 -3.54
C UNK B 266 -14.57 29.60 -4.61
N UNK B 267 -14.54 28.35 -4.17
CA UNK B 267 -14.51 27.22 -5.08
C UNK B 267 -15.66 27.27 -6.07
N UNK B 268 -16.86 27.45 -5.55
CA UNK B 268 -18.06 27.53 -6.39
C UNK B 268 -17.91 28.59 -7.47
N UNK B 269 -17.51 29.79 -7.05
CA UNK B 269 -17.33 30.90 -7.99
C UNK B 269 -16.39 30.53 -9.11
N UNK B 270 -15.23 29.98 -8.75
CA UNK B 270 -14.23 29.58 -9.72
C UNK B 270 -14.81 28.62 -10.75
N UNK B 271 -15.49 27.59 -10.26
CA UNK B 271 -16.10 26.59 -11.14
C UNK B 271 -17.04 27.24 -12.14
N UNK B 272 -17.93 28.09 -11.64
CA UNK B 272 -18.89 28.79 -12.50
C UNK B 272 -18.18 29.55 -13.62
N UNK B 273 -17.18 30.34 -13.24
CA UNK B 273 -16.42 31.12 -14.20
C UNK B 273 -15.85 30.24 -15.31
N UNK B 274 -15.18 29.16 -14.90
CA UNK B 274 -14.59 28.23 -15.86
C UNK B 274 -15.63 27.73 -16.85
N UNK B 275 -16.75 27.25 -16.34
CA UNK B 275 -17.83 26.74 -17.18
C UNK B 275 -18.25 27.77 -18.22
N UNK B 276 -18.52 29.00 -17.76
CA UNK B 276 -18.93 30.07 -18.67
C UNK B 276 -17.93 30.26 -19.78
N UNK B 277 -18.66 3.91 28.53
CA UNK B 277 -18.88 5.31 28.94
C UNK B 277 -18.03 6.25 28.08
N UNK B 278 -16.78 5.86 27.94
CA UNK B 278 -15.79 6.61 27.15
C UNK B 278 -16.27 6.76 25.71
N UNK B 279 -16.73 5.64 25.17
CA UNK B 279 -17.24 5.57 23.81
C UNK B 279 -18.41 6.54 23.62
N UNK B 280 -19.30 6.49 24.59
CA UNK B 280 -20.50 7.35 24.62
C UNK B 280 -20.10 8.82 24.58
N UNK B 281 -19.13 9.13 25.43
CA UNK B 281 -18.58 10.50 25.55
C UNK B 281 -18.05 10.97 24.20
N UNK B 282 -17.30 10.09 23.58
CA UNK B 282 -16.67 10.34 22.28
C UNK B 282 -17.75 10.66 21.23
N UNK B 283 -18.78 9.83 21.26
CA UNK B 283 -19.92 9.96 20.35
C UNK B 283 -20.57 11.34 20.51
N UNK B 284 -20.78 11.69 21.76
CA UNK B 284 -21.39 12.96 22.16
C UNK B 284 -20.57 14.13 21.58
N UNK B 285 -19.27 14.01 21.78
CA UNK B 285 -18.30 15.01 21.32
C UNK B 285 -18.42 15.20 19.79
N UNK B 286 -18.47 14.07 19.13
CA UNK B 286 -18.59 14.02 17.65
C UNK B 286 -19.85 14.76 17.21
N UNK B 287 -20.93 14.44 17.90
CA UNK B 287 -22.25 15.03 17.63
C UNK B 287 -22.17 16.55 17.75
N UNK B 288 -21.55 16.98 18.85
CA UNK B 288 -21.37 18.40 19.16
C UNK B 288 -20.62 19.09 18.02
N UNK B 289 -19.55 18.45 17.60
CA UNK B 289 -18.69 18.93 16.52
C UNK B 289 -19.51 19.13 15.24
N UNK B 290 -20.30 18.12 14.95
CA UNK B 290 -21.17 18.10 13.77
C UNK B 290 -22.13 19.30 13.80
N UNK B 291 -22.71 19.48 14.97
CA UNK B 291 -23.66 20.57 15.23
C UNK B 291 -23.00 21.92 14.95
N UNK B 292 -21.80 22.05 15.48
CA UNK B 292 -20.99 23.26 15.33
C UNK B 292 -20.75 23.56 13.85
N UNK B 293 -10.62 20.02 -15.16
CA UNK B 293 -10.83 20.93 -14.04
C UNK B 293 -12.28 20.90 -13.55
N UNK B 294 -13.21 21.04 -14.49
CA UNK B 294 -14.62 21.03 -14.16
C UNK B 294 -15.00 19.76 -13.40
N UNK B 295 -14.60 18.61 -13.94
CA UNK B 295 -14.90 17.33 -13.32
C UNK B 295 -14.41 17.29 -11.88
N UNK B 296 -13.16 17.67 -11.67
CA UNK B 296 -12.57 17.67 -10.35
C UNK B 296 -13.40 18.51 -9.37
N UNK B 297 -13.74 19.72 -9.78
CA UNK B 297 -14.54 20.62 -8.96
C UNK B 297 -15.84 19.97 -8.54
N UNK B 298 -16.68 19.52 -9.45
CA UNK B 298 -17.95 18.88 -9.19
C UNK B 298 -17.82 17.81 -8.11
N UNK B 299 -16.76 17.00 -8.22
CA UNK B 299 -16.51 15.94 -7.25
C UNK B 299 -16.38 16.50 -5.83
N UNK B 300 -15.81 17.69 -5.73
CA UNK B 300 -15.62 18.34 -4.44
C UNK B 300 -16.90 18.33 -3.62
N UNK B 301 -17.99 18.82 -4.22
CA UNK B 301 -19.28 18.85 -3.56
C UNK B 301 -19.64 17.50 -2.98
N UNK B 302 -19.46 16.45 -3.78
CA UNK B 302 -19.76 15.09 -3.35
C UNK B 302 -18.80 14.63 -2.26
N UNK B 303 -17.53 14.96 -2.43
CA UNK B 303 -16.50 14.59 -1.47
C UNK B 303 -16.78 15.23 -0.10
N UNK B 304 -17.04 16.53 -0.11
CA UNK B 304 -17.33 17.26 1.12
C UNK B 304 -18.53 16.67 1.85
N UNK B 305 -19.56 16.33 1.09
CA UNK B 305 -20.78 15.75 1.65
C UNK B 305 -20.51 14.43 2.27
N UNK B 306 -19.56 13.52 1.61
CA UNK B 306 -19.19 12.27 2.17
C UNK B 306 -18.51 12.46 3.51
N UNK B 307 -17.63 13.47 3.69
CA UNK B 307 -16.99 13.72 4.97
C UNK B 307 -18.02 14.08 6.03
N UNK B 308 -19.07 14.81 5.68
CA UNK B 308 -20.14 15.16 6.60
C UNK B 308 -20.93 13.97 6.98
N UNK B 309 -21.17 13.10 6.01
CA UNK B 309 -21.95 11.89 6.24
C UNK B 309 -21.34 11.06 7.37
N UNK B 310 -20.04 10.82 7.29
CA UNK B 310 -19.34 10.05 8.31
C UNK B 310 -19.56 10.64 9.70
N UNK B 311 -19.34 11.94 9.82
CA UNK B 311 -19.52 12.63 11.10
C UNK B 311 -20.91 12.40 11.67
N UNK B 312 -21.92 12.62 10.83
CA UNK B 312 -23.30 12.43 11.25
C UNK B 312 -23.54 11.03 11.80
N UNK B 313 -23.10 10.02 11.06
CA UNK B 313 -23.26 8.63 11.46
C UNK B 313 -22.65 8.40 12.85
N UNK B 314 -21.41 8.84 13.02
CA UNK B 314 -20.72 8.68 14.30
C UNK B 314 -21.52 9.27 15.45
N UNK B 315 -21.77 -3.70 9.38
CA UNK B 315 -22.39 -3.38 8.11
C UNK B 315 -22.50 -1.88 7.92
N UNK B 316 -23.04 -1.20 8.93
CA UNK B 316 -23.22 0.25 8.88
C UNK B 316 -21.89 0.94 8.58
N UNK B 317 -20.86 0.58 9.34
CA UNK B 317 -19.54 1.18 9.15
C UNK B 317 -19.06 1.03 7.72
N UNK B 318 -19.14 -0.19 7.19
CA UNK B 318 -18.72 -0.46 5.83
C UNK B 318 -19.42 0.45 4.83
N UNK B 319 -20.74 0.52 4.94
CA UNK B 319 -21.55 1.36 4.05
C UNK B 319 -21.12 2.83 4.02
N UNK B 320 -20.58 3.35 5.12
CA UNK B 320 -20.01 4.70 5.16
C UNK B 320 -18.73 4.81 4.34
N UNK B 321 -17.77 3.91 4.56
CA UNK B 321 -16.58 3.86 3.69
C UNK B 321 -16.94 3.62 2.22
N UNK B 322 -17.98 2.85 1.86
CA UNK B 322 -18.48 2.65 0.50
C UNK B 322 -19.08 3.91 -0.14
N UNK B 323 -19.59 4.82 0.65
CA UNK B 323 -20.10 6.11 0.23
C UNK B 323 -18.96 7.04 -0.01
N UNK B 324 -17.91 7.00 0.79
CA UNK B 324 -16.66 7.55 0.36
C UNK B 324 -16.08 6.65 -0.72
N UNK B 325 -16.19 5.33 -0.66
CA UNK B 325 -15.79 4.53 -1.80
C UNK B 325 -16.77 4.68 -2.95
N UNK B 326 -18.09 4.73 -2.70
CA UNK B 326 -19.08 4.92 -3.77
C UNK B 326 -18.76 6.09 -4.69
N UNK B 327 -17.93 7.03 -4.31
CA UNK B 327 -17.72 8.20 -5.14
C UNK B 327 -16.26 8.50 -5.44
N UNK B 328 -15.57 7.55 -6.06
CA UNK B 328 -16.16 6.28 -6.44
C UNK B 328 -16.40 6.18 -7.94
N UNK B 329 -17.62 6.50 -8.37
CA UNK B 329 -17.97 6.44 -9.79
C UNK B 329 -17.28 7.56 -10.56
N UNK B 330 -17.03 8.65 -9.86
CA UNK B 330 -16.37 9.81 -10.42
C UNK B 330 -15.08 9.40 -11.13
N UNK B 331 -14.24 8.64 -10.44
CA UNK B 331 -12.97 8.19 -11.00
C UNK B 331 -13.20 7.37 -12.27
N UNK B 332 -14.11 6.41 -12.20
CA UNK B 332 -14.43 5.56 -13.32
C UNK B 332 -14.80 6.40 -14.55
N UNK B 333 -15.73 7.34 -14.35
CA UNK B 333 -16.18 8.20 -15.44
C UNK B 333 -15.01 8.93 -16.10
N UNK B 334 -14.16 9.53 -15.27
CA UNK B 334 -13.01 10.26 -15.77
C UNK B 334 -12.13 9.36 -16.66
N UNK B 335 -11.80 8.18 -16.15
CA UNK B 335 -10.98 7.22 -16.89
C UNK B 335 -11.58 6.92 -18.26
N UNK B 336 -12.86 6.61 -18.28
CA UNK B 336 -13.56 6.29 -19.53
C UNK B 336 -13.41 7.43 -20.53
N UNK B 337 -13.70 8.65 -20.09
CA UNK B 337 -13.61 9.82 -20.95
C UNK B 337 -12.22 9.94 -21.56
N UNK B 338 -20.52 14.13 -27.92
CA UNK B 338 -21.83 13.86 -27.37
C UNK B 338 -21.76 12.92 -26.19
N UNK B 339 -21.05 11.80 -26.36
CA UNK B 339 -20.90 10.81 -25.30
C UNK B 339 -20.34 11.44 -24.03
N UNK B 340 -19.25 12.19 -24.19
CA UNK B 340 -18.60 12.84 -23.06
C UNK B 340 -19.60 13.72 -22.29
N UNK B 341 -20.32 14.57 -23.03
CA UNK B 341 -21.29 15.46 -22.43
C UNK B 341 -22.31 14.68 -21.60
N UNK B 342 -22.88 13.64 -22.19
CA UNK B 342 -23.87 12.82 -21.50
C UNK B 342 -23.31 12.29 -20.19
N UNK B 343 -22.22 11.82 -20.41
CA UNK B 343 -21.58 11.26 -19.22
C UNK B 343 -21.47 12.32 -18.12
N UNK B 344 -20.94 13.48 -18.47
CA UNK B 344 -20.78 14.57 -17.51
C UNK B 344 -22.10 14.91 -16.83
N UNK B 345 -23.14 15.10 -17.64
CA UNK B 345 -24.46 15.42 -17.11
C UNK B 345 -24.93 14.39 -16.09
N UNK B 346 -24.83 13.12 -16.46
CA UNK B 346 -25.25 12.04 -15.58
C UNK B 346 -24.52 12.12 -14.23
N UNK B 347 -23.20 12.26 -14.28
CA UNK B 347 -22.39 12.35 -13.08
C UNK B 347 -22.89 13.47 -12.17
N UNK B 348 -23.07 14.66 -12.75
CA UNK B 348 -23.53 15.81 -11.99
C UNK B 348 -24.84 15.51 -11.28
N UNK B 349 -25.81 14.98 -12.02
CA UNK B 349 -27.11 14.64 -11.46
C UNK B 349 -26.97 13.72 -10.25
N UNK B 350 -26.20 12.65 -10.42
CA UNK B 350 -25.99 11.69 -9.34
C UNK B 350 -25.46 12.38 -8.09
N UNK B 351 -24.41 13.18 -8.25
CA UNK B 351 -23.81 13.91 -7.14
C UNK B 351 -24.85 14.74 -6.39
N UNK B 352 -25.62 15.51 -7.14
CA UNK B 352 -26.64 16.36 -6.56
C UNK B 352 -27.61 15.54 -5.70
N UNK B 353 -28.12 14.46 -6.27
CA UNK B 353 -29.06 13.59 -5.57
C UNK B 353 -28.47 13.11 -4.24
N UNK B 354 -27.24 12.60 -4.29
CA UNK B 354 -26.57 12.12 -3.09
C UNK B 354 -26.52 13.18 -2.01
N UNK B 355 -26.08 14.37 -2.39
CA UNK B 355 -25.98 15.49 -1.45
C UNK B 355 -27.31 15.76 -0.77
N UNK B 356 -28.37 15.88 -1.57
CA UNK B 356 -29.70 16.13 -1.06
C UNK B 356 -30.09 15.09 -0.01
N UNK B 357 -29.93 13.82 -0.36
CA UNK B 357 -30.27 12.73 0.54
C UNK B 357 -29.55 12.88 1.88
N UNK B 358 -28.24 13.08 1.83
CA UNK B 358 -27.44 13.24 3.03
C UNK B 358 -27.98 14.36 3.91
N UNK B 359 -28.22 15.52 3.30
CA UNK B 359 -28.73 16.68 4.02
C UNK B 359 -30.02 16.33 4.75
N UNK B 360 -30.96 15.73 4.02
CA UNK B 360 -32.24 15.36 4.60
C UNK B 360 -32.07 14.49 5.83
N UNK B 361 -31.25 13.44 5.69
CA UNK B 361 -30.99 12.52 6.79
C UNK B 361 -30.49 13.27 8.03
N UNK B 362 -29.49 14.11 7.83
CA UNK B 362 -28.92 14.89 8.92
C UNK B 362 -29.99 15.69 9.65
N UNK B 363 -30.79 16.42 8.88
CA UNK B 363 -31.86 17.24 9.45
C UNK B 363 -32.79 16.40 10.33
N UNK B 364 -33.24 15.27 9.78
CA UNK B 364 -34.13 14.38 10.52
C UNK B 364 -33.53 13.97 11.86
N UNK B 365 -32.28 13.52 11.82
CA UNK B 365 -31.59 13.10 13.03
C UNK B 365 -31.58 14.20 14.08
N UNK B 366 -31.20 15.40 13.67
CA UNK B 366 -31.14 16.54 14.57
C UNK B 366 -32.49 16.77 15.25
N UNK B 367 -22.37 7.90 -26.53
CA UNK B 367 -23.54 7.23 -25.97
C UNK B 367 -23.13 6.11 -25.02
N UNK B 368 -22.23 5.24 -25.49
CA UNK B 368 -21.76 4.12 -24.69
C UNK B 368 -21.20 4.60 -23.35
N UNK B 369 -20.31 5.59 -23.41
CA UNK B 369 -19.71 6.13 -22.20
C UNK B 369 -20.77 6.59 -21.20
N UNK B 370 -21.71 7.38 -21.68
CA UNK B 370 -22.79 7.89 -20.84
C UNK B 370 -23.53 6.75 -20.13
N UNK B 371 -23.92 5.75 -20.91
CA UNK B 371 -24.63 4.59 -20.35
C UNK B 371 -23.84 3.95 -19.23
N UNK B 372 -22.56 3.67 -19.48
CA UNK B 372 -21.71 3.06 -18.49
C UNK B 372 -21.69 3.86 -17.19
N UNK B 373 -21.47 5.16 -17.31
CA UNK B 373 -21.43 6.04 -16.15
C UNK B 373 -22.71 5.92 -15.33
N UNK B 374 -23.85 6.03 -16.00
CA UNK B 374 -25.14 5.94 -15.33
C UNK B 374 -25.35 4.66 -14.51
N UNK B 375 -24.80 3.56 -14.82
CA UNK B 375 -24.80 2.30 -14.04
C UNK B 375 -23.98 2.45 -12.76
N UNK B 376 -22.75 2.91 -12.85
CA UNK B 376 -21.98 3.21 -11.64
C UNK B 376 -22.66 4.25 -10.74
N UNK B 377 -23.40 5.25 -11.26
CA UNK B 377 -24.19 6.22 -10.49
C UNK B 377 -25.40 5.62 -9.76
N UNK B 378 -25.91 4.52 -10.25
CA UNK B 378 -26.98 3.76 -9.63
C UNK B 378 -26.42 2.92 -8.54
N UNK B 379 -25.22 2.40 -8.68
CA UNK B 379 -24.61 1.68 -7.58
C UNK B 379 -24.36 2.66 -6.46
N UNK B 380 -23.98 3.90 -6.67
CA UNK B 380 -24.04 4.87 -5.60
C UNK B 380 -25.48 5.16 -5.19
N UNK B 381 -26.43 5.28 -6.13
CA UNK B 381 -27.83 5.52 -5.79
C UNK B 381 -28.42 4.47 -4.88
N UNK B 382 -28.06 3.24 -5.31
CA UNK B 382 -28.47 2.09 -4.53
C UNK B 382 -27.78 2.05 -3.17
N UNK B 383 -26.47 2.29 -3.17
CA UNK B 383 -25.69 2.29 -1.94
C UNK B 383 -26.27 3.24 -0.91
N UNK B 384 -26.53 4.48 -1.33
CA UNK B 384 -27.10 5.48 -0.46
C UNK B 384 -28.39 5.00 0.19
N UNK B 385 -29.30 4.49 -0.64
CA UNK B 385 -30.58 3.99 -0.15
C UNK B 385 -30.39 2.94 0.93
N UNK B 386 -29.53 1.95 0.65
CA UNK B 386 -29.26 0.88 1.60
C UNK B 386 -28.81 1.45 2.94
N UNK B 387 -27.82 2.34 2.90
CA UNK B 387 -27.29 2.95 4.10
C UNK B 387 -28.40 3.60 4.93
N UNK B 388 -29.21 4.42 4.28
CA UNK B 388 -30.32 5.10 4.94
C UNK B 388 -31.22 4.11 5.66
N UNK B 389 -31.64 3.08 4.95
CA UNK B 389 -32.52 2.05 5.51
C UNK B 389 -31.92 1.45 6.78
N UNK B 390 -30.66 1.05 6.70
CA UNK B 390 -29.96 0.46 7.84
C UNK B 390 -30.01 1.38 9.04
N UNK B 391 -29.64 2.64 8.84
CA UNK B 391 -29.65 3.63 9.91
C UNK B 391 -31.01 3.71 10.58
N UNK C 1 -4.61 0.26 -26.39
CA UNK C 1 -3.23 0.10 -25.92
C UNK C 1 -3.10 0.53 -24.47
N UNK C 2 -3.61 1.71 -24.14
CA UNK C 2 -3.55 2.23 -22.78
C UNK C 2 -4.16 1.25 -21.79
N UNK C 3 -5.36 0.77 -22.09
CA UNK C 3 -6.05 -0.17 -21.23
C UNK C 3 -5.19 -1.40 -20.96
N UNK C 4 -4.65 -1.99 -22.02
CA UNK C 4 -3.81 -3.17 -21.90
C UNK C 4 -2.65 -2.92 -20.95
N UNK C 5 -1.94 -1.82 -21.17
CA UNK C 5 -0.80 -1.47 -20.33
C UNK C 5 -1.20 -1.41 -18.86
N UNK C 6 -2.27 -0.69 -18.57
CA UNK C 6 -2.76 -0.56 -17.20
C UNK C 6 -2.98 -1.92 -16.56
N UNK C 7 -3.71 -2.79 -17.26
CA UNK C 7 -4.00 -4.12 -16.77
C UNK C 7 -2.73 -4.87 -16.41
N UNK C 8 -1.79 -4.88 -17.33
CA UNK C 8 -0.51 -5.56 -17.10
C UNK C 8 0.16 -5.07 -15.83
N UNK C 9 0.27 -3.76 -15.69
CA UNK C 9 0.89 -3.16 -14.52
C UNK C 9 0.23 -3.65 -13.23
N UNK C 10 -1.10 -3.58 -13.19
CA UNK C 10 -1.85 -4.02 -12.03
C UNK C 10 -1.51 -5.46 -11.66
N UNK C 11 -1.56 -6.34 -12.64
CA UNK C 11 -1.26 -7.75 -12.43
C UNK C 11 0.11 -7.92 -11.80
N UNK C 12 1.12 -7.29 -12.38
CA UNK C 12 2.48 -7.37 -11.88
C UNK C 12 2.55 -6.98 -10.40
N UNK C 13 1.97 -5.83 -10.07
CA UNK C 13 1.96 -5.34 -8.70
C UNK C 13 1.38 -6.37 -7.75
N UNK C 14 0.21 -6.90 -8.09
CA UNK C 14 -0.45 -7.90 -7.27
C UNK C 14 0.46 -9.09 -7.00
N UNK C 15 1.06 -9.63 -8.07
CA UNK C 15 1.96 -10.76 -7.94
C UNK C 15 3.09 -10.47 -6.95
N UNK C 16 3.74 -9.33 -7.14
CA UNK C 16 4.84 -8.94 -6.25
C UNK C 16 4.34 -8.57 -4.84
N UNK C 17 3.63 -7.59 -4.53
CA UNK C 17 3.03 -7.25 -3.24
C UNK C 17 1.96 -8.26 -2.80
N UNK C 18 1.18 -8.89 -3.69
CA UNK C 18 0.21 -9.95 -3.40
C UNK C 18 0.84 -11.27 -2.93
N UNK C 19 2.07 -11.52 -3.33
CA UNK C 19 2.85 -12.67 -2.90
C UNK C 19 3.41 -12.40 -1.55
N UNK C 20 3.78 -11.17 -1.23
CA UNK C 20 4.26 -10.80 0.05
C UNK C 20 3.06 -10.84 0.97
N UNK C 21 1.80 -10.59 0.61
CA UNK C 21 0.66 -10.83 1.47
C UNK C 21 0.36 -12.32 1.59
N UNK C 22 0.44 -13.10 0.51
CA UNK C 22 0.21 -14.56 0.59
C UNK C 22 1.09 -15.27 1.58
N UNK C 23 2.35 -14.86 1.54
CA UNK C 23 3.36 -15.37 2.43
C UNK C 23 3.12 -14.90 3.87
N UNK C 24 2.72 -13.65 4.08
CA UNK C 24 2.48 -13.19 5.44
C UNK C 24 1.18 -13.74 6.07
N UNK C 25 0.24 -14.13 5.23
CA UNK C 25 -1.00 -14.77 5.65
C UNK C 25 -0.63 -16.19 6.06
N UNK C 26 0.31 -16.83 5.33
CA UNK C 26 0.85 -18.13 5.72
C UNK C 26 1.69 -17.98 6.98
N UNK C 27 2.44 -16.89 7.24
CA UNK C 27 3.18 -16.79 8.49
C UNK C 27 2.19 -16.58 9.62
N UNK C 28 1.05 -15.90 9.40
CA UNK C 28 0.02 -15.75 10.44
C UNK C 28 -0.64 -17.10 10.74
N UNK C 29 -0.65 -17.96 9.71
CA UNK C 29 -1.29 -19.25 9.85
C UNK C 29 -0.40 -20.20 10.58
N UNK C 30 0.90 -20.17 10.26
CA UNK C 30 1.92 -20.96 10.96
C UNK C 30 1.89 -20.67 12.48
N UNK C 31 8.75 -10.47 -14.49
CA UNK C 31 9.62 -11.51 -13.96
C UNK C 31 9.68 -11.46 -12.44
N UNK C 32 9.91 -10.27 -11.89
CA UNK C 32 9.99 -10.09 -10.45
C UNK C 32 8.73 -10.61 -9.76
N UNK C 33 7.58 -10.18 -10.27
CA UNK C 33 6.32 -10.58 -9.71
C UNK C 33 6.30 -12.12 -9.71
N UNK C 34 6.88 -12.75 -10.78
CA UNK C 34 6.85 -14.20 -10.89
C UNK C 34 7.62 -14.94 -9.81
N UNK C 35 8.75 -14.30 -9.45
CA UNK C 35 9.61 -14.67 -8.33
C UNK C 35 8.95 -14.55 -6.95
N UNK C 36 8.02 -13.61 -6.75
CA UNK C 36 7.22 -13.48 -5.52
C UNK C 36 6.26 -14.67 -5.35
N UNK C 37 5.47 -14.98 -6.37
CA UNK C 37 4.64 -16.19 -6.34
C UNK C 37 5.48 -17.47 -6.15
N UNK C 38 6.70 -17.58 -6.68
CA UNK C 38 7.63 -18.71 -6.46
C UNK C 38 8.15 -18.83 -5.03
N UNK C 39 8.19 -17.73 -4.30
CA UNK C 39 8.55 -17.70 -2.90
C UNK C 39 7.40 -18.11 -2.07
N UNK C 40 6.18 -17.79 -2.46
CA UNK C 40 5.03 -18.30 -1.74
C UNK C 40 4.89 -19.77 -2.02
N UNK C 41 5.29 -20.31 -3.16
CA UNK C 41 5.30 -21.75 -3.31
C UNK C 41 6.44 -22.37 -2.50
N UNK C 42 7.64 -21.77 -2.47
CA UNK C 42 8.74 -22.31 -1.67
C UNK C 42 8.42 -22.46 -0.21
N UNK C 43 7.76 -21.43 0.29
CA UNK C 43 7.31 -21.39 1.67
C UNK C 43 6.19 -22.41 1.91
N UNK C 44 5.25 -22.56 0.99
CA UNK C 44 4.19 -23.53 1.19
C UNK C 44 4.62 -25.00 1.04
N UNK C 45 5.69 -25.22 0.30
CA UNK C 45 6.30 -26.53 0.15
C UNK C 45 7.03 -26.83 1.46
N UNK C 46 7.65 -25.81 2.09
CA UNK C 46 8.22 -25.95 3.42
C UNK C 46 7.11 -26.12 4.46
N UNK C 47 5.91 -25.52 4.36
CA UNK C 47 4.88 -25.79 5.34
C UNK C 47 4.36 -27.20 5.14
N UNK C 48 4.34 -27.73 3.91
CA UNK C 48 3.93 -29.14 3.68
C UNK C 48 4.97 -30.09 4.26
N UNK C 49 6.24 -29.72 4.21
CA UNK C 49 7.30 -30.55 4.77
C UNK C 49 7.17 -30.58 6.29
N UNK C 50 6.76 -29.45 6.87
CA UNK C 50 6.57 -29.36 8.31
C UNK C 50 5.32 -30.15 8.73
N UNK C 51 4.21 -29.90 8.03
CA UNK C 51 2.98 -30.62 8.29
C UNK C 51 3.18 -32.12 8.08
N UNK C 52 3.90 -32.47 7.02
CA UNK C 52 4.22 -33.87 6.73
C UNK C 52 4.88 -34.60 7.87
N UNK C 53 5.81 -33.88 8.47
CA UNK C 53 6.52 -34.37 9.63
C UNK C 53 5.62 -34.47 10.86
N UNK C 54 4.73 -33.51 11.08
CA UNK C 54 3.85 -33.58 12.23
C UNK C 54 2.73 -34.62 12.09
N UNK C 55 2.38 -34.97 10.86
CA UNK C 55 1.42 -36.01 10.56
C UNK C 55 2.12 -37.34 10.83
N UNK C 56 6.97 -23.17 -23.26
CA UNK C 56 7.64 -22.41 -22.21
C UNK C 56 6.89 -22.53 -20.89
N UNK C 57 5.58 -22.30 -20.92
CA UNK C 57 4.77 -22.39 -19.72
C UNK C 57 4.91 -23.75 -19.05
N UNK C 58 4.77 -24.81 -19.84
CA UNK C 58 4.89 -26.17 -19.32
C UNK C 58 6.22 -26.37 -18.60
N UNK C 59 7.30 -25.99 -19.26
CA UNK C 59 8.63 -26.13 -18.69
C UNK C 59 8.73 -25.44 -17.33
N UNK C 60 8.28 -24.19 -17.28
CA UNK C 60 8.31 -23.43 -16.04
C UNK C 60 7.59 -24.16 -14.92
N UNK C 61 6.37 -24.61 -15.20
CA UNK C 61 5.58 -25.32 -14.21
C UNK C 61 6.34 -26.52 -13.66
N UNK C 62 6.82 -27.34 -14.57
CA UNK C 62 7.57 -28.53 -14.17
C UNK C 62 8.70 -28.17 -13.21
N UNK C 63 9.50 -27.18 -13.60
CA UNK C 63 10.62 -26.74 -12.78
C UNK C 63 10.16 -26.38 -11.36
N UNK C 64 9.13 -25.56 -11.29
CA UNK C 64 8.59 -25.13 -10.00
C UNK C 64 8.22 -26.33 -9.12
N UNK C 65 7.47 -27.26 -9.70
CA UNK C 65 7.05 -28.45 -8.97
C UNK C 65 8.25 -29.19 -8.40
N UNK C 66 9.25 -29.44 -9.25
CA UNK C 66 10.46 -30.15 -8.81
C UNK C 66 11.08 -29.44 -7.61
N UNK C 67 11.05 -28.13 -7.83
CA UNK C 67 11.61 -27.25 -6.80
C UNK C 67 10.83 -27.42 -5.50
N UNK C 68 9.57 -27.07 -5.57
CA UNK C 68 8.64 -27.14 -4.44
C UNK C 68 8.40 -28.59 -4.04
N UNK C 69 5.24 -29.85 -10.00
CA UNK C 69 5.05 -29.55 -8.57
C UNK C 69 4.11 -30.57 -7.94
N UNK C 70 3.01 -30.79 -8.64
CA UNK C 70 1.96 -31.73 -8.21
C UNK C 70 2.56 -33.13 -8.04
N UNK C 71 3.33 -33.52 -9.04
CA UNK C 71 4.00 -34.82 -9.08
C UNK C 71 4.90 -34.98 -7.85
N UNK C 72 5.66 -33.93 -7.60
CA UNK C 72 6.60 -33.87 -6.48
C UNK C 72 5.85 -34.09 -5.16
N UNK C 73 4.76 -33.37 -5.05
CA UNK C 73 3.88 -33.42 -3.86
C UNK C 73 3.41 -34.85 -3.63
N UNK C 74 2.96 -35.45 -4.72
CA UNK C 74 2.44 -36.83 -4.71
C UNK C 74 3.52 -37.79 -4.20
N UNK C 75 4.71 -37.60 -4.73
CA UNK C 75 5.89 -38.40 -4.37
C UNK C 75 6.16 -38.30 -2.88
N UNK C 76 6.04 -37.15 -2.40
CA UNK C 76 6.28 -36.83 -0.97
C UNK C 76 5.27 -37.57 -0.09
N UNK C 77 4.03 -37.63 -0.55
CA UNK C 77 3.01 -38.43 0.11
C UNK C 77 3.45 -39.89 0.23
N UNK C 78 3.54 -40.57 -0.90
CA UNK C 78 3.95 -41.97 -0.93
C UNK C 78 5.29 -42.16 -0.23
N UNK C 79 6.27 -41.34 -0.62
CA UNK C 79 7.60 -41.42 -0.04
C UNK C 79 7.56 -41.29 1.48
N UNK C 80 6.85 -40.28 1.96
CA UNK C 80 6.73 -40.05 3.40
C UNK C 80 6.19 -41.30 4.10
N UNK C 81 5.09 -41.84 3.58
CA UNK C 81 4.48 -43.02 4.16
C UNK C 81 5.48 -44.16 4.28
N UNK C 82 6.17 -44.44 3.18
CA UNK C 82 7.17 -45.51 3.16
C UNK C 82 8.21 -45.32 4.26
N UNK C 83 8.77 -44.13 4.33
CA UNK C 83 9.78 -43.82 5.34
C UNK C 83 9.26 -44.11 6.75
N UNK C 84 8.07 -43.59 7.05
CA UNK C 84 7.46 -43.78 8.35
C UNK C 84 7.35 -45.26 8.70
N UNK C 85 6.80 -46.04 7.77
CA UNK C 85 6.65 -47.47 7.97
C UNK C 85 7.97 -48.14 8.33
N UNK C 86 11.39 -20.09 -33.99
CA UNK C 86 10.09 -20.49 -33.46
C UNK C 86 9.90 -22.00 -33.61
N UNK C 87 10.13 -22.52 -34.80
CA UNK C 87 9.98 -23.95 -35.06
C UNK C 87 10.81 -24.77 -34.08
N UNK C 88 12.08 -24.42 -33.94
CA UNK C 88 12.98 -25.13 -33.04
C UNK C 88 12.41 -25.18 -31.63
N UNK C 89 12.01 -24.02 -31.12
CA UNK C 89 11.45 -23.93 -29.79
C UNK C 89 10.27 -24.88 -29.61
N UNK C 90 9.33 -24.83 -30.55
CA UNK C 90 8.16 -25.69 -30.49
C UNK C 90 8.54 -27.14 -30.20
N UNK C 91 9.51 -27.65 -30.96
CA UNK C 91 9.97 -29.02 -30.79
C UNK C 91 10.60 -29.23 -29.42
N UNK C 92 11.52 -28.34 -29.06
CA UNK C 92 12.21 -28.43 -27.77
C UNK C 92 11.23 -28.49 -26.62
N UNK C 93 10.28 -27.55 -26.61
CA UNK C 93 9.27 -27.50 -25.57
C UNK C 93 8.53 -28.82 -25.43
N UNK C 94 8.06 -29.34 -26.55
CA UNK C 94 7.33 -30.60 -26.57
C UNK C 94 8.15 -31.72 -25.92
N UNK C 95 9.39 -31.85 -26.36
CA UNK C 95 10.28 -32.87 -25.83
C UNK C 95 10.46 -32.85 -24.33
N UNK C 96 10.50 -31.59 -23.84
CA UNK C 96 10.50 -31.25 -22.41
C UNK C 96 9.22 -31.66 -21.67
N UNK C 97 8.05 -31.68 -22.32
CA UNK C 97 6.79 -32.18 -21.75
C UNK C 97 6.84 -33.70 -21.52
N UNK C 98 7.22 -34.47 -22.54
CA UNK C 98 7.44 -35.91 -22.35
C UNK C 98 8.51 -36.20 -21.29
N UNK C 99 9.57 -35.39 -21.12
CA UNK C 99 10.59 -35.52 -20.07
C UNK C 99 10.07 -35.25 -18.65
N UNK C 100 9.01 -34.47 -18.53
CA UNK C 100 8.33 -34.19 -17.28
C UNK C 100 7.44 -35.34 -16.95
N UNK C 101 6.82 -35.98 -17.93
CA UNK C 101 6.05 -37.16 -17.63
C UNK C 101 6.99 -38.28 -17.28
N UNK C 102 8.20 -38.37 -17.79
CA UNK C 102 9.14 -39.35 -17.27
C UNK C 102 9.62 -38.98 -15.87
N UNK C 103 9.90 -37.71 -15.59
CA UNK C 103 10.32 -37.29 -14.25
C UNK C 103 9.34 -37.66 -13.16
N UNK C 104 8.08 -37.41 -13.49
CA UNK C 104 6.98 -37.74 -12.62
C UNK C 104 6.80 -39.25 -12.48
N UNK C 105 6.95 -40.02 -13.55
CA UNK C 105 6.79 -41.46 -13.43
C UNK C 105 7.96 -42.16 -12.73
N UNK C 106 9.18 -41.52 -12.75
CA UNK C 106 10.36 -41.98 -12.05
C UNK C 106 10.12 -41.71 -10.57
N UNK C 107 9.92 -40.45 -10.24
CA UNK C 107 9.57 -40.07 -8.87
C UNK C 107 8.35 -40.82 -8.38
N UNK C 108 7.29 -40.81 -9.18
CA UNK C 108 6.05 -41.48 -8.83
C UNK C 108 6.30 -42.95 -8.52
N UNK C 109 7.06 -43.61 -9.38
CA UNK C 109 7.38 -45.03 -9.19
C UNK C 109 7.96 -45.29 -7.81
N UNK C 110 8.97 -44.50 -7.43
CA UNK C 110 9.61 -44.63 -6.13
C UNK C 110 8.59 -44.56 -5.00
N UNK C 111 7.75 -43.53 -5.04
CA UNK C 111 6.73 -43.34 -4.02
C UNK C 111 5.85 -44.58 -3.88
N UNK C 112 5.34 -45.07 -5.01
CA UNK C 112 4.49 -46.24 -5.02
C UNK C 112 5.16 -47.43 -4.34
N UNK C 113 6.40 -47.70 -4.73
CA UNK C 113 7.16 -48.81 -4.16
C UNK C 113 7.24 -48.69 -2.65
N UNK C 114 7.63 -47.51 -2.16
CA UNK C 114 7.74 -47.28 -0.73
C UNK C 114 6.44 -47.59 -0.01
N UNK C 115 5.34 -47.06 -0.52
CA UNK C 115 4.03 -47.29 0.07
C UNK C 115 3.73 -48.78 0.19
N UNK C 116 3.92 -49.51 -0.91
CA UNK C 116 3.67 -50.95 -0.92
C UNK C 116 4.47 -51.66 0.17
N UNK C 117 5.76 -51.37 0.24
CA UNK C 117 6.63 -51.98 1.24
C UNK C 117 6.09 -51.75 2.65
N UNK C 118 5.76 -50.50 2.96
CA UNK C 118 5.24 -50.15 4.27
C UNK C 118 4.01 -50.98 4.62
N UNK C 119 3.06 -51.02 3.69
CA UNK C 119 1.83 -51.79 3.89
C UNK C 119 2.13 -53.24 4.23
N UNK C 120 5.17 -14.14 -20.68
CA UNK C 120 3.80 -14.10 -20.29
C UNK C 120 3.44 -15.50 -19.76
N UNK C 121 3.99 -16.56 -20.37
CA UNK C 121 3.67 -17.91 -19.98
C UNK C 121 4.11 -18.29 -18.57
N UNK C 122 5.30 -17.74 -18.24
CA UNK C 122 5.90 -17.79 -16.91
C UNK C 122 5.10 -17.05 -15.82
N UNK C 123 4.38 -15.96 -16.15
CA UNK C 123 3.46 -15.27 -15.24
C UNK C 123 2.25 -16.13 -14.86
N UNK C 124 1.56 -16.69 -15.85
CA UNK C 124 0.50 -17.65 -15.56
C UNK C 124 1.00 -18.87 -14.77
N UNK C 125 2.23 -19.37 -14.97
CA UNK C 125 2.85 -20.45 -14.20
C UNK C 125 3.14 -20.11 -12.74
N UNK C 126 3.33 -18.83 -12.44
CA UNK C 126 3.51 -18.32 -11.10
C UNK C 126 2.18 -18.21 -10.43
N UNK C 127 1.13 -17.88 -11.14
CA UNK C 127 -0.18 -17.88 -10.54
C UNK C 127 -0.61 -19.32 -10.31
N UNK C 128 -0.20 -20.31 -11.09
CA UNK C 128 -0.47 -21.67 -10.72
C UNK C 128 0.39 -22.10 -9.53
N UNK C 129 1.68 -21.73 -9.48
CA UNK C 129 2.53 -22.08 -8.34
C UNK C 129 1.99 -21.61 -7.00
N UNK C 130 1.51 -20.38 -7.04
CA UNK C 130 0.90 -19.76 -5.88
C UNK C 130 -0.44 -20.42 -5.54
N UNK C 131 -1.26 -20.78 -6.52
CA UNK C 131 -2.53 -21.41 -6.21
C UNK C 131 -2.40 -22.87 -5.75
N UNK C 132 -1.31 -23.53 -6.13
CA UNK C 132 -0.98 -24.88 -5.69
C UNK C 132 -0.53 -24.76 -4.24
N UNK C 133 0.21 -23.68 -3.89
CA UNK C 133 0.57 -23.39 -2.51
C UNK C 133 -0.68 -22.99 -1.72
N UNK C 134 -1.70 -22.29 -2.27
CA UNK C 134 -2.89 -22.00 -1.48
C UNK C 134 -3.67 -23.29 -1.27
N UNK C 135 -3.65 -24.24 -2.23
CA UNK C 135 -4.31 -25.54 -2.03
C UNK C 135 -3.60 -26.35 -0.96
N UNK C 136 -2.23 -26.09 -0.91
CA UNK C 136 -1.43 -26.83 0.05
C UNK C 136 -1.62 -26.29 1.42
N UNK C 137 -1.60 -24.96 1.54
CA UNK C 137 -1.78 -24.30 2.82
C UNK C 137 -3.09 -24.71 3.46
N UNK C 138 -4.20 -24.39 2.80
CA UNK C 138 -5.52 -24.72 3.30
C UNK C 138 -5.64 -26.21 3.61
N UNK C 139 -5.26 -27.04 2.64
CA UNK C 139 -5.32 -28.48 2.79
C UNK C 139 -4.56 -28.94 4.04
N UNK C 140 -3.33 -28.47 4.18
CA UNK C 140 -2.50 -28.83 5.33
C UNK C 140 -3.20 -28.50 6.64
N UNK C 141 -3.70 -27.28 6.74
CA UNK C 141 -4.40 -26.84 7.95
C UNK C 141 -5.55 -27.79 8.29
N UNK C 142 -6.39 -28.08 7.31
CA UNK C 142 -7.53 -28.96 7.51
C UNK C 142 -7.09 -30.31 8.07
N UNK C 143 -6.08 -30.90 7.43
CA UNK C 143 -5.57 -32.20 7.87
C UNK C 143 -5.15 -32.16 9.33
N UNK C 144 -12.69 -6.48 -29.50
CA UNK C 144 -11.44 -6.78 -28.86
C UNK C 144 -11.12 -5.85 -27.72
N UNK C 145 -11.36 -4.53 -27.67
CA UNK C 145 -11.07 -3.71 -26.50
C UNK C 145 -11.78 -4.35 -25.29
N UNK C 146 -13.04 -4.73 -25.49
CA UNK C 146 -13.76 -5.47 -24.47
C UNK C 146 -13.21 -6.85 -24.07
N UNK C 147 -12.85 -7.71 -25.04
CA UNK C 147 -12.34 -9.00 -24.72
C UNK C 147 -11.05 -8.79 -23.91
N UNK C 148 -10.25 -7.78 -24.27
CA UNK C 148 -8.99 -7.53 -23.59
C UNK C 148 -9.11 -7.16 -22.13
N UNK C 149 -10.16 -6.36 -21.88
CA UNK C 149 -10.63 -5.97 -20.55
C UNK C 149 -11.12 -7.13 -19.68
N UNK C 150 -11.69 -8.21 -20.25
CA UNK C 150 -12.06 -9.43 -19.54
C UNK C 150 -10.84 -10.19 -19.04
N UNK C 151 -9.87 -10.45 -19.91
CA UNK C 151 -8.60 -11.03 -19.46
C UNK C 151 -7.89 -10.17 -18.40
N UNK C 152 -7.96 -8.82 -18.45
CA UNK C 152 -7.42 -7.90 -17.44
C UNK C 152 -8.12 -7.98 -16.08
N UNK C 153 -9.37 -8.39 -16.05
CA UNK C 153 -10.14 -8.62 -14.86
C UNK C 153 -9.77 -9.93 -14.27
N UNK C 154 -9.47 -10.93 -15.07
CA UNK C 154 -8.99 -12.17 -14.52
C UNK C 154 -7.59 -11.97 -14.01
N UNK C 155 -6.76 -11.09 -14.54
CA UNK C 155 -5.51 -10.80 -13.90
C UNK C 155 -5.71 -10.00 -12.62
N UNK C 156 -6.62 -9.02 -12.60
CA UNK C 156 -6.89 -8.24 -11.38
C UNK C 156 -7.30 -9.09 -10.20
N UNK C 157 -8.16 -10.04 -10.51
CA UNK C 157 -8.64 -10.99 -9.54
C UNK C 157 -7.54 -11.96 -9.10
N UNK C 158 -6.68 -12.41 -10.02
CA UNK C 158 -5.62 -13.33 -9.62
C UNK C 158 -4.47 -12.65 -8.86
N UNK C 159 -14.41 -13.45 -6.39
CA UNK C 159 -13.07 -14.04 -6.39
C UNK C 159 -12.26 -13.56 -5.18
N UNK C 160 -12.30 -12.26 -4.93
CA UNK C 160 -11.59 -11.68 -3.79
C UNK C 160 -11.96 -12.39 -2.50
N UNK C 161 -13.26 -12.63 -2.31
CA UNK C 161 -13.74 -13.30 -1.11
C UNK C 161 -13.12 -14.68 -0.99
N UNK C 162 -13.12 -15.43 -2.09
CA UNK C 162 -12.56 -16.76 -2.11
C UNK C 162 -11.20 -16.79 -1.42
N UNK C 163 -10.13 -16.57 -2.19
CA UNK C 163 -8.79 -16.57 -1.64
C UNK C 163 -8.82 -15.95 -0.25
N UNK C 164 -9.89 -15.21 0.03
CA UNK C 164 -10.07 -14.57 1.32
C UNK C 164 -10.53 -15.58 2.36
N UNK C 165 -11.24 -16.61 1.89
CA UNK C 165 -11.74 -17.65 2.77
C UNK C 165 -10.67 -18.70 3.03
N UNK C 166 -9.62 -18.70 2.21
CA UNK C 166 -8.42 -19.45 2.50
C UNK C 166 -7.59 -18.72 3.50
N UNK C 167 -7.57 -17.40 3.46
CA UNK C 167 -6.88 -16.67 4.48
C UNK C 167 -7.66 -16.77 5.78
N UNK C 168 -8.98 -16.89 5.78
CA UNK C 168 -9.67 -17.17 7.02
C UNK C 168 -9.41 -18.61 7.48
N UNK C 169 -9.41 -19.60 6.58
CA UNK C 169 -9.12 -20.99 6.96
C UNK C 169 -7.79 -21.17 7.65
N UNK C 170 -6.82 -20.49 7.09
CA UNK C 170 -5.47 -20.48 7.63
C UNK C 170 -5.41 -19.73 8.96
N UNK C 171 -6.11 -18.61 9.10
CA UNK C 171 -6.07 -17.89 10.37
C UNK C 171 -6.86 -18.57 11.50
N UNK C 172 -7.84 -19.40 11.14
CA UNK C 172 -8.61 -20.19 12.08
C UNK C 172 -7.70 -21.32 12.54
N UNK C 173 -6.87 -21.87 11.62
CA UNK C 173 -5.84 -22.85 11.98
C UNK C 173 -4.75 -22.17 12.80
N UNK C 174 -4.35 -20.90 12.60
CA UNK C 174 -3.35 -20.30 13.47
C UNK C 174 -3.96 -20.06 14.84
N UNK C 175 -4.38 -15.67 -32.61
CA UNK C 175 -4.00 -16.80 -31.78
C UNK C 175 -3.63 -16.35 -30.37
N UNK C 176 -2.76 -15.35 -30.29
CA UNK C 176 -2.32 -14.82 -29.00
C UNK C 176 -3.50 -14.39 -28.15
N UNK C 177 -4.39 -13.60 -28.73
CA UNK C 177 -5.57 -13.13 -28.02
C UNK C 177 -6.38 -14.28 -27.44
N UNK C 178 -6.66 -15.28 -28.28
CA UNK C 178 -7.42 -16.45 -27.85
C UNK C 178 -6.77 -17.10 -26.64
N UNK C 179 -5.47 -17.36 -26.72
CA UNK C 179 -4.74 -17.99 -25.64
C UNK C 179 -4.90 -17.22 -24.34
N UNK C 180 -4.68 -15.92 -24.41
CA UNK C 180 -4.81 -15.05 -23.23
C UNK C 180 -6.19 -15.20 -22.59
N UNK C 181 -7.22 -15.09 -23.40
CA UNK C 181 -8.60 -15.22 -22.92
C UNK C 181 -8.80 -16.53 -22.16
N UNK C 182 -8.36 -17.68 -22.62
CA UNK C 182 -8.49 -18.99 -22.01
C UNK C 182 -7.87 -19.02 -20.62
N UNK C 183 -6.58 -18.68 -20.55
CA UNK C 183 -5.82 -18.81 -19.30
C UNK C 183 -6.51 -18.15 -18.11
N UNK C 184 -7.24 -17.03 -18.26
CA UNK C 184 -8.04 -16.38 -17.21
C UNK C 184 -9.25 -17.20 -16.73
N UNK C 185 -9.77 -18.05 -17.58
CA UNK C 185 -10.84 -18.99 -17.26
C UNK C 185 -10.29 -20.14 -16.53
N UNK C 186 -9.08 -20.59 -16.83
CA UNK C 186 -8.49 -21.64 -16.05
C UNK C 186 -8.09 -21.08 -14.70
N UNK C 187 -7.76 -19.82 -14.54
CA UNK C 187 -7.58 -19.29 -13.21
C UNK C 187 -8.91 -19.14 -12.49
N UNK C 188 -9.97 -18.68 -13.16
CA UNK C 188 -11.30 -18.55 -12.53
C UNK C 188 -11.82 -19.85 -11.95
N UNK C 189 -11.61 -20.89 -12.74
CA UNK C 189 -11.99 -22.22 -12.34
C UNK C 189 -11.10 -22.75 -11.21
N UNK C 190 -9.81 -22.48 -11.23
CA UNK C 190 -8.95 -22.96 -10.15
C UNK C 190 -9.11 -22.18 -8.83
N UNK C 191 -9.59 -20.94 -8.91
CA UNK C 191 -9.91 -20.12 -7.77
C UNK C 191 -11.20 -20.69 -7.18
N UNK C 192 -12.14 -21.14 -8.03
CA UNK C 192 -13.35 -21.84 -7.58
C UNK C 192 -12.96 -23.21 -7.02
N UNK C 193 -11.96 -23.95 -7.53
CA UNK C 193 -11.62 -25.22 -6.90
C UNK C 193 -10.96 -24.95 -5.56
N UNK C 194 -10.22 -23.84 -5.38
CA UNK C 194 -9.66 -23.48 -4.08
C UNK C 194 -10.75 -23.10 -3.09
N UNK C 195 -11.86 -22.58 -3.65
CA UNK C 195 -12.96 -22.16 -2.81
C UNK C 195 -13.78 -23.32 -2.38
N UNK C 196 -14.02 -24.27 -3.29
CA UNK C 196 -14.71 -25.52 -2.98
C UNK C 196 -14.00 -26.26 -1.82
N UNK C 197 -12.68 -26.27 -1.86
CA UNK C 197 -11.83 -26.92 -0.88
C UNK C 197 -11.93 -26.25 0.49
N UNK C 198 -11.93 -24.90 0.58
CA UNK C 198 -12.01 -24.30 1.88
C UNK C 198 -13.38 -24.61 2.53
N UNK C 199 0.57 -24.26 -27.89
CA UNK C 199 1.21 -24.80 -26.71
C UNK C 199 0.57 -24.41 -25.39
N UNK C 200 0.13 -23.13 -25.40
CA UNK C 200 -0.67 -22.51 -24.34
C UNK C 200 -2.05 -23.14 -24.14
N UNK C 201 -3.02 -22.99 -25.17
CA UNK C 201 -4.26 -23.64 -24.84
C UNK C 201 -3.90 -24.97 -24.15
N UNK C 202 -2.84 -25.63 -24.61
CA UNK C 202 -2.45 -26.93 -24.05
C UNK C 202 -2.03 -26.90 -22.59
N UNK C 203 -1.33 -25.79 -22.28
CA UNK C 203 -0.92 -25.39 -20.94
C UNK C 203 -2.08 -25.09 -19.98
N UNK C 204 -3.22 -24.56 -20.47
CA UNK C 204 -4.45 -24.35 -19.69
C UNK C 204 -5.08 -25.69 -19.26
N UNK C 205 -5.29 -26.60 -20.20
CA UNK C 205 -5.75 -27.95 -19.84
C UNK C 205 -4.78 -28.66 -18.88
N UNK C 206 -3.45 -28.46 -18.97
CA UNK C 206 -2.44 -28.99 -18.03
C UNK C 206 -2.52 -28.41 -16.62
N UNK C 207 -3.03 -27.21 -16.47
CA UNK C 207 -3.27 -26.57 -15.21
C UNK C 207 -4.54 -27.10 -14.61
N UNK C 208 -5.54 -27.42 -15.41
CA UNK C 208 -6.71 -28.05 -14.85
C UNK C 208 -6.36 -29.47 -14.46
N UNK C 209 -5.44 -30.17 -15.10
CA UNK C 209 -5.01 -31.44 -14.57
C UNK C 209 -4.18 -31.26 -13.30
N UNK C 210 -3.27 -30.27 -13.24
CA UNK C 210 -2.48 -30.03 -12.03
C UNK C 210 -3.30 -29.80 -10.79
N UNK C 211 -4.34 -29.00 -11.00
CA UNK C 211 -5.30 -28.69 -9.96
C UNK C 211 -6.14 -29.90 -9.59
N UNK C 212 -6.56 -30.72 -10.55
CA UNK C 212 -7.36 -31.89 -10.20
C UNK C 212 -6.55 -33.03 -9.57
N UNK C 213 -5.25 -33.05 -9.81
CA UNK C 213 -4.33 -33.99 -9.20
C UNK C 213 -4.14 -33.53 -7.76
N UNK C 214 -4.09 -32.21 -7.51
CA UNK C 214 -4.08 -31.65 -6.16
C UNK C 214 -5.42 -31.89 -5.49
N UNK C 215 -6.60 -31.86 -6.16
CA UNK C 215 -7.83 -32.15 -5.46
C UNK C 215 -7.87 -33.64 -5.13
N UNK C 216 -7.28 -34.52 -5.95
CA UNK C 216 -7.21 -35.95 -5.61
C UNK C 216 -6.29 -36.19 -4.42
N UNK C 217 -5.31 -35.28 -4.28
CA UNK C 217 -4.34 -35.40 -3.21
C UNK C 217 -4.92 -34.92 -1.92
N UNK C 218 -5.66 -33.81 -1.97
CA UNK C 218 -6.37 -33.27 -0.81
C UNK C 218 -7.33 -34.34 -0.22
N UNK C 219 -7.99 -35.07 -1.10
CA UNK C 219 -8.94 -36.11 -0.74
C UNK C 219 -8.26 -37.30 -0.06
N UNK C 220 -7.08 -37.77 -0.56
CA UNK C 220 -6.47 -38.89 0.09
C UNK C 220 -6.04 -38.50 1.53
N UNK C 221 -5.21 -37.37 1.62
CA UNK C 221 -4.68 -36.80 2.87
C UNK C 221 -5.75 -36.36 3.86
N UNK C 222 -3.22 -47.07 -4.15
CA UNK C 222 -2.76 -47.65 -5.41
C UNK C 222 -3.62 -47.41 -6.66
N UNK C 223 -4.95 -47.60 -6.56
CA UNK C 223 -5.79 -47.39 -7.70
C UNK C 223 -5.66 -45.92 -8.12
N UNK C 224 -5.54 -45.01 -7.14
CA UNK C 224 -5.46 -43.60 -7.43
C UNK C 224 -4.23 -43.18 -8.22
N UNK C 225 -3.13 -43.86 -7.85
CA UNK C 225 -1.82 -43.80 -8.53
C UNK C 225 -1.84 -44.32 -9.97
N UNK C 226 -2.68 -45.31 -10.32
CA UNK C 226 -2.88 -45.78 -11.69
C UNK C 226 -3.54 -44.72 -12.57
N UNK C 227 -4.66 -44.16 -12.12
CA UNK C 227 -5.26 -43.03 -12.84
C UNK C 227 -4.30 -41.83 -12.97
N UNK C 228 -3.41 -41.54 -12.00
CA UNK C 228 -2.38 -40.50 -12.07
C UNK C 228 -1.29 -40.77 -13.10
N UNK C 229 -1.04 -42.03 -13.42
CA UNK C 229 -0.10 -42.45 -14.45
C UNK C 229 -0.74 -42.31 -15.78
N UNK C 230 -2.04 -42.54 -15.91
CA UNK C 230 -2.69 -42.29 -17.16
C UNK C 230 -2.79 -40.80 -17.38
N UNK C 231 -2.89 -39.96 -16.36
CA UNK C 231 -2.79 -38.53 -16.61
C UNK C 231 -1.36 -38.13 -16.96
N UNK C 232 -0.33 -38.68 -16.29
CA UNK C 232 1.06 -38.37 -16.63
C UNK C 232 1.43 -38.64 -18.06
N UNK C 233 0.95 -39.79 -18.51
CA UNK C 233 1.13 -40.22 -19.88
C UNK C 233 0.34 -39.34 -20.85
N UNK C 234 -0.88 -38.95 -20.52
CA UNK C 234 -1.65 -38.12 -21.43
C UNK C 234 -1.18 -36.66 -21.48
N UNK C 235 -0.51 -36.20 -20.43
CA UNK C 235 0.10 -34.89 -20.37
C UNK C 235 1.34 -34.95 -21.25
N UNK C 236 2.07 -36.09 -21.25
CA UNK C 236 3.18 -36.31 -22.18
C UNK C 236 2.65 -36.46 -23.59
N UNK C 237 1.48 -37.05 -23.89
CA UNK C 237 0.93 -36.98 -25.23
C UNK C 237 0.69 -35.52 -25.59
N UNK C 238 0.71 -34.58 -24.62
CA UNK C 238 0.57 -33.15 -24.93
C UNK C 238 1.78 -32.63 -25.69
N UNK C 239 2.93 -33.29 -25.42
CA UNK C 239 4.17 -32.88 -26.04
C UNK C 239 4.25 -33.38 -27.43
N UNK C 240 3.84 -34.63 -27.66
CA UNK C 240 3.76 -35.22 -28.99
C UNK C 240 2.89 -34.36 -29.92
N UNK C 241 1.78 -33.86 -29.39
CA UNK C 241 0.84 -33.03 -30.10
C UNK C 241 1.42 -31.68 -30.49
N UNK C 242 2.17 -31.00 -29.58
CA UNK C 242 2.70 -29.72 -29.97
C UNK C 242 3.73 -29.90 -31.12
N UNK C 243 -20.24 -13.70 -1.98
CA UNK C 243 -21.02 -14.19 -2.88
C UNK C 243 -21.12 -13.35 -4.14
N UNK C 244 -21.22 -12.02 -3.99
CA UNK C 244 -21.29 -11.16 -5.16
C UNK C 244 -20.03 -11.24 -5.99
N UNK C 245 -18.86 -11.27 -5.35
CA UNK C 245 -17.62 -11.38 -6.09
C UNK C 245 -17.54 -12.70 -6.85
N UNK C 246 -17.98 -13.84 -6.21
CA UNK C 246 -18.02 -15.10 -6.87
C UNK C 246 -18.96 -15.06 -8.07
N UNK C 247 -20.14 -14.40 -7.90
CA UNK C 247 -21.08 -14.29 -9.00
C UNK C 247 -20.47 -13.53 -10.17
N UNK C 248 -19.72 -12.46 -9.88
CA UNK C 248 -19.06 -11.73 -10.95
C UNK C 248 -18.06 -12.59 -11.65
N UNK C 249 -17.32 -13.52 -10.82
CA UNK C 249 -16.42 -14.44 -11.42
C UNK C 249 -17.13 -15.44 -12.30
N UNK C 250 -18.31 -15.95 -11.84
CA UNK C 250 -19.04 -16.90 -12.66
C UNK C 250 -19.50 -16.26 -13.96
N UNK C 251 -19.94 -15.00 -13.90
CA UNK C 251 -20.34 -14.30 -15.12
C UNK C 251 -19.18 -14.07 -16.02
N UNK C 252 -17.91 -13.66 -15.42
CA UNK C 252 -16.73 -13.48 -16.18
C UNK C 252 -16.30 -14.77 -16.87
N UNK C 253 -16.36 -15.90 -16.15
CA UNK C 253 -16.01 -17.19 -16.74
C UNK C 253 -16.94 -17.53 -17.88
N UNK C 254 -18.24 -17.24 -17.72
CA UNK C 254 -19.21 -17.49 -18.77
C UNK C 254 -18.93 -16.66 -19.97
N UNK C 255 -18.48 -15.28 -19.77
CA UNK C 255 -18.11 -14.43 -20.86
C UNK C 255 -16.94 -15.01 -21.63
N UNK C 256 -15.82 -15.61 -20.98
CA UNK C 256 -14.77 -16.22 -21.68
C UNK C 256 -15.25 -17.38 -22.53
N UNK C 257 -16.20 -18.19 -22.07
CA UNK C 257 -16.79 -19.27 -22.84
C UNK C 257 -17.56 -18.76 -24.01
N UNK C 258 -18.41 -17.67 -23.87
CA UNK C 258 -19.16 -17.04 -24.96
C UNK C 258 -18.22 -16.57 -26.07
N UNK C 259 -17.08 -16.01 -25.67
CA UNK C 259 -16.10 -15.52 -26.62
C UNK C 259 -15.69 -16.60 -27.60
N UNK C 260 -15.33 -17.77 -27.07
CA UNK C 260 -14.93 -18.89 -27.90
C UNK C 260 -15.98 -19.23 -28.94
N UNK C 261 -17.23 -19.37 -28.49
CA UNK C 261 -18.33 -19.69 -29.38
C UNK C 261 -18.43 -18.69 -30.52
N UNK C 262 -18.42 -17.41 -30.18
CA UNK C 262 -18.51 -16.35 -31.18
C UNK C 262 -17.42 -16.49 -32.23
N UNK C 263 -16.19 -16.65 -31.78
CA UNK C 263 -15.06 -16.81 -32.69
C UNK C 263 -15.28 -17.96 -33.66
N UNK C 264 -15.66 -19.11 -33.14
CA UNK C 264 -15.90 -20.29 -33.96
C UNK C 264 -16.93 -19.98 -35.05
N UNK C 265 -20.03 -31.15 -0.98
CA UNK C 265 -20.70 -30.30 0.01
C UNK C 265 -19.92 -28.99 0.19
N UNK C 266 -18.62 -29.17 0.34
CA UNK C 266 -17.68 -28.05 0.54
C UNK C 266 -17.79 -27.07 -0.64
N UNK C 267 -17.77 -27.65 -1.82
CA UNK C 267 -17.86 -26.91 -3.08
C UNK C 267 -19.14 -26.07 -3.12
N UNK C 268 -20.22 -26.73 -2.74
CA UNK C 268 -21.55 -26.13 -2.70
C UNK C 268 -21.54 -24.91 -1.76
N UNK C 269 -20.96 -25.13 -0.60
CA UNK C 269 -20.83 -24.11 0.45
C UNK C 269 -20.09 -22.88 -0.11
N UNK C 270 -18.99 -23.19 -0.77
CA UNK C 270 -18.13 -22.17 -1.38
C UNK C 270 -18.93 -21.33 -2.37
N UNK C 271 -19.67 -22.03 -3.20
CA UNK C 271 -20.52 -21.43 -4.24
C UNK C 271 -21.52 -20.46 -3.59
N UNK C 272 -22.14 -20.96 -2.54
CA UNK C 272 -23.14 -20.20 -1.77
C UNK C 272 -22.53 -18.90 -1.25
N UNK C 273 -21.34 -19.06 -0.68
CA UNK C 273 -20.57 -17.94 -0.12
C UNK C 273 -20.32 -16.88 -1.19
N UNK C 274 -19.89 -17.37 -2.34
CA UNK C 274 -19.59 -16.53 -3.51
C UNK C 274 -20.83 -15.72 -3.90
N UNK C 275 -2.26 -21.80 -37.51
CA UNK C 275 -3.19 -20.98 -36.74
C UNK C 275 -4.49 -21.71 -36.48
N UNK C 276 -5.35 -21.76 -37.48
CA UNK C 276 -6.64 -22.44 -37.35
C UNK C 276 -6.55 -23.55 -36.31
N UNK C 277 -5.82 -24.61 -36.64
CA UNK C 277 -5.65 -25.74 -35.74
C UNK C 277 -5.44 -25.24 -34.32
N UNK C 278 -4.34 -24.51 -34.11
CA UNK C 278 -4.02 -23.97 -32.79
C UNK C 278 -5.25 -23.30 -32.18
N UNK C 279 -5.47 -22.04 -32.54
CA UNK C 279 -6.61 -21.29 -32.03
C UNK C 279 -7.82 -22.22 -31.88
N UNK C 280 -8.20 -22.85 -32.98
CA UNK C 280 -9.33 -23.77 -32.97
C UNK C 280 -9.11 -24.86 -31.93
N UNK C 281 -7.84 -25.26 -31.77
CA UNK C 281 -7.48 -26.28 -30.80
C UNK C 281 -7.48 -25.67 -29.39
N UNK C 282 -7.25 -24.36 -29.32
CA UNK C 282 -7.23 -23.65 -28.05
C UNK C 282 -8.65 -23.35 -27.60
N UNK C 283 -9.54 -23.16 -28.57
CA UNK C 283 -10.94 -22.87 -28.29
C UNK C 283 -11.73 -24.17 -28.15
N UNK C 284 -11.32 -25.19 -28.91
CA UNK C 284 -11.99 -26.49 -28.88
C UNK C 284 -11.60 -27.22 -27.61
N UNK C 285 -10.38 -26.98 -27.13
CA UNK C 285 -9.89 -27.62 -25.92
C UNK C 285 -10.57 -27.02 -24.70
N UNK C 286 -11.03 -25.78 -24.84
CA UNK C 286 -11.81 -25.13 -23.79
C UNK C 286 -12.99 -26.01 -23.37
N UNK C 287 -13.79 -26.43 -24.33
CA UNK C 287 -14.95 -27.28 -24.05
C UNK C 287 -14.55 -28.48 -23.22
N UNK C 288 -13.46 -29.14 -23.60
CA UNK C 288 -12.98 -30.31 -22.87
C UNK C 288 -12.45 -29.92 -21.49
N UNK C 289 -11.74 -28.81 -21.43
CA UNK C 289 -11.19 -28.33 -20.17
C UNK C 289 -12.30 -28.00 -19.17
N UNK C 290 -13.30 -27.25 -19.63
CA UNK C 290 -14.42 -26.88 -18.78
C UNK C 290 -15.15 -28.11 -18.25
N UNK C 291 -15.33 -29.11 -19.11
CA UNK C 291 -16.00 -30.33 -18.73
C UNK C 291 -15.22 -31.08 -17.70
N UNK C 292 -13.76 -31.09 -17.81
CA UNK C 292 -12.94 -31.71 -16.81
C UNK C 292 -13.12 -31.05 -15.46
N UNK C 293 -13.22 -29.71 -15.38
CA UNK C 293 -13.45 -29.04 -14.10
C UNK C 293 -14.77 -29.45 -13.50
N UNK C 294 -15.84 -29.65 -14.29
CA UNK C 294 -17.14 -30.11 -13.80
C UNK C 294 -17.06 -31.50 -13.32
N UNK C 295 -16.26 -32.56 -14.04
CA UNK C 295 -16.02 -33.87 -13.62
C UNK C 295 -15.35 -33.92 -12.26
N UNK C 296 -14.37 -33.03 -12.02
CA UNK C 296 -13.70 -32.99 -10.72
C UNK C 296 -14.67 -32.67 -9.61
N UNK C 297 -15.63 -31.77 -9.84
CA UNK C 297 -16.63 -31.45 -8.83
C UNK C 297 -17.50 -32.63 -8.55
N UNK C 298 -17.92 -33.53 -9.63
CA UNK C 298 -18.70 -34.74 -9.44
C UNK C 298 -17.94 -35.77 -8.64
N UNK C 299 -16.65 -35.92 -8.95
CA UNK C 299 -15.81 -36.88 -8.25
C UNK C 299 -15.84 -36.64 -6.74
N UNK C 300 -15.62 -35.40 -6.33
CA UNK C 300 -15.63 -35.04 -4.92
C UNK C 300 -16.93 -35.48 -4.25
N UNK C 301 -18.05 -35.13 -4.86
CA UNK C 301 -19.36 -35.47 -4.32
C UNK C 301 -19.49 -36.97 -4.10
N UNK C 302 -11.46 -44.03 -7.33
CA UNK C 302 -11.82 -44.35 -8.71
C UNK C 302 -12.12 -43.08 -9.50
N UNK C 303 -12.97 -42.23 -8.94
CA UNK C 303 -13.35 -40.98 -9.60
C UNK C 303 -12.12 -40.15 -9.94
N UNK C 304 -11.24 -39.96 -8.97
CA UNK C 304 -10.02 -39.20 -9.16
C UNK C 304 -9.21 -39.74 -10.34
N UNK C 305 -8.98 -41.04 -10.33
CA UNK C 305 -8.22 -41.69 -11.38
C UNK C 305 -8.83 -41.57 -12.77
N UNK C 306 -10.15 -41.60 -12.90
CA UNK C 306 -11.03 -41.39 -14.07
C UNK C 306 -10.97 -39.98 -14.65
N UNK C 307 -10.74 -38.93 -13.85
CA UNK C 307 -10.53 -37.55 -14.31
C UNK C 307 -9.22 -37.41 -15.10
N UNK C 308 -8.11 -37.87 -14.54
CA UNK C 308 -6.86 -37.92 -15.30
C UNK C 308 -6.97 -38.76 -16.58
N UNK C 309 -7.76 -39.85 -16.63
CA UNK C 309 -8.02 -40.66 -17.83
C UNK C 309 -8.84 -39.94 -18.91
N UNK C 310 -9.64 -38.96 -18.52
CA UNK C 310 -10.39 -38.12 -19.41
C UNK C 310 -9.49 -37.07 -19.97
N UNK C 311 -8.55 -36.57 -19.22
CA UNK C 311 -7.60 -35.64 -19.79
C UNK C 311 -6.68 -36.39 -20.71
N UNK C 312 -6.44 -37.67 -20.47
CA UNK C 312 -5.70 -38.51 -21.40
C UNK C 312 -6.53 -38.64 -22.67
N UNK C 313 -7.75 -39.14 -22.52
CA UNK C 313 -8.65 -39.33 -23.65
C UNK C 313 -8.93 -38.01 -24.40
N UNK C 314 -8.61 -36.86 -23.80
CA UNK C 314 -8.91 -35.57 -24.46
C UNK C 314 -7.81 -34.53 -24.60
N UNK C 315 -6.60 -34.93 -24.98
CA UNK C 315 -6.28 -36.33 -25.16
C UNK C 315 -6.41 -36.71 -26.62
N UNK C 316 -7.44 -37.49 -26.88
CA UNK C 316 -7.70 -37.96 -28.22
C UNK C 316 -7.95 -36.82 -29.23
N UNK C 317 -8.32 -35.60 -28.82
CA UNK C 317 -8.55 -34.51 -29.76
C UNK C 317 -7.18 -33.95 -30.17
N UNK C 318 -6.45 -33.46 -29.17
CA UNK C 318 -5.11 -32.92 -29.40
C UNK C 318 -4.37 -33.81 -30.40
N UNK C 319 -4.61 -35.12 -30.28
CA UNK C 319 -3.99 -36.08 -31.17
C UNK C 319 -4.65 -36.01 -32.53
N UNK C 320 -5.96 -35.78 -32.53
CA UNK C 320 -6.66 -35.62 -33.80
C UNK C 320 -6.06 -34.47 -34.62
N UNK C 321 -5.91 -33.31 -33.98
CA UNK C 321 -5.36 -32.15 -34.64
C UNK C 321 -4.00 -32.45 -35.26
N UNK C 322 -3.11 -33.04 -34.46
CA UNK C 322 -1.78 -33.39 -34.93
C UNK C 322 -1.83 -34.26 -36.18
N UNK C 323 -2.64 -35.31 -36.13
CA UNK C 323 -2.79 -36.22 -37.25
C UNK C 323 -3.20 -35.47 -38.52
N UNK C 324 -4.23 -34.65 -38.40
CA UNK C 324 -4.72 -33.87 -39.52
C UNK C 324 -3.61 -33.04 -40.15
N UNK C 325 -29.07 -40.45 -6.33
CA UNK C 325 -29.74 -40.06 -7.56
C UNK C 325 -29.15 -38.79 -8.15
N UNK C 326 -29.00 -37.76 -7.32
CA UNK C 326 -28.44 -36.50 -7.74
C UNK C 326 -27.07 -36.69 -8.39
N UNK C 327 -26.20 -37.41 -7.70
CA UNK C 327 -24.85 -37.68 -8.20
C UNK C 327 -24.89 -38.30 -9.59
N UNK C 328 -25.70 -39.34 -9.74
CA UNK C 328 -25.82 -40.03 -11.02
C UNK C 328 -26.22 -39.07 -12.13
N UNK C 329 -27.26 -38.28 -11.87
CA UNK C 329 -27.73 -37.30 -12.85
C UNK C 329 -26.61 -36.38 -13.30
N UNK C 330 -25.91 -35.81 -12.33
CA UNK C 330 -24.80 -34.90 -12.63
C UNK C 330 -23.77 -35.55 -13.54
N UNK C 331 -23.35 -36.75 -13.19
CA UNK C 331 -22.37 -37.48 -13.98
C UNK C 331 -22.84 -37.64 -15.43
N UNK C 332 -24.06 -38.09 -15.60
CA UNK C 332 -24.63 -38.27 -16.94
C UNK C 332 -24.55 -36.98 -17.75
N UNK C 333 -25.01 -35.89 -17.16
CA UNK C 333 -25.00 -34.61 -17.83
C UNK C 333 -23.65 -34.10 -18.37
N UNK C 334 -22.56 -34.17 -17.59
CA UNK C 334 -21.26 -33.87 -18.11
C UNK C 334 -20.95 -34.90 -19.21
N UNK C 335 -21.30 -36.17 -18.97
CA UNK C 335 -20.92 -37.24 -19.88
C UNK C 335 -21.36 -37.04 -21.32
N UNK C 336 -22.57 -36.46 -21.41
CA UNK C 336 -23.12 -35.85 -22.61
C UNK C 336 -22.34 -34.63 -23.13
N UNK C 337 -21.71 -33.84 -22.26
CA UNK C 337 -20.82 -32.73 -22.64
C UNK C 337 -19.54 -33.24 -23.32
N UNK C 338 -18.84 -34.18 -22.70
CA UNK C 338 -17.70 -34.81 -23.36
C UNK C 338 -18.09 -35.49 -24.68
N UNK C 339 -19.29 -36.07 -24.85
CA UNK C 339 -19.80 -36.64 -26.09
C UNK C 339 -20.07 -35.62 -27.20
N UNK C 340 -20.33 -34.38 -26.83
CA UNK C 340 -20.50 -33.27 -27.74
C UNK C 340 -19.16 -32.78 -28.17
N UNK C 341 -18.16 -32.80 -27.33
CA UNK C 341 -16.83 -32.45 -27.77
C UNK C 341 -16.30 -33.55 -28.65
N UNK C 342 -16.66 -34.81 -28.50
CA UNK C 342 -16.28 -35.78 -29.49
C UNK C 342 -17.06 -35.60 -30.79
N UNK C 343 -18.37 -35.31 -30.73
CA UNK C 343 -19.15 -35.08 -31.95
C UNK C 343 -18.61 -33.98 -32.82
N UNK C 344 -18.22 -32.91 -32.15
CA UNK C 344 -17.62 -31.76 -32.79
C UNK C 344 -16.22 -32.10 -33.33
N UNK C 345 -15.41 -32.87 -32.61
CA UNK C 345 -14.09 -33.20 -33.11
C UNK C 345 -14.10 -34.24 -34.25
N UNK C 346 -15.15 -35.03 -34.32
CA UNK C 346 -15.36 -36.00 -35.39
C UNK C 346 -15.78 -35.18 -36.62
N UNK C 347 -16.59 -34.11 -36.43
CA UNK C 347 -16.91 -33.17 -37.50
C UNK C 347 -15.67 -32.37 -37.89
N UNK C 348 -14.72 -32.00 -37.00
CA UNK C 348 -13.54 -31.29 -37.46
C UNK C 348 -12.65 -32.27 -38.23
N UNK C 349 -12.64 -33.57 -37.90
CA UNK C 349 -11.88 -34.56 -38.67
C UNK C 349 -12.49 -34.76 -40.05
N UNK C 350 -13.82 -34.53 -40.11
CA UNK C 350 -14.53 -34.72 -41.36
C UNK C 350 -14.34 -33.55 -42.26
N UNK C 351 -9.21 -43.28 -43.77
CA UNK C 351 -9.27 -42.28 -42.73
C UNK C 351 -10.66 -42.07 -42.19
N UNK C 352 -11.81 -42.08 -42.89
CA UNK C 352 -13.13 -41.91 -42.28
C UNK C 352 -13.25 -42.99 -41.19
N UNK C 353 -12.87 -44.21 -41.53
CA UNK C 353 -12.82 -45.28 -40.54
C UNK C 353 -11.86 -45.10 -39.35
N UNK C 354 -10.61 -44.69 -39.60
CA UNK C 354 -9.68 -44.51 -38.51
C UNK C 354 -10.25 -43.43 -37.59
N UNK C 355 -10.89 -42.40 -38.17
CA UNK C 355 -11.42 -41.31 -37.38
C UNK C 355 -12.53 -41.69 -36.41
N UNK C 356 -13.36 -42.61 -36.92
CA UNK C 356 -14.42 -43.30 -36.20
C UNK C 356 -13.93 -44.18 -35.04
N UNK C 357 -12.74 -44.79 -35.13
CA UNK C 357 -12.10 -45.54 -34.03
C UNK C 357 -11.70 -44.62 -32.87
N UNK C 358 -10.98 -43.54 -33.17
CA UNK C 358 -10.70 -42.54 -32.13
C UNK C 358 -11.97 -41.95 -31.51
N UNK C 359 -13.08 -41.76 -32.25
CA UNK C 359 -14.38 -41.31 -31.74
C UNK C 359 -15.08 -42.31 -30.81
N UNK C 360 -14.78 -43.58 -30.95
CA UNK C 360 -15.25 -44.64 -30.09
C UNK C 360 -14.45 -44.66 -28.84
N UNK C 361 -13.17 -44.37 -28.89
CA UNK C 361 -12.41 -44.26 -27.67
C UNK C 361 -12.82 -43.01 -26.94
N UNK C 362 -13.25 -41.93 -27.59
CA UNK C 362 -13.80 -40.83 -26.83
C UNK C 362 -15.17 -41.18 -26.27
N UNK C 363 -16.04 -41.87 -27.03
CA UNK C 363 -17.36 -42.28 -26.51
C UNK C 363 -17.29 -43.14 -25.27
N UNK C 364 -16.22 -43.91 -25.23
CA UNK C 364 -16.02 -44.87 -24.17
C UNK C 364 -15.74 -44.18 -22.83
N UNK C 365 -14.99 -43.09 -22.72
CA UNK C 365 -14.72 -42.42 -21.45
C UNK C 365 -16.00 -41.95 -20.71
N UNK C 366 -16.98 -41.50 -21.48
CA UNK C 366 -18.27 -41.13 -20.91
C UNK C 366 -18.87 -42.29 -20.13
N UNK C 367 -18.90 -43.48 -20.73
CA UNK C 367 -19.48 -44.64 -20.10
C UNK C 367 -18.84 -44.91 -18.74
N UNK C 368 -17.50 -44.92 -18.71
CA UNK C 368 -16.77 -45.16 -17.47
C UNK C 368 -17.19 -44.18 -16.38
N UNK C 369 -17.21 -42.90 -16.72
CA UNK C 369 -17.59 -41.86 -15.78
C UNK C 369 -19.00 -42.11 -15.22
N UNK C 370 -20.00 -41.96 -16.09
CA UNK C 370 -21.34 -42.42 -15.77
C UNK C 370 -21.35 -43.89 -15.38
N UNK C 371 -20.64 -44.71 -16.14
CA UNK C 371 -20.84 -46.15 -16.12
C UNK C 371 -20.74 -46.68 -14.69
N UNK C 372 -19.72 -46.24 -13.97
CA UNK C 372 -19.52 -46.68 -12.59
C UNK C 372 -20.75 -46.43 -11.74
N UNK C 373 -21.27 -45.20 -11.81
CA UNK C 373 -22.46 -44.83 -11.05
C UNK C 373 -23.60 -45.83 -11.27
N UNK C 374 -24.44 -45.54 -12.25
CA UNK C 374 -25.58 -46.41 -12.56
C UNK C 374 -25.11 -47.83 -12.84
N UNK C 375 -24.13 -47.97 -13.73
CA UNK C 375 -23.58 -49.28 -14.09
C UNK C 375 -23.12 -50.03 -12.85
N UNK C 376 -22.32 -49.38 -12.02
CA UNK C 376 -21.81 -49.99 -10.81
C UNK C 376 -22.93 -50.53 -9.94
N UNK C 377 -23.94 -49.68 -9.69
CA UNK C 377 -25.08 -50.07 -8.88
C UNK C 377 -25.73 -51.34 -9.42
N UNK C 378 -26.04 -51.34 -10.70
CA UNK C 378 -26.68 -52.48 -11.34
C UNK C 378 -25.87 -53.76 -11.12
N UNK D 1 -14.56 -58.05 -10.23
CA UNK D 1 -14.74 -56.83 -11.00
C UNK D 1 -13.44 -56.03 -11.09
N UNK D 2 -13.10 -55.39 -9.97
CA UNK D 2 -11.87 -54.60 -9.91
C UNK D 2 -10.83 -55.13 -10.91
N UNK D 3 -10.36 -56.35 -10.68
CA UNK D 3 -9.41 -56.98 -11.59
C UNK D 3 -9.81 -56.71 -13.04
N UNK D 4 -11.06 -56.27 -13.21
CA UNK D 4 -11.57 -55.93 -14.54
C UNK D 4 -11.67 -54.42 -14.68
N UNK D 5 -11.85 -53.74 -13.56
CA UNK D 5 -11.95 -52.28 -13.54
C UNK D 5 -10.57 -51.68 -13.75
N UNK D 6 -9.56 -52.29 -13.15
CA UNK D 6 -8.19 -51.83 -13.30
C UNK D 6 -7.66 -52.21 -14.68
N UNK D 7 -8.10 -53.34 -15.21
CA UNK D 7 -7.83 -53.66 -16.61
C UNK D 7 -8.36 -52.64 -17.62
N UNK D 8 -9.49 -51.96 -17.35
CA UNK D 8 -10.03 -50.86 -18.15
C UNK D 8 -9.11 -49.63 -18.11
N UNK D 9 -8.75 -49.17 -16.92
CA UNK D 9 -7.75 -48.10 -16.81
C UNK D 9 -6.41 -48.47 -17.46
N UNK D 10 -5.94 -49.73 -17.44
CA UNK D 10 -4.74 -50.21 -18.13
C UNK D 10 -4.83 -50.19 -19.66
N UNK D 11 -6.03 -50.27 -20.20
CA UNK D 11 -6.30 -50.15 -21.61
C UNK D 11 -6.29 -48.71 -22.00
N UNK D 12 -6.75 -47.81 -21.16
CA UNK D 12 -6.64 -46.41 -21.47
C UNK D 12 -5.19 -46.00 -21.35
N UNK D 13 -4.36 -46.59 -20.51
CA UNK D 13 -2.94 -46.29 -20.58
C UNK D 13 -2.31 -46.90 -21.83
N UNK D 14 -2.73 -48.11 -22.17
CA UNK D 14 -2.21 -48.78 -23.35
C UNK D 14 -2.38 -47.90 -24.59
N UNK D 15 -3.60 -47.42 -24.80
CA UNK D 15 -3.90 -46.56 -25.93
C UNK D 15 -3.14 -45.23 -25.84
N UNK D 16 -3.11 -44.66 -24.64
CA UNK D 16 -2.42 -43.40 -24.42
C UNK D 16 -0.96 -43.53 -24.81
N UNK D 17 -0.33 -44.62 -24.39
CA UNK D 17 1.07 -44.88 -24.70
C UNK D 17 1.26 -44.91 -26.21
N UNK D 18 0.29 -45.51 -26.90
CA UNK D 18 0.34 -45.59 -28.35
C UNK D 18 0.00 -44.25 -28.97
N UNK D 19 -0.73 -43.44 -28.21
CA UNK D 19 -1.13 -42.11 -28.66
C UNK D 19 0.09 -41.21 -28.83
N UNK D 20 1.00 -41.29 -27.86
CA UNK D 20 2.22 -40.48 -27.89
C UNK D 20 3.07 -40.84 -29.09
N UNK D 21 3.23 -42.14 -29.34
CA UNK D 21 3.98 -42.62 -30.49
C UNK D 21 3.40 -42.07 -31.79
N UNK D 22 2.09 -42.24 -31.96
CA UNK D 22 1.41 -41.76 -33.16
C UNK D 22 1.67 -40.27 -33.39
N UNK D 23 1.48 -39.48 -32.34
CA UNK D 23 1.68 -38.03 -32.43
C UNK D 23 3.09 -37.72 -32.92
N UNK D 24 4.08 -38.33 -32.29
CA UNK D 24 5.48 -38.12 -32.66
C UNK D 24 5.70 -38.38 -34.14
N UNK D 25 5.23 -39.55 -34.60
CA UNK D 25 5.39 -39.93 -36.00
C UNK D 25 4.81 -38.86 -36.93
N UNK D 26 3.59 -38.44 -36.65
CA UNK D 26 2.92 -37.42 -37.46
C UNK D 26 3.77 -36.16 -37.55
N UNK D 27 0.03 -45.08 -43.58
CA UNK D 27 0.10 -44.67 -42.18
C UNK D 27 -1.25 -44.78 -41.49
N UNK D 28 -2.12 -43.80 -41.73
CA UNK D 28 -3.44 -43.79 -41.13
C UNK D 28 -3.93 -45.21 -40.84
N UNK D 29 -4.26 -45.94 -41.89
CA UNK D 29 -4.74 -47.31 -41.75
C UNK D 29 -3.94 -48.07 -40.71
N UNK D 30 -2.64 -47.79 -40.63
CA UNK D 30 -1.75 -48.44 -39.67
C UNK D 30 -2.14 -48.09 -38.24
N UNK D 31 -2.38 -46.80 -38.00
CA UNK D 31 -2.77 -46.33 -36.67
C UNK D 31 -4.15 -46.84 -36.28
N UNK D 32 -5.05 -46.92 -37.26
CA UNK D 32 -6.40 -47.39 -37.01
C UNK D 32 -6.42 -48.89 -36.76
N UNK D 33 -5.50 -49.60 -37.40
CA UNK D 33 -5.41 -51.06 -37.25
C UNK D 33 -5.08 -51.44 -35.81
N UNK D 34 -4.14 -50.71 -35.21
CA UNK D 34 -3.73 -50.97 -33.83
C UNK D 34 -4.74 -50.41 -32.85
N UNK D 35 -5.55 -49.45 -33.26
CA UNK D 35 -6.74 -49.03 -32.51
C UNK D 35 -7.87 -50.05 -32.49
N UNK D 36 -7.94 -50.90 -33.50
CA UNK D 36 -8.89 -52.00 -33.59
C UNK D 36 -8.42 -53.13 -32.75
N UNK D 37 -7.13 -53.36 -32.67
CA UNK D 37 -6.65 -54.38 -31.77
C UNK D 37 -6.80 -53.90 -30.34
N UNK D 38 -6.74 -52.62 -30.03
CA UNK D 38 -7.09 -52.19 -28.69
C UNK D 38 -8.59 -52.30 -28.45
N UNK D 39 -9.45 -51.94 -29.42
CA UNK D 39 -10.89 -52.06 -29.26
C UNK D 39 -11.36 -53.46 -28.93
N UNK D 40 -10.75 -54.39 -29.65
CA UNK D 40 -10.99 -55.81 -29.45
C UNK D 40 -10.45 -56.30 -28.11
N UNK D 41 -9.27 -55.83 -27.68
CA UNK D 41 -8.74 -56.28 -26.40
C UNK D 41 -9.44 -55.65 -25.19
N UNK D 42 -10.07 -54.51 -25.38
CA UNK D 42 -10.87 -53.84 -24.37
C UNK D 42 -12.17 -54.64 -24.26
N UNK D 43 -12.71 -55.14 -25.40
CA UNK D 43 -13.85 -56.05 -25.40
C UNK D 43 -13.45 -57.39 -24.80
N UNK D 44 -12.23 -57.94 -24.97
CA UNK D 44 -11.89 -59.19 -24.32
C UNK D 44 -11.75 -58.95 -22.82
N UNK D 45 -11.31 -57.77 -22.37
CA UNK D 45 -11.25 -57.45 -20.94
C UNK D 45 -12.65 -57.34 -20.35
N UNK D 46 -13.59 -56.93 -21.23
CA UNK D 46 -14.96 -56.74 -20.79
C UNK D 46 -15.67 -58.04 -20.69
N UNK D 47 -15.44 -58.93 -21.67
CA UNK D 47 -15.98 -60.29 -21.65
C UNK D 47 -15.57 -61.03 -20.35
N UNK D 48 -14.32 -60.83 -19.96
CA UNK D 48 -13.74 -61.44 -18.77
C UNK D 48 -14.38 -60.93 -17.48
N UNK D 49 -11.04 -69.12 -16.05
CA UNK D 49 -10.45 -67.94 -15.41
C UNK D 49 -8.94 -67.91 -15.58
N UNK D 50 -8.29 -69.03 -15.27
CA UNK D 50 -6.84 -69.13 -15.40
C UNK D 50 -6.39 -68.78 -16.81
N UNK D 51 -7.02 -69.39 -17.81
CA UNK D 51 -6.68 -69.14 -19.19
C UNK D 51 -6.75 -67.66 -19.52
N UNK D 52 -7.86 -67.03 -19.16
CA UNK D 52 -8.06 -65.60 -19.41
C UNK D 52 -6.91 -64.78 -18.83
N UNK D 53 -6.61 -65.03 -17.56
CA UNK D 53 -5.53 -64.31 -16.88
C UNK D 53 -4.22 -64.42 -17.64
N UNK D 54 -3.86 -65.64 -18.00
CA UNK D 54 -2.62 -65.89 -18.74
C UNK D 54 -2.58 -65.05 -20.02
N UNK D 55 -3.64 -65.11 -20.80
CA UNK D 55 -3.72 -64.37 -22.05
C UNK D 55 -3.48 -62.89 -21.82
N UNK D 56 -4.18 -62.32 -20.86
CA UNK D 56 -4.09 -60.91 -20.59
C UNK D 56 -2.63 -60.50 -20.76
N UNK D 57 -1.61 -61.26 -20.39
CA UNK D 57 -0.20 -60.94 -20.47
C UNK D 57 0.34 -60.75 -21.87
N UNK D 58 -0.21 -61.61 -22.76
CA UNK D 58 -0.01 -61.58 -24.20
C UNK D 58 -0.56 -60.33 -24.88
N UNK D 59 -1.65 -59.70 -24.38
CA UNK D 59 -2.30 -58.55 -24.99
C UNK D 59 -1.40 -57.30 -24.96
N UNK D 60 -0.88 -56.95 -23.80
CA UNK D 60 0.11 -55.87 -23.72
C UNK D 60 1.34 -56.14 -24.59
N UNK D 61 1.82 -57.38 -24.77
CA UNK D 61 2.93 -57.76 -25.67
C UNK D 61 2.61 -57.59 -27.16
N UNK D 62 1.35 -57.65 -27.53
CA UNK D 62 0.88 -57.40 -28.87
C UNK D 62 0.81 -55.93 -29.11
N UNK D 63 0.46 -55.14 -28.11
CA UNK D 63 0.51 -53.71 -28.30
C UNK D 63 1.95 -53.27 -28.35
N UNK D 64 2.91 -53.92 -27.70
CA UNK D 64 4.29 -53.57 -27.94
C UNK D 64 4.75 -54.03 -29.32
N UNK D 65 4.36 -55.24 -29.77
CA UNK D 65 4.74 -55.72 -31.11
C UNK D 65 4.32 -54.79 -32.23
N UNK D 66 3.10 -54.32 -32.08
CA UNK D 66 2.52 -53.37 -33.01
C UNK D 66 3.20 -52.00 -32.91
N UNK D 67 3.54 -51.53 -31.73
CA UNK D 67 4.20 -50.23 -31.63
C UNK D 67 5.67 -50.25 -32.06
N UNK D 68 6.30 -51.42 -32.01
CA UNK D 68 7.65 -51.62 -32.48
C UNK D 68 7.58 -51.62 -34.01
N UNK D 69 6.50 -52.20 -34.60
CA UNK D 69 6.25 -52.11 -36.03
C UNK D 69 5.89 -50.67 -36.41
N UNK D 70 5.19 -49.86 -35.60
CA UNK D 70 4.93 -48.48 -36.01
C UNK D 70 6.24 -47.70 -35.93
N UNK D 71 7.16 -48.02 -35.00
CA UNK D 71 8.47 -47.36 -34.95
C UNK D 71 9.32 -47.73 -36.17
N UNK D 72 9.04 -48.95 -36.69
CA UNK D 72 9.80 -49.43 -37.83
C UNK D 72 9.30 -48.83 -39.09
N UNK D 73 7.97 -48.70 -39.23
CA UNK D 73 7.35 -48.03 -40.36
C UNK D 73 7.89 -46.59 -40.51
N UNK D 74 8.04 -45.92 -39.37
CA UNK D 74 8.53 -44.55 -39.30
C UNK D 74 9.97 -44.43 -39.74
N UNK D 75 10.88 -45.35 -39.31
CA UNK D 75 12.24 -45.20 -39.73
C UNK D 75 12.36 -45.38 -41.27
N UNK D 76 11.66 -46.43 -41.34
CA UNK D 76 11.93 -46.70 -42.76
C UNK D 76 11.47 -45.54 -43.64
N UNK D 77 10.50 -44.83 -43.14
CA UNK D 77 9.93 -43.73 -43.89
C UNK D 77 10.77 -42.52 -43.75
N UNK D 78 11.18 -42.22 -42.51
CA UNK D 78 12.01 -41.06 -42.24
C UNK D 78 13.27 -41.06 -43.10
N UNK D 79 16.62 -35.02 -36.26
CA UNK D 79 16.15 -36.39 -36.42
C UNK D 79 16.47 -37.23 -35.19
N UNK D 80 17.72 -37.18 -34.74
CA UNK D 80 18.15 -37.93 -33.58
C UNK D 80 17.29 -37.61 -32.36
N UNK D 81 17.11 -36.32 -32.10
CA UNK D 81 16.30 -35.88 -30.97
C UNK D 81 14.91 -36.48 -31.02
N UNK D 82 14.26 -36.36 -32.17
CA UNK D 82 12.91 -36.88 -32.36
C UNK D 82 12.85 -38.37 -32.01
N UNK D 83 13.77 -39.14 -32.58
CA UNK D 83 13.83 -40.57 -32.34
C UNK D 83 13.90 -40.88 -30.84
N UNK D 84 14.83 -40.22 -30.16
CA UNK D 84 15.01 -40.42 -28.73
C UNK D 84 13.70 -40.18 -27.97
N UNK D 85 13.06 -39.06 -28.25
CA UNK D 85 11.81 -38.71 -27.59
C UNK D 85 10.72 -39.75 -27.71
N UNK D 86 10.76 -40.31 -28.92
CA UNK D 86 9.94 -41.46 -29.28
C UNK D 86 10.25 -42.74 -28.50
N UNK D 87 11.51 -42.98 -28.07
CA UNK D 87 11.89 -44.09 -27.20
C UNK D 87 11.30 -43.94 -25.80
N UNK D 88 11.47 -42.78 -25.16
CA UNK D 88 10.81 -42.52 -23.89
C UNK D 88 9.28 -42.61 -23.99
N UNK D 89 8.63 -42.23 -25.12
CA UNK D 89 7.20 -42.38 -25.38
C UNK D 89 6.73 -43.83 -25.55
N UNK D 90 7.59 -44.69 -26.05
CA UNK D 90 7.36 -46.12 -26.15
C UNK D 90 8.00 -46.79 -24.99
N UNK D 91 9.14 -46.32 -24.51
CA UNK D 91 9.71 -46.89 -23.33
C UNK D 91 8.87 -46.49 -22.13
N UNK D 92 8.20 -45.35 -22.11
CA UNK D 92 7.26 -45.09 -21.04
C UNK D 92 6.01 -45.95 -21.18
N UNK D 93 5.48 -46.13 -22.40
CA UNK D 93 4.30 -46.99 -22.60
C UNK D 93 4.48 -48.40 -22.10
N UNK D 94 5.65 -48.92 -22.41
CA UNK D 94 6.06 -50.24 -21.98
C UNK D 94 6.28 -50.29 -20.47
N UNK D 95 6.88 -49.28 -19.87
CA UNK D 95 7.08 -49.31 -18.42
C UNK D 95 5.80 -49.08 -17.61
N UNK D 96 4.82 -48.44 -18.19
CA UNK D 96 3.51 -48.23 -17.60
C UNK D 96 2.79 -49.57 -17.67
N UNK D 97 3.79 -50.56 -18.09
CA UNK D 97 3.36 -51.94 -18.05
C UNK D 97 4.15 -52.68 -17.02
N UNK D 98 5.40 -52.37 -16.83
CA UNK D 98 6.14 -52.99 -15.75
C UNK D 98 5.66 -52.44 -14.44
N UNK D 99 5.19 -51.21 -14.33
CA UNK D 99 4.56 -50.79 -13.11
C UNK D 99 3.20 -51.45 -12.93
N UNK D 100 2.38 -51.58 -13.97
CA UNK D 100 1.08 -52.25 -13.87
C UNK D 100 1.16 -53.66 -13.35
N UNK D 101 2.15 -54.36 -13.87
CA UNK D 101 2.45 -55.72 -13.46
C UNK D 101 2.99 -55.77 -12.03
N UNK D 102 3.85 -54.84 -11.63
CA UNK D 102 4.37 -54.87 -10.27
C UNK D 102 3.35 -54.43 -9.21
N UNK D 103 2.36 -53.65 -9.60
CA UNK D 103 1.26 -53.23 -8.76
C UNK D 103 0.36 -54.47 -8.59
N UNK D 104 0.23 -55.29 -9.61
CA UNK D 104 -0.47 -56.57 -9.52
C UNK D 104 0.35 -57.56 -8.70
N UNK D 105 1.66 -57.50 -8.85
CA UNK D 105 2.57 -58.38 -8.12
C UNK D 105 2.32 -58.30 -6.62
N UNK D 106 2.69 -62.24 3.49
CA UNK D 106 2.79 -62.36 2.02
C UNK D 106 3.49 -61.15 1.49
N UNK D 107 3.80 -60.42 2.53
CA UNK D 107 4.40 -59.11 2.51
C UNK D 107 5.57 -59.06 1.54
N UNK D 108 6.48 -60.03 1.66
CA UNK D 108 7.65 -60.10 0.79
C UNK D 108 7.25 -60.10 -0.68
N UNK D 109 6.31 -60.97 -1.03
CA UNK D 109 5.84 -61.07 -2.41
C UNK D 109 5.35 -59.72 -2.93
N UNK D 110 4.49 -59.08 -2.14
CA UNK D 110 3.94 -57.77 -2.51
C UNK D 110 5.06 -56.77 -2.81
N UNK D 111 6.02 -56.67 -1.90
CA UNK D 111 7.14 -55.76 -2.06
C UNK D 111 7.86 -56.01 -3.38
N UNK D 112 8.20 -57.26 -3.64
CA UNK D 112 8.90 -57.63 -4.87
C UNK D 112 8.14 -57.16 -6.09
N UNK D 113 6.85 -57.47 -6.14
CA UNK D 113 6.01 -57.08 -7.27
C UNK D 113 6.08 -55.57 -7.50
N UNK D 114 5.78 -54.80 -6.47
CA UNK D 114 6.01 -53.34 -6.43
C UNK D 114 7.42 -52.96 -6.48
N UNK D 115 8.15 -53.52 -5.52
CA UNK D 115 9.59 -53.30 -5.42
C UNK D 115 10.30 -53.77 -6.68
N UNK D 116 10.12 -55.04 -7.02
CA UNK D 116 10.71 -55.60 -8.24
C UNK D 116 10.24 -54.88 -9.33
N UNK D 117 8.84 -54.25 -9.47
CA UNK D 117 8.22 -53.48 -10.54
C UNK D 117 8.80 -52.09 -10.75
N UNK D 118 9.13 -51.50 -9.58
CA UNK D 118 9.85 -50.23 -9.45
C UNK D 118 11.27 -50.25 -10.00
N UNK D 119 12.00 -51.39 -9.95
CA UNK D 119 13.31 -51.58 -10.56
C UNK D 119 13.23 -51.54 -12.10
N UNK D 120 12.34 -52.33 -12.69
CA UNK D 120 12.11 -52.22 -14.14
C UNK D 120 11.66 -50.82 -14.57
N UNK D 121 10.88 -50.05 -13.76
CA UNK D 121 10.49 -48.66 -14.02
C UNK D 121 11.65 -47.66 -13.98
N UNK D 122 12.72 -47.97 -13.18
CA UNK D 122 13.95 -47.19 -13.11
C UNK D 122 14.78 -47.48 -14.31
N UNK D 123 14.78 -48.74 -14.74
CA UNK D 123 15.55 -49.16 -15.90
C UNK D 123 15.21 -48.31 -17.12
N UNK D 124 13.92 -48.19 -17.40
CA UNK D 124 13.45 -47.42 -18.54
C UNK D 124 13.99 -46.00 -18.50
N UNK D 125 13.81 -45.33 -17.36
CA UNK D 125 14.29 -43.97 -17.19
C UNK D 125 15.78 -43.86 -17.50
N UNK D 126 16.56 -44.74 -16.91
CA UNK D 126 18.01 -44.74 -17.12
C UNK D 126 18.34 -44.83 -18.60
N UNK D 127 17.73 -45.79 -19.29
CA UNK D 127 17.97 -45.98 -20.71
C UNK D 127 17.70 -44.71 -21.49
N UNK D 128 16.59 -44.06 -21.19
CA UNK D 128 16.15 -42.89 -21.94
C UNK D 128 17.22 -41.79 -21.92
N UNK D 129 17.78 -41.55 -20.75
CA UNK D 129 18.81 -40.52 -20.60
C UNK D 129 19.97 -40.76 -21.56
N UNK D 130 20.47 -41.99 -21.58
CA UNK D 130 21.58 -42.34 -22.46
C UNK D 130 21.26 -42.02 -23.92
N UNK D 131 20.08 -42.46 -24.37
CA UNK D 131 19.66 -42.21 -25.74
C UNK D 131 19.68 -40.72 -26.07
N UNK D 132 19.08 -39.92 -25.20
CA UNK D 132 19.02 -38.48 -25.40
C UNK D 132 20.42 -37.90 -25.58
N UNK D 133 21.32 -38.25 -24.66
CA UNK D 133 22.70 -37.76 -24.72
C UNK D 133 23.34 -38.08 -26.06
N UNK D 134 23.23 -39.33 -26.48
CA UNK D 134 23.80 -39.75 -27.76
C UNK D 134 23.29 -38.90 -28.90
N UNK D 135 21.98 -38.74 -28.97
CA UNK D 135 21.37 -37.93 -30.03
C UNK D 135 21.95 -36.53 -30.07
N UNK D 136 21.98 -35.87 -28.91
CA UNK D 136 22.51 -34.52 -28.81
C UNK D 136 23.94 -34.45 -29.35
N UNK D 137 6.02 -66.90 -12.11
CA UNK D 137 5.22 -66.11 -13.04
C UNK D 137 5.62 -64.61 -13.15
N UNK D 138 6.19 -63.99 -12.09
CA UNK D 138 6.58 -62.58 -12.14
C UNK D 138 7.89 -62.35 -12.89
N UNK D 139 8.66 -63.41 -13.03
CA UNK D 139 9.89 -63.42 -13.76
C UNK D 139 9.59 -63.57 -15.24
N UNK D 140 8.55 -64.29 -15.53
CA UNK D 140 8.10 -64.46 -16.91
C UNK D 140 7.53 -63.15 -17.37
N UNK D 141 6.92 -62.36 -16.47
CA UNK D 141 6.41 -61.06 -16.85
C UNK D 141 7.59 -60.09 -16.97
N UNK D 142 8.60 -60.15 -16.05
CA UNK D 142 9.78 -59.28 -16.09
C UNK D 142 10.40 -59.41 -17.48
N UNK D 143 10.39 -60.67 -18.04
CA UNK D 143 10.89 -61.04 -19.39
C UNK D 143 9.97 -60.54 -20.60
N UNK D 144 8.62 -60.79 -20.71
CA UNK D 144 7.76 -60.29 -21.81
C UNK D 144 7.92 -58.79 -21.91
N UNK D 145 8.07 -58.19 -20.74
CA UNK D 145 8.39 -56.78 -20.67
C UNK D 145 9.73 -56.58 -21.34
N UNK D 146 10.67 -57.55 -21.15
CA UNK D 146 12.04 -57.47 -21.70
C UNK D 146 12.02 -57.44 -23.27
N UNK D 147 11.08 -58.18 -23.82
CA UNK D 147 10.85 -58.34 -25.25
C UNK D 147 10.29 -57.03 -25.87
N UNK D 148 9.55 -56.24 -25.07
CA UNK D 148 9.15 -54.85 -25.42
C UNK D 148 10.40 -53.98 -25.39
N UNK D 149 11.17 -54.02 -24.33
CA UNK D 149 12.42 -53.25 -24.22
C UNK D 149 13.41 -53.69 -25.34
N UNK D 150 13.36 -54.96 -25.79
CA UNK D 150 14.25 -55.50 -26.84
C UNK D 150 13.89 -54.92 -28.22
N UNK D 151 12.64 -54.45 -28.37
CA UNK D 151 12.16 -53.86 -29.57
C UNK D 151 12.62 -52.40 -29.58
N UNK D 152 12.63 -51.77 -28.42
CA UNK D 152 13.16 -50.43 -28.34
C UNK D 152 14.65 -50.43 -28.61
N UNK D 153 15.35 -51.50 -28.25
CA UNK D 153 16.76 -51.57 -28.55
C UNK D 153 16.92 -51.86 -30.04
N UNK D 154 16.10 -52.72 -30.61
CA UNK D 154 16.18 -53.03 -32.07
C UNK D 154 15.99 -51.82 -32.94
N UNK D 155 15.02 -51.01 -32.53
CA UNK D 155 14.73 -49.76 -33.19
C UNK D 155 15.86 -48.72 -32.99
N UNK D 156 16.42 -48.65 -31.78
CA UNK D 156 17.49 -47.69 -31.57
C UNK D 156 18.83 -48.08 -32.21
N UNK D 157 19.02 -49.36 -32.46
CA UNK D 157 20.17 -49.89 -33.16
C UNK D 157 19.98 -49.54 -34.63
N UNK D 158 18.73 -49.60 -35.14
CA UNK D 158 18.39 -49.14 -36.48
C UNK D 158 18.51 -47.63 -36.56
N UNK D 159 8.02 -65.79 -5.74
CA UNK D 159 8.56 -64.44 -5.87
C UNK D 159 10.03 -64.47 -6.27
N UNK D 160 10.83 -65.25 -5.55
CA UNK D 160 12.25 -65.36 -5.82
C UNK D 160 12.50 -65.77 -7.26
N UNK D 161 11.82 -66.81 -7.71
CA UNK D 161 11.96 -67.31 -9.07
C UNK D 161 11.70 -66.20 -10.09
N UNK D 162 10.59 -65.50 -9.92
CA UNK D 162 10.32 -64.28 -10.68
C UNK D 162 11.25 -63.11 -10.37
N UNK D 163 11.62 -63.08 -9.00
CA UNK D 163 12.63 -62.09 -8.61
C UNK D 163 14.00 -62.39 -9.26
N UNK D 164 14.49 -63.61 -9.14
CA UNK D 164 15.70 -64.01 -9.86
C UNK D 164 15.56 -63.85 -11.38
N UNK D 165 14.38 -64.07 -12.00
CA UNK D 165 14.10 -63.85 -13.42
C UNK D 165 14.14 -62.37 -13.84
N UNK D 166 13.87 -61.47 -12.93
CA UNK D 166 13.97 -60.04 -13.12
C UNK D 166 15.39 -59.62 -13.05
N UNK D 167 16.19 -60.22 -12.20
CA UNK D 167 17.60 -59.91 -12.20
C UNK D 167 18.24 -60.49 -13.44
N UNK D 168 17.78 -61.58 -14.03
CA UNK D 168 18.28 -61.97 -15.31
C UNK D 168 17.80 -61.04 -16.42
N UNK D 169 16.53 -60.61 -16.40
CA UNK D 169 16.03 -59.67 -17.41
C UNK D 169 16.81 -58.39 -17.50
N UNK D 170 17.13 -57.88 -16.32
CA UNK D 170 17.92 -56.68 -16.17
C UNK D 170 19.36 -56.91 -16.60
N UNK D 171 19.96 -58.06 -16.28
CA UNK D 171 21.34 -58.30 -16.68
C UNK D 171 21.49 -58.61 -18.19
N UNK D 172 20.44 -59.08 -18.82
CA UNK D 172 20.38 -59.33 -20.24
C UNK D 172 20.28 -57.95 -20.91
N UNK D 173 19.46 -57.08 -20.33
CA UNK D 173 19.27 -55.74 -20.87
C UNK D 173 20.60 -55.01 -21.00
N UNK D 174 21.39 -55.01 -19.94
CA UNK D 174 22.68 -54.35 -19.94
C UNK D 174 23.55 -54.85 -21.09
N UNK D 175 23.25 -56.04 -21.59
CA UNK D 175 24.02 -56.65 -22.67
C UNK D 175 24.10 -55.71 -23.88
N UNK D 176 22.96 -55.16 -24.27
CA UNK D 176 22.94 -54.10 -25.27
C UNK D 176 23.74 -52.89 -24.81
N UNK D 177 23.70 -52.61 -23.52
CA UNK D 177 24.44 -51.48 -22.95
C UNK D 177 25.87 -51.43 -23.47
N UNK D 178 26.56 -52.56 -23.39
CA UNK D 178 27.98 -52.60 -23.70
C UNK D 178 28.28 -52.05 -25.08
N UNK D 179 27.54 -52.54 -26.08
CA UNK D 179 27.71 -52.09 -27.45
C UNK D 179 27.59 -50.58 -27.55
N UNK D 180 26.51 -50.04 -27.00
CA UNK D 180 26.27 -48.60 -27.03
C UNK D 180 27.46 -47.83 -26.46
N UNK D 181 27.92 -48.23 -25.29
CA UNK D 181 29.04 -47.58 -24.64
C UNK D 181 30.27 -47.55 -25.55
N UNK D 182 30.61 -48.70 -26.11
CA UNK D 182 31.75 -48.81 -27.01
C UNK D 182 31.64 -47.82 -28.16
N UNK D 183 8.21 -82.27 -9.98
CA UNK D 183 8.53 -80.86 -9.82
C UNK D 183 9.74 -80.47 -10.65
N UNK D 184 10.82 -81.23 -10.51
CA UNK D 184 12.05 -80.97 -11.26
C UNK D 184 11.79 -80.92 -12.75
N UNK D 185 11.10 -81.93 -13.28
CA UNK D 185 10.79 -81.99 -14.69
C UNK D 185 10.07 -80.73 -15.15
N UNK D 186 9.01 -80.35 -14.43
CA UNK D 186 8.24 -79.17 -14.76
C UNK D 186 9.13 -77.93 -14.86
N UNK D 187 9.96 -77.72 -13.84
CA UNK D 187 10.86 -76.58 -13.81
C UNK D 187 11.74 -76.54 -15.05
N UNK D 188 12.36 -77.67 -15.37
CA UNK D 188 13.23 -77.76 -16.54
C UNK D 188 12.51 -77.35 -17.80
N UNK D 189 11.32 -77.91 -18.01
CA UNK D 189 10.51 -77.59 -19.19
C UNK D 189 10.27 -76.09 -19.30
N UNK D 190 9.82 -75.48 -18.21
CA UNK D 190 9.56 -74.05 -18.19
C UNK D 190 10.77 -73.26 -18.62
N UNK D 191 11.91 -73.56 -18.02
CA UNK D 191 13.16 -72.87 -18.34
C UNK D 191 13.46 -72.94 -19.83
N UNK D 192 13.39 -74.15 -20.39
CA UNK D 192 13.66 -74.35 -21.81
C UNK D 192 12.77 -73.46 -22.67
N UNK D 193 11.46 -73.49 -22.39
CA UNK D 193 10.51 -72.69 -23.13
C UNK D 193 10.83 -71.20 -23.02
N UNK D 194 11.05 -70.74 -21.79
CA UNK D 194 11.37 -69.34 -21.56
C UNK D 194 12.68 -68.97 -22.24
N UNK D 195 13.66 -69.87 -22.16
CA UNK D 195 14.95 -69.62 -22.78
C UNK D 195 14.79 -69.51 -24.29
N UNK D 196 13.95 -70.37 -24.85
CA UNK D 196 13.69 -70.36 -26.28
C UNK D 196 13.05 -69.05 -26.68
N UNK D 197 12.11 -68.58 -25.86
CA UNK D 197 11.42 -67.33 -26.11
C UNK D 197 12.43 -66.18 -26.09
N UNK D 198 13.36 -66.23 -25.14
CA UNK D 198 14.38 -65.19 -25.02
C UNK D 198 15.25 -65.20 -26.27
N UNK D 199 15.59 -66.39 -26.75
CA UNK D 199 16.41 -66.52 -27.94
C UNK D 199 15.68 -65.93 -29.14
N UNK D 200 14.41 -66.26 -29.21
CA UNK D 200 13.51 -65.74 -30.21
C UNK D 200 13.53 -64.22 -30.22
N UNK D 201 13.45 -63.62 -29.04
CA UNK D 201 13.47 -62.17 -28.91
C UNK D 201 14.69 -61.57 -29.59
N UNK D 202 15.86 -62.10 -29.28
CA UNK D 202 17.10 -61.63 -29.87
C UNK D 202 17.05 -61.64 -31.40
N UNK D 203 16.63 -62.78 -31.95
CA UNK D 203 16.53 -62.93 -33.40
C UNK D 203 15.65 -61.83 -34.00
N UNK D 204 14.47 -61.66 -33.42
CA UNK D 204 13.54 -60.64 -33.90
C UNK D 204 14.18 -59.27 -33.93
N UNK D 205 14.78 -58.87 -32.83
CA UNK D 205 15.45 -57.57 -32.73
C UNK D 205 16.48 -57.39 -33.84
N UNK D 206 17.35 -58.38 -33.99
CA UNK D 206 18.39 -58.33 -35.02
C UNK D 206 17.79 -58.12 -36.40
N UNK D 207 16.79 -58.92 -36.74
CA UNK D 207 16.13 -58.82 -38.02
C UNK D 207 15.61 -57.40 -38.27
N UNK D 208 14.89 -56.86 -37.30
CA UNK D 208 14.33 -55.52 -37.40
C UNK D 208 15.42 -54.50 -37.71
N UNK D 209 16.49 -54.54 -36.93
CA UNK D 209 17.61 -53.62 -37.12
C UNK D 209 18.14 -53.67 -38.55
N UNK D 210 18.42 -54.88 -39.02
CA UNK D 210 18.94 -55.07 -40.37
C UNK D 210 18.01 -54.45 -41.40
N UNK D 211 21.00 -67.49 -2.10
CA UNK D 211 21.59 -67.68 -3.41
C UNK D 211 20.94 -66.77 -4.44
N UNK D 212 19.62 -66.78 -4.49
CA UNK D 212 18.87 -65.95 -5.42
C UNK D 212 19.26 -64.48 -5.29
N UNK D 213 19.24 -63.97 -4.06
CA UNK D 213 19.60 -62.58 -3.80
C UNK D 213 20.97 -62.25 -4.36
N UNK D 214 21.95 -63.08 -4.05
CA UNK D 214 23.32 -62.87 -4.51
C UNK D 214 23.36 -62.75 -6.04
N UNK D 215 22.74 -63.71 -6.72
CA UNK D 215 22.70 -63.72 -8.17
C UNK D 215 22.16 -62.40 -8.72
N UNK D 216 21.01 -61.98 -8.19
CA UNK D 216 20.38 -60.73 -8.63
C UNK D 216 21.33 -59.56 -8.50
N UNK D 217 21.96 -59.43 -7.33
CA UNK D 217 22.89 -58.35 -7.08
C UNK D 217 24.00 -58.32 -8.13
N UNK D 218 24.62 -59.48 -8.36
CA UNK D 218 25.69 -59.59 -9.33
C UNK D 218 25.21 -59.10 -10.64
N UNK D 219 23.94 -59.37 -10.94
CA UNK D 219 23.43 -58.79 -12.16
C UNK D 219 23.29 -57.30 -11.96
N UNK D 220 23.02 -56.76 -10.79
CA UNK D 220 23.08 -55.33 -10.62
C UNK D 220 24.53 -54.83 -10.66
N UNK D 221 25.41 -55.55 -9.98
CA UNK D 221 26.84 -55.22 -9.98
C UNK D 221 27.34 -55.06 -11.41
N UNK D 222 27.01 -56.04 -12.26
CA UNK D 222 27.39 -55.99 -13.66
C UNK D 222 26.73 -54.79 -14.34
N UNK D 223 25.41 -54.70 -14.20
CA UNK D 223 24.67 -53.58 -14.76
C UNK D 223 25.39 -52.26 -14.46
N UNK D 224 25.58 -51.98 -13.17
CA UNK D 224 26.32 -50.79 -12.76
C UNK D 224 27.56 -50.64 -13.62
N UNK D 225 28.39 -51.68 -13.64
CA UNK D 225 29.57 -51.70 -14.48
C UNK D 225 29.12 -51.70 -15.94
N UNK D 226 28.13 -52.54 -16.25
CA UNK D 226 27.53 -52.56 -17.58
C UNK D 226 26.84 -51.23 -17.82
N UNK D 227 26.41 -50.59 -16.74
CA UNK D 227 25.79 -49.29 -16.82
C UNK D 227 26.84 -48.20 -16.74
N UNK D 228 27.97 -48.53 -16.12
CA UNK D 228 29.09 -47.60 -16.01
C UNK D 228 29.85 -47.55 -17.33
N UNK D 229 29.93 -48.69 -18.01
CA UNK D 229 30.59 -48.76 -19.31
C UNK D 229 29.77 -48.02 -20.35
N UNK D 230 28.45 -48.19 -20.28
CA UNK D 230 27.55 -47.53 -21.21
C UNK D 230 27.63 -46.01 -21.07
N UNK D 231 26.60 -34.02 -18.95
CA UNK D 231 25.64 -33.79 -17.88
C UNK D 231 24.51 -34.81 -17.93
N UNK D 232 23.92 -34.98 -19.12
CA UNK D 232 22.83 -35.92 -19.31
C UNK D 232 23.22 -37.32 -18.86
N UNK D 233 24.38 -37.78 -19.34
CA UNK D 233 24.88 -39.11 -18.99
C UNK D 233 24.96 -39.28 -17.47
N UNK D 234 25.58 -38.32 -16.80
CA UNK D 234 25.74 -38.36 -15.36
C UNK D 234 24.40 -38.52 -14.67
N UNK D 235 23.44 -37.67 -15.05
CA UNK D 235 22.11 -37.71 -14.46
C UNK D 235 21.49 -39.10 -14.60
N UNK D 236 21.53 -39.65 -15.80
CA UNK D 236 20.97 -40.98 -16.06
C UNK D 236 21.58 -42.02 -15.12
N UNK D 237 22.90 -42.03 -15.05
CA UNK D 237 23.60 -42.98 -14.19
C UNK D 237 23.11 -42.89 -12.74
N UNK D 238 23.07 -41.67 -12.22
CA UNK D 238 22.63 -41.45 -10.88
C UNK D 238 21.23 -42.08 -10.75
N UNK D 239 20.37 -42.03 -11.67
CA UNK D 239 19.01 -42.55 -11.62
C UNK D 239 18.91 -44.05 -11.44
N UNK D 240 19.86 -44.71 -12.13
CA UNK D 240 20.12 -46.15 -12.05
C UNK D 240 20.59 -46.63 -10.66
N UNK D 241 21.32 -45.81 -9.89
CA UNK D 241 21.69 -46.10 -8.50
C UNK D 241 20.46 -46.28 -7.60
N UNK D 242 19.54 -45.32 -7.62
CA UNK D 242 18.30 -45.47 -6.85
C UNK D 242 17.63 -46.84 -7.05
N UNK D 243 17.68 -47.47 -8.23
CA UNK D 243 17.20 -48.83 -8.50
C UNK D 243 17.96 -49.94 -7.78
N UNK D 244 19.21 -49.71 -7.46
CA UNK D 244 20.05 -50.60 -6.69
C UNK D 244 19.72 -50.46 -5.24
N UNK D 245 19.40 -49.28 -4.77
CA UNK D 245 18.96 -49.14 -3.41
C UNK D 245 17.58 -49.74 -3.27
N UNK D 246 16.72 -49.75 -4.26
CA UNK D 246 15.49 -50.50 -4.15
C UNK D 246 15.75 -52.00 -4.21
N UNK D 247 16.65 -52.48 -5.08
CA UNK D 247 16.97 -53.91 -5.16
C UNK D 247 17.46 -54.49 -3.84
N UNK D 248 18.31 -53.72 -3.21
CA UNK D 248 18.85 -54.06 -1.92
C UNK D 248 17.79 -53.99 -0.83
N UNK D 249 16.90 -53.00 -0.86
CA UNK D 249 15.86 -52.93 0.17
C UNK D 249 14.93 -54.16 0.20
N UNK D 250 14.99 -54.98 -0.83
CA UNK D 250 14.01 -56.02 -1.09
C UNK D 250 14.27 -57.11 -0.05
N UNK D 251 15.61 -57.37 0.30
CA UNK D 251 15.96 -58.26 1.39
C UNK D 251 15.39 -57.74 2.70
N UNK D 252 15.41 -56.43 2.86
CA UNK D 252 14.89 -55.80 4.07
C UNK D 252 13.46 -56.22 4.35
N UNK D 253 12.60 -56.13 3.33
CA UNK D 253 11.21 -56.51 3.47
C UNK D 253 11.06 -57.94 3.97
N UNK D 254 11.77 -58.87 3.31
CA UNK D 254 11.71 -60.27 3.70
C UNK D 254 12.08 -60.45 5.17
N UNK D 255 13.20 -59.85 5.57
CA UNK D 255 13.66 -59.95 6.95
C UNK D 255 12.59 -59.49 7.92
N UNK D 256 14.24 -54.04 11.34
CA UNK D 256 13.72 -53.82 9.99
C UNK D 256 13.36 -52.36 9.77
N UNK D 257 12.60 -51.79 10.70
CA UNK D 257 12.18 -50.40 10.61
C UNK D 257 13.39 -49.48 10.45
N UNK D 258 14.37 -49.66 11.33
CA UNK D 258 15.58 -48.84 11.29
C UNK D 258 16.24 -48.89 9.93
N UNK D 259 16.44 -50.09 9.41
CA UNK D 259 17.06 -50.28 8.13
C UNK D 259 16.36 -49.53 7.01
N UNK D 260 15.14 -49.49 6.91
CA UNK D 260 14.55 -48.71 5.83
C UNK D 260 15.18 -47.31 5.88
N UNK D 261 15.27 -46.76 7.08
CA UNK D 261 15.98 -45.50 7.26
C UNK D 261 17.48 -45.46 6.92
N UNK D 262 18.26 -46.46 7.39
CA UNK D 262 19.67 -46.47 7.10
C UNK D 262 19.82 -46.55 5.57
N UNK D 263 18.95 -47.31 4.90
CA UNK D 263 19.05 -47.48 3.47
C UNK D 263 18.85 -46.22 2.65
N UNK D 264 17.90 -45.41 3.16
CA UNK D 264 17.59 -44.06 2.70
C UNK D 264 18.73 -43.06 2.87
N UNK D 265 19.59 -43.18 3.91
CA UNK D 265 20.80 -42.38 4.10
C UNK D 265 21.85 -42.66 3.01
N UNK D 266 22.19 -43.92 2.80
CA UNK D 266 23.05 -44.27 1.67
C UNK D 266 22.56 -43.70 0.34
N UNK D 267 21.25 -43.46 0.11
CA UNK D 267 20.68 -42.89 -1.11
C UNK D 267 21.07 -41.43 -1.37
N UNK D 268 21.38 -40.69 -0.32
CA UNK D 268 21.87 -39.33 -0.38
C UNK D 268 23.31 -39.34 -0.72
N UNK D 269 24.08 -40.30 -0.25
CA UNK D 269 25.45 -40.39 -0.67
C UNK D 269 25.49 -40.71 -2.15
N UNK D 270 24.52 -41.37 -2.76
CA UNK D 270 24.52 -41.47 -4.19
C UNK D 270 24.48 -40.10 -4.85
N UNK D 271 23.70 -39.14 -4.32
CA UNK D 271 23.52 -37.85 -5.01
C UNK D 271 24.80 -37.11 -5.27
N UNK D 272 25.65 -37.14 -4.26
CA UNK D 272 26.95 -36.54 -4.33
C UNK D 272 27.87 -37.31 -5.28
N UNK D 273 27.83 -38.64 -5.30
CA UNK D 273 28.69 -39.38 -6.21
C UNK D 273 28.23 -39.33 -7.68
N UNK D 274 26.93 -39.06 -7.92
CA UNK D 274 26.34 -38.85 -9.25
C UNK D 274 26.92 -37.55 -9.73
N UNK D 275 27.17 -36.68 -8.75
CA UNK D 275 27.86 -35.38 -8.97
C UNK D 275 29.37 -35.69 -9.09
N UNK D 276 29.80 -36.67 -8.21
CA UNK D 276 31.16 -37.25 -8.08
C UNK D 276 31.44 -38.08 -9.32
N UNK D 277 30.52 -39.00 -9.58
CA UNK D 277 30.59 -39.82 -10.78
C UNK D 277 30.56 -38.91 -12.01
N UNK D 278 29.62 -37.97 -12.02
CA UNK D 278 29.47 -37.05 -13.13
C UNK D 278 30.79 -36.30 -13.40
N UNK D 279 31.36 -35.75 -12.34
CA UNK D 279 32.61 -35.01 -12.46
C UNK D 279 33.69 -35.86 -13.11
N UNK D 280 33.87 -37.07 -12.60
CA UNK D 280 34.87 -37.98 -13.12
C UNK D 280 34.69 -38.21 -14.62
N UNK D 281 33.46 -38.52 -15.02
CA UNK D 281 33.15 -38.76 -16.43
C UNK D 281 33.55 -37.57 -17.29
#